data_4M3F
# 
_entry.id   4M3F 
# 
_audit_conform.dict_name       mmcif_pdbx.dic 
_audit_conform.dict_version    5.387 
_audit_conform.dict_location   http://mmcif.pdb.org/dictionaries/ascii/mmcif_pdbx.dic 
# 
loop_
_database_2.database_id 
_database_2.database_code 
_database_2.pdbx_database_accession 
_database_2.pdbx_DOI 
PDB   4M3F         pdb_00004m3f 10.2210/pdb4m3f/pdb 
RCSB  RCSB081416   ?            ?                   
WWPDB D_1000081416 ?            ?                   
# 
loop_
_pdbx_audit_revision_history.ordinal 
_pdbx_audit_revision_history.data_content_type 
_pdbx_audit_revision_history.major_revision 
_pdbx_audit_revision_history.minor_revision 
_pdbx_audit_revision_history.revision_date 
1 'Structure model' 1 0 2014-06-25 
2 'Structure model' 1 1 2024-02-28 
# 
_pdbx_audit_revision_details.ordinal             1 
_pdbx_audit_revision_details.revision_ordinal    1 
_pdbx_audit_revision_details.data_content_type   'Structure model' 
_pdbx_audit_revision_details.provider            repository 
_pdbx_audit_revision_details.type                'Initial release' 
_pdbx_audit_revision_details.description         ? 
_pdbx_audit_revision_details.details             ? 
# 
loop_
_pdbx_audit_revision_group.ordinal 
_pdbx_audit_revision_group.revision_ordinal 
_pdbx_audit_revision_group.data_content_type 
_pdbx_audit_revision_group.group 
1 2 'Structure model' 'Data collection'      
2 2 'Structure model' 'Database references'  
3 2 'Structure model' 'Derived calculations' 
# 
loop_
_pdbx_audit_revision_category.ordinal 
_pdbx_audit_revision_category.revision_ordinal 
_pdbx_audit_revision_category.data_content_type 
_pdbx_audit_revision_category.category 
1 2 'Structure model' chem_comp_atom 
2 2 'Structure model' chem_comp_bond 
3 2 'Structure model' database_2     
4 2 'Structure model' struct_site    
# 
loop_
_pdbx_audit_revision_item.ordinal 
_pdbx_audit_revision_item.revision_ordinal 
_pdbx_audit_revision_item.data_content_type 
_pdbx_audit_revision_item.item 
1 2 'Structure model' '_database_2.pdbx_DOI'                
2 2 'Structure model' '_database_2.pdbx_database_accession' 
3 2 'Structure model' '_struct_site.pdbx_auth_asym_id'      
4 2 'Structure model' '_struct_site.pdbx_auth_comp_id'      
5 2 'Structure model' '_struct_site.pdbx_auth_seq_id'       
# 
_pdbx_database_status.entry_id                        4M3F 
_pdbx_database_status.deposit_site                    RCSB 
_pdbx_database_status.process_site                    RCSB 
_pdbx_database_status.recvd_initial_deposition_date   2013-08-06 
_pdbx_database_status.status_code                     REL 
_pdbx_database_status.status_code_sf                  REL 
_pdbx_database_status.status_code_mr                  ? 
_pdbx_database_status.SG_entry                        ? 
_pdbx_database_status.status_code_cs                  ? 
_pdbx_database_status.methods_development_category    ? 
_pdbx_database_status.pdb_format_compatible           Y 
_pdbx_database_status.status_code_nmr_data            ? 
# 
loop_
_pdbx_database_related.db_name 
_pdbx_database_related.db_id 
_pdbx_database_related.details 
_pdbx_database_related.content_type 
PDB 4M3B . unspecified 
PDB 4M3D . unspecified 
PDB 4M3E . unspecified 
PDB 4M3G . unspecified 
# 
loop_
_audit_author.name 
_audit_author.pdbx_ordinal 
'Villemagne, B.'  1  
'Flipo, M.'       2  
'Blondiaux, N.'   3  
'Crauste, C.'     4  
'Malaquin, S.'    5  
'Leroux, F.'      6  
'Piveteau, C.'    7  
'Villeret, V.'    8  
'Brodin, P.'      9  
'Villoutreix, B.' 10 
'Sperandio, O.'   11 
'Wohlkonig, A.'   12 
'Wintjens, R.'    13 
'Deprez, B.'      14 
'Baulard, A.'     15 
'Willand, N.'     16 
# 
_citation.id                        primary 
_citation.title                     
;Ligand Efficiency Driven Design of New Inhibitors of Mycobacterium tuberculosis Transcriptional Repressor EthR Using Fragment Growing, Merging, and Linking Approaches.
;
_citation.journal_abbrev            J.Med.Chem. 
_citation.journal_volume            57 
_citation.page_first                4876 
_citation.page_last                 4888 
_citation.year                      2014 
_citation.journal_id_ASTM           JMCMAR 
_citation.country                   US 
_citation.journal_id_ISSN           0022-2623 
_citation.journal_id_CSD            0151 
_citation.book_publisher            ? 
_citation.pdbx_database_id_PubMed   24818704 
_citation.pdbx_database_id_DOI      10.1021/jm500422b 
# 
loop_
_citation_author.citation_id 
_citation_author.name 
_citation_author.ordinal 
_citation_author.identifier_ORCID 
primary 'Villemagne, B.'    1  ? 
primary 'Flipo, M.'         2  ? 
primary 'Blondiaux, N.'     3  ? 
primary 'Crauste, C.'       4  ? 
primary 'Malaquin, S.'      5  ? 
primary 'Leroux, F.'        6  ? 
primary 'Piveteau, C.'      7  ? 
primary 'Villeret, V.'      8  ? 
primary 'Brodin, P.'        9  ? 
primary 'Villoutreix, B.O.' 10 ? 
primary 'Sperandio, O.'     11 ? 
primary 'Soror, S.H.'       12 ? 
primary 'Wohlkonig, A.'     13 ? 
primary 'Wintjens, R.'      14 ? 
primary 'Deprez, B.'        15 ? 
primary 'Baulard, A.R.'     16 ? 
primary 'Willand, N.'       17 ? 
# 
loop_
_entity.id 
_entity.type 
_entity.src_method 
_entity.pdbx_description 
_entity.formula_weight 
_entity.pdbx_number_of_molecules 
_entity.pdbx_ec 
_entity.pdbx_mutation 
_entity.pdbx_fragment 
_entity.details 
1 polymer     man 'HTH-type transcriptional regulator EthR'                           23781.705 1  ? ? ? ? 
2 non-polymer syn 'N-(3-methylbutyl)-4-(2-methyl-1,3-thiazol-4-yl)benzenesulfonamide' 324.462   1  ? ? ? ? 
3 water       nat water                                                               18.015    11 ? ? ? ? 
# 
_entity_name_com.entity_id   1 
_entity_name_com.name        'transcriptional regulatory repressor protein (TETR-family)' 
# 
_entity_poly.entity_id                      1 
_entity_poly.type                           'polypeptide(L)' 
_entity_poly.nstd_linkage                   no 
_entity_poly.nstd_monomer                   no 
_entity_poly.pdbx_seq_one_letter_code       
;MTTSAASQASLPRGRRTARPSGDDRELAILATAENLLEDRPLADISVDDLAKGAGISRPTFYFYFPSKEAVLLTLLDRVV
NQADMALQTLAENPADTDRENMWRTGINVFFETFGSHKAVTRAGQAARATSVEVAELWSTFMQKWIAYTAAVIDAERDRG
AAPRTLPAHELATALNLMNERTLFASFAGEQPSVPEARVLDTLVHIWVTSIYGENR
;
_entity_poly.pdbx_seq_one_letter_code_can   
;MTTSAASQASLPRGRRTARPSGDDRELAILATAENLLEDRPLADISVDDLAKGAGISRPTFYFYFPSKEAVLLTLLDRVV
NQADMALQTLAENPADTDRENMWRTGINVFFETFGSHKAVTRAGQAARATSVEVAELWSTFMQKWIAYTAAVIDAERDRG
AAPRTLPAHELATALNLMNERTLFASFAGEQPSVPEARVLDTLVHIWVTSIYGENR
;
_entity_poly.pdbx_strand_id                 A 
_entity_poly.pdbx_target_identifier         ? 
# 
loop_
_pdbx_entity_nonpoly.entity_id 
_pdbx_entity_nonpoly.name 
_pdbx_entity_nonpoly.comp_id 
2 'N-(3-methylbutyl)-4-(2-methyl-1,3-thiazol-4-yl)benzenesulfonamide' 2D1 
3 water                                                               HOH 
# 
loop_
_entity_poly_seq.entity_id 
_entity_poly_seq.num 
_entity_poly_seq.mon_id 
_entity_poly_seq.hetero 
1 1   MET n 
1 2   THR n 
1 3   THR n 
1 4   SER n 
1 5   ALA n 
1 6   ALA n 
1 7   SER n 
1 8   GLN n 
1 9   ALA n 
1 10  SER n 
1 11  LEU n 
1 12  PRO n 
1 13  ARG n 
1 14  GLY n 
1 15  ARG n 
1 16  ARG n 
1 17  THR n 
1 18  ALA n 
1 19  ARG n 
1 20  PRO n 
1 21  SER n 
1 22  GLY n 
1 23  ASP n 
1 24  ASP n 
1 25  ARG n 
1 26  GLU n 
1 27  LEU n 
1 28  ALA n 
1 29  ILE n 
1 30  LEU n 
1 31  ALA n 
1 32  THR n 
1 33  ALA n 
1 34  GLU n 
1 35  ASN n 
1 36  LEU n 
1 37  LEU n 
1 38  GLU n 
1 39  ASP n 
1 40  ARG n 
1 41  PRO n 
1 42  LEU n 
1 43  ALA n 
1 44  ASP n 
1 45  ILE n 
1 46  SER n 
1 47  VAL n 
1 48  ASP n 
1 49  ASP n 
1 50  LEU n 
1 51  ALA n 
1 52  LYS n 
1 53  GLY n 
1 54  ALA n 
1 55  GLY n 
1 56  ILE n 
1 57  SER n 
1 58  ARG n 
1 59  PRO n 
1 60  THR n 
1 61  PHE n 
1 62  TYR n 
1 63  PHE n 
1 64  TYR n 
1 65  PHE n 
1 66  PRO n 
1 67  SER n 
1 68  LYS n 
1 69  GLU n 
1 70  ALA n 
1 71  VAL n 
1 72  LEU n 
1 73  LEU n 
1 74  THR n 
1 75  LEU n 
1 76  LEU n 
1 77  ASP n 
1 78  ARG n 
1 79  VAL n 
1 80  VAL n 
1 81  ASN n 
1 82  GLN n 
1 83  ALA n 
1 84  ASP n 
1 85  MET n 
1 86  ALA n 
1 87  LEU n 
1 88  GLN n 
1 89  THR n 
1 90  LEU n 
1 91  ALA n 
1 92  GLU n 
1 93  ASN n 
1 94  PRO n 
1 95  ALA n 
1 96  ASP n 
1 97  THR n 
1 98  ASP n 
1 99  ARG n 
1 100 GLU n 
1 101 ASN n 
1 102 MET n 
1 103 TRP n 
1 104 ARG n 
1 105 THR n 
1 106 GLY n 
1 107 ILE n 
1 108 ASN n 
1 109 VAL n 
1 110 PHE n 
1 111 PHE n 
1 112 GLU n 
1 113 THR n 
1 114 PHE n 
1 115 GLY n 
1 116 SER n 
1 117 HIS n 
1 118 LYS n 
1 119 ALA n 
1 120 VAL n 
1 121 THR n 
1 122 ARG n 
1 123 ALA n 
1 124 GLY n 
1 125 GLN n 
1 126 ALA n 
1 127 ALA n 
1 128 ARG n 
1 129 ALA n 
1 130 THR n 
1 131 SER n 
1 132 VAL n 
1 133 GLU n 
1 134 VAL n 
1 135 ALA n 
1 136 GLU n 
1 137 LEU n 
1 138 TRP n 
1 139 SER n 
1 140 THR n 
1 141 PHE n 
1 142 MET n 
1 143 GLN n 
1 144 LYS n 
1 145 TRP n 
1 146 ILE n 
1 147 ALA n 
1 148 TYR n 
1 149 THR n 
1 150 ALA n 
1 151 ALA n 
1 152 VAL n 
1 153 ILE n 
1 154 ASP n 
1 155 ALA n 
1 156 GLU n 
1 157 ARG n 
1 158 ASP n 
1 159 ARG n 
1 160 GLY n 
1 161 ALA n 
1 162 ALA n 
1 163 PRO n 
1 164 ARG n 
1 165 THR n 
1 166 LEU n 
1 167 PRO n 
1 168 ALA n 
1 169 HIS n 
1 170 GLU n 
1 171 LEU n 
1 172 ALA n 
1 173 THR n 
1 174 ALA n 
1 175 LEU n 
1 176 ASN n 
1 177 LEU n 
1 178 MET n 
1 179 ASN n 
1 180 GLU n 
1 181 ARG n 
1 182 THR n 
1 183 LEU n 
1 184 PHE n 
1 185 ALA n 
1 186 SER n 
1 187 PHE n 
1 188 ALA n 
1 189 GLY n 
1 190 GLU n 
1 191 GLN n 
1 192 PRO n 
1 193 SER n 
1 194 VAL n 
1 195 PRO n 
1 196 GLU n 
1 197 ALA n 
1 198 ARG n 
1 199 VAL n 
1 200 LEU n 
1 201 ASP n 
1 202 THR n 
1 203 LEU n 
1 204 VAL n 
1 205 HIS n 
1 206 ILE n 
1 207 TRP n 
1 208 VAL n 
1 209 THR n 
1 210 SER n 
1 211 ILE n 
1 212 TYR n 
1 213 GLY n 
1 214 GLU n 
1 215 ASN n 
1 216 ARG n 
# 
_entity_src_gen.entity_id                          1 
_entity_src_gen.pdbx_src_id                        1 
_entity_src_gen.pdbx_alt_source_flag               sample 
_entity_src_gen.pdbx_seq_type                      ? 
_entity_src_gen.pdbx_beg_seq_num                   ? 
_entity_src_gen.pdbx_end_seq_num                   ? 
_entity_src_gen.gene_src_common_name               ? 
_entity_src_gen.gene_src_genus                     ? 
_entity_src_gen.pdbx_gene_src_gene                 'etaR, ethR, MT3970, Rv3855' 
_entity_src_gen.gene_src_species                   ? 
_entity_src_gen.gene_src_strain                    H37RV 
_entity_src_gen.gene_src_tissue                    ? 
_entity_src_gen.gene_src_tissue_fraction           ? 
_entity_src_gen.gene_src_details                   ? 
_entity_src_gen.pdbx_gene_src_fragment             ? 
_entity_src_gen.pdbx_gene_src_scientific_name      'Mycobacterium tuberculosis' 
_entity_src_gen.pdbx_gene_src_ncbi_taxonomy_id     83332 
_entity_src_gen.pdbx_gene_src_variant              ? 
_entity_src_gen.pdbx_gene_src_cell_line            ? 
_entity_src_gen.pdbx_gene_src_atcc                 ? 
_entity_src_gen.pdbx_gene_src_organ                ? 
_entity_src_gen.pdbx_gene_src_organelle            ? 
_entity_src_gen.pdbx_gene_src_cell                 ? 
_entity_src_gen.pdbx_gene_src_cellular_location    ? 
_entity_src_gen.host_org_common_name               ? 
_entity_src_gen.pdbx_host_org_scientific_name      'Escherichia coli' 
_entity_src_gen.pdbx_host_org_ncbi_taxonomy_id     511693 
_entity_src_gen.host_org_genus                     ? 
_entity_src_gen.pdbx_host_org_gene                 ? 
_entity_src_gen.pdbx_host_org_organ                ? 
_entity_src_gen.host_org_species                   ? 
_entity_src_gen.pdbx_host_org_tissue               ? 
_entity_src_gen.pdbx_host_org_tissue_fraction      ? 
_entity_src_gen.pdbx_host_org_strain               BL21 
_entity_src_gen.pdbx_host_org_variant              ? 
_entity_src_gen.pdbx_host_org_cell_line            ? 
_entity_src_gen.pdbx_host_org_atcc                 ? 
_entity_src_gen.pdbx_host_org_culture_collection   ? 
_entity_src_gen.pdbx_host_org_cell                 ? 
_entity_src_gen.pdbx_host_org_organelle            ? 
_entity_src_gen.pdbx_host_org_cellular_location    ? 
_entity_src_gen.pdbx_host_org_vector_type          ? 
_entity_src_gen.pdbx_host_org_vector               ? 
_entity_src_gen.host_org_details                   ? 
_entity_src_gen.expression_system_id               ? 
_entity_src_gen.plasmid_name                       ? 
_entity_src_gen.plasmid_details                    ? 
_entity_src_gen.pdbx_description                   ? 
# 
loop_
_chem_comp.id 
_chem_comp.type 
_chem_comp.mon_nstd_flag 
_chem_comp.name 
_chem_comp.pdbx_synonyms 
_chem_comp.formula 
_chem_comp.formula_weight 
2D1 non-polymer         . 'N-(3-methylbutyl)-4-(2-methyl-1,3-thiazol-4-yl)benzenesulfonamide' ? 'C15 H20 N2 O2 S2' 324.462 
ALA 'L-peptide linking' y ALANINE                                                             ? 'C3 H7 N O2'       89.093  
ARG 'L-peptide linking' y ARGININE                                                            ? 'C6 H15 N4 O2 1'   175.209 
ASN 'L-peptide linking' y ASPARAGINE                                                          ? 'C4 H8 N2 O3'      132.118 
ASP 'L-peptide linking' y 'ASPARTIC ACID'                                                     ? 'C4 H7 N O4'       133.103 
GLN 'L-peptide linking' y GLUTAMINE                                                           ? 'C5 H10 N2 O3'     146.144 
GLU 'L-peptide linking' y 'GLUTAMIC ACID'                                                     ? 'C5 H9 N O4'       147.129 
GLY 'peptide linking'   y GLYCINE                                                             ? 'C2 H5 N O2'       75.067  
HIS 'L-peptide linking' y HISTIDINE                                                           ? 'C6 H10 N3 O2 1'   156.162 
HOH non-polymer         . WATER                                                               ? 'H2 O'             18.015  
ILE 'L-peptide linking' y ISOLEUCINE                                                          ? 'C6 H13 N O2'      131.173 
LEU 'L-peptide linking' y LEUCINE                                                             ? 'C6 H13 N O2'      131.173 
LYS 'L-peptide linking' y LYSINE                                                              ? 'C6 H15 N2 O2 1'   147.195 
MET 'L-peptide linking' y METHIONINE                                                          ? 'C5 H11 N O2 S'    149.211 
PHE 'L-peptide linking' y PHENYLALANINE                                                       ? 'C9 H11 N O2'      165.189 
PRO 'L-peptide linking' y PROLINE                                                             ? 'C5 H9 N O2'       115.130 
SER 'L-peptide linking' y SERINE                                                              ? 'C3 H7 N O3'       105.093 
THR 'L-peptide linking' y THREONINE                                                           ? 'C4 H9 N O3'       119.119 
TRP 'L-peptide linking' y TRYPTOPHAN                                                          ? 'C11 H12 N2 O2'    204.225 
TYR 'L-peptide linking' y TYROSINE                                                            ? 'C9 H11 N O3'      181.189 
VAL 'L-peptide linking' y VALINE                                                              ? 'C5 H11 N O2'      117.146 
# 
loop_
_pdbx_poly_seq_scheme.asym_id 
_pdbx_poly_seq_scheme.entity_id 
_pdbx_poly_seq_scheme.seq_id 
_pdbx_poly_seq_scheme.mon_id 
_pdbx_poly_seq_scheme.ndb_seq_num 
_pdbx_poly_seq_scheme.pdb_seq_num 
_pdbx_poly_seq_scheme.auth_seq_num 
_pdbx_poly_seq_scheme.pdb_mon_id 
_pdbx_poly_seq_scheme.auth_mon_id 
_pdbx_poly_seq_scheme.pdb_strand_id 
_pdbx_poly_seq_scheme.pdb_ins_code 
_pdbx_poly_seq_scheme.hetero 
A 1 1   MET 1   1   ?   ?   ?   A . n 
A 1 2   THR 2   2   ?   ?   ?   A . n 
A 1 3   THR 3   3   ?   ?   ?   A . n 
A 1 4   SER 4   4   ?   ?   ?   A . n 
A 1 5   ALA 5   5   ?   ?   ?   A . n 
A 1 6   ALA 6   6   ?   ?   ?   A . n 
A 1 7   SER 7   7   ?   ?   ?   A . n 
A 1 8   GLN 8   8   ?   ?   ?   A . n 
A 1 9   ALA 9   9   ?   ?   ?   A . n 
A 1 10  SER 10  10  ?   ?   ?   A . n 
A 1 11  LEU 11  11  ?   ?   ?   A . n 
A 1 12  PRO 12  12  ?   ?   ?   A . n 
A 1 13  ARG 13  13  ?   ?   ?   A . n 
A 1 14  GLY 14  14  ?   ?   ?   A . n 
A 1 15  ARG 15  15  ?   ?   ?   A . n 
A 1 16  ARG 16  16  ?   ?   ?   A . n 
A 1 17  THR 17  17  ?   ?   ?   A . n 
A 1 18  ALA 18  18  ?   ?   ?   A . n 
A 1 19  ARG 19  19  ?   ?   ?   A . n 
A 1 20  PRO 20  20  ?   ?   ?   A . n 
A 1 21  SER 21  21  ?   ?   ?   A . n 
A 1 22  GLY 22  22  22  GLY GLY A . n 
A 1 23  ASP 23  23  23  ASP ASP A . n 
A 1 24  ASP 24  24  24  ASP ASP A . n 
A 1 25  ARG 25  25  25  ARG ARG A . n 
A 1 26  GLU 26  26  26  GLU GLU A . n 
A 1 27  LEU 27  27  27  LEU LEU A . n 
A 1 28  ALA 28  28  28  ALA ALA A . n 
A 1 29  ILE 29  29  29  ILE ILE A . n 
A 1 30  LEU 30  30  30  LEU LEU A . n 
A 1 31  ALA 31  31  31  ALA ALA A . n 
A 1 32  THR 32  32  32  THR THR A . n 
A 1 33  ALA 33  33  33  ALA ALA A . n 
A 1 34  GLU 34  34  34  GLU GLU A . n 
A 1 35  ASN 35  35  35  ASN ASN A . n 
A 1 36  LEU 36  36  36  LEU LEU A . n 
A 1 37  LEU 37  37  37  LEU LEU A . n 
A 1 38  GLU 38  38  38  GLU GLU A . n 
A 1 39  ASP 39  39  39  ASP ASP A . n 
A 1 40  ARG 40  40  40  ARG ARG A . n 
A 1 41  PRO 41  41  41  PRO PRO A . n 
A 1 42  LEU 42  42  42  LEU LEU A . n 
A 1 43  ALA 43  43  43  ALA ALA A . n 
A 1 44  ASP 44  44  44  ASP ASP A . n 
A 1 45  ILE 45  45  45  ILE ILE A . n 
A 1 46  SER 46  46  46  SER SER A . n 
A 1 47  VAL 47  47  47  VAL VAL A . n 
A 1 48  ASP 48  48  48  ASP ASP A . n 
A 1 49  ASP 49  49  49  ASP ASP A . n 
A 1 50  LEU 50  50  50  LEU LEU A . n 
A 1 51  ALA 51  51  51  ALA ALA A . n 
A 1 52  LYS 52  52  52  LYS LYS A . n 
A 1 53  GLY 53  53  53  GLY GLY A . n 
A 1 54  ALA 54  54  54  ALA ALA A . n 
A 1 55  GLY 55  55  55  GLY GLY A . n 
A 1 56  ILE 56  56  56  ILE ILE A . n 
A 1 57  SER 57  57  57  SER SER A . n 
A 1 58  ARG 58  58  58  ARG ARG A . n 
A 1 59  PRO 59  59  59  PRO PRO A . n 
A 1 60  THR 60  60  60  THR THR A . n 
A 1 61  PHE 61  61  61  PHE PHE A . n 
A 1 62  TYR 62  62  62  TYR TYR A . n 
A 1 63  PHE 63  63  63  PHE PHE A . n 
A 1 64  TYR 64  64  64  TYR TYR A . n 
A 1 65  PHE 65  65  65  PHE PHE A . n 
A 1 66  PRO 66  66  66  PRO PRO A . n 
A 1 67  SER 67  67  67  SER SER A . n 
A 1 68  LYS 68  68  68  LYS LYS A . n 
A 1 69  GLU 69  69  69  GLU GLU A . n 
A 1 70  ALA 70  70  70  ALA ALA A . n 
A 1 71  VAL 71  71  71  VAL VAL A . n 
A 1 72  LEU 72  72  72  LEU LEU A . n 
A 1 73  LEU 73  73  73  LEU LEU A . n 
A 1 74  THR 74  74  74  THR THR A . n 
A 1 75  LEU 75  75  75  LEU LEU A . n 
A 1 76  LEU 76  76  76  LEU LEU A . n 
A 1 77  ASP 77  77  77  ASP ASP A . n 
A 1 78  ARG 78  78  78  ARG ARG A . n 
A 1 79  VAL 79  79  79  VAL VAL A . n 
A 1 80  VAL 80  80  80  VAL VAL A . n 
A 1 81  ASN 81  81  81  ASN ASN A . n 
A 1 82  GLN 82  82  82  GLN GLN A . n 
A 1 83  ALA 83  83  83  ALA ALA A . n 
A 1 84  ASP 84  84  84  ASP ASP A . n 
A 1 85  MET 85  85  85  MET MET A . n 
A 1 86  ALA 86  86  86  ALA ALA A . n 
A 1 87  LEU 87  87  87  LEU LEU A . n 
A 1 88  GLN 88  88  88  GLN GLN A . n 
A 1 89  THR 89  89  89  THR THR A . n 
A 1 90  LEU 90  90  90  LEU LEU A . n 
A 1 91  ALA 91  91  91  ALA ALA A . n 
A 1 92  GLU 92  92  92  GLU GLU A . n 
A 1 93  ASN 93  93  93  ASN ASN A . n 
A 1 94  PRO 94  94  94  PRO PRO A . n 
A 1 95  ALA 95  95  95  ALA ALA A . n 
A 1 96  ASP 96  96  96  ASP ASP A . n 
A 1 97  THR 97  97  97  THR THR A . n 
A 1 98  ASP 98  98  98  ASP ASP A . n 
A 1 99  ARG 99  99  99  ARG ARG A . n 
A 1 100 GLU 100 100 100 GLU GLU A . n 
A 1 101 ASN 101 101 101 ASN ASN A . n 
A 1 102 MET 102 102 102 MET MET A . n 
A 1 103 TRP 103 103 103 TRP TRP A . n 
A 1 104 ARG 104 104 104 ARG ARG A . n 
A 1 105 THR 105 105 105 THR THR A . n 
A 1 106 GLY 106 106 106 GLY GLY A . n 
A 1 107 ILE 107 107 107 ILE ILE A . n 
A 1 108 ASN 108 108 108 ASN ASN A . n 
A 1 109 VAL 109 109 109 VAL VAL A . n 
A 1 110 PHE 110 110 110 PHE PHE A . n 
A 1 111 PHE 111 111 111 PHE PHE A . n 
A 1 112 GLU 112 112 112 GLU GLU A . n 
A 1 113 THR 113 113 113 THR THR A . n 
A 1 114 PHE 114 114 114 PHE PHE A . n 
A 1 115 GLY 115 115 115 GLY GLY A . n 
A 1 116 SER 116 116 116 SER SER A . n 
A 1 117 HIS 117 117 117 HIS HIS A . n 
A 1 118 LYS 118 118 118 LYS LYS A . n 
A 1 119 ALA 119 119 119 ALA ALA A . n 
A 1 120 VAL 120 120 120 VAL VAL A . n 
A 1 121 THR 121 121 121 THR THR A . n 
A 1 122 ARG 122 122 122 ARG ARG A . n 
A 1 123 ALA 123 123 123 ALA ALA A . n 
A 1 124 GLY 124 124 124 GLY GLY A . n 
A 1 125 GLN 125 125 125 GLN GLN A . n 
A 1 126 ALA 126 126 126 ALA ALA A . n 
A 1 127 ALA 127 127 127 ALA ALA A . n 
A 1 128 ARG 128 128 128 ARG ARG A . n 
A 1 129 ALA 129 129 129 ALA ALA A . n 
A 1 130 THR 130 130 130 THR THR A . n 
A 1 131 SER 131 131 131 SER SER A . n 
A 1 132 VAL 132 132 132 VAL VAL A . n 
A 1 133 GLU 133 133 133 GLU GLU A . n 
A 1 134 VAL 134 134 134 VAL VAL A . n 
A 1 135 ALA 135 135 135 ALA ALA A . n 
A 1 136 GLU 136 136 136 GLU GLU A . n 
A 1 137 LEU 137 137 137 LEU LEU A . n 
A 1 138 TRP 138 138 138 TRP TRP A . n 
A 1 139 SER 139 139 139 SER SER A . n 
A 1 140 THR 140 140 140 THR THR A . n 
A 1 141 PHE 141 141 141 PHE PHE A . n 
A 1 142 MET 142 142 142 MET MET A . n 
A 1 143 GLN 143 143 143 GLN GLN A . n 
A 1 144 LYS 144 144 144 LYS LYS A . n 
A 1 145 TRP 145 145 145 TRP TRP A . n 
A 1 146 ILE 146 146 146 ILE ILE A . n 
A 1 147 ALA 147 147 147 ALA ALA A . n 
A 1 148 TYR 148 148 148 TYR TYR A . n 
A 1 149 THR 149 149 149 THR THR A . n 
A 1 150 ALA 150 150 150 ALA ALA A . n 
A 1 151 ALA 151 151 151 ALA ALA A . n 
A 1 152 VAL 152 152 152 VAL VAL A . n 
A 1 153 ILE 153 153 153 ILE ILE A . n 
A 1 154 ASP 154 154 154 ASP ASP A . n 
A 1 155 ALA 155 155 155 ALA ALA A . n 
A 1 156 GLU 156 156 156 GLU GLU A . n 
A 1 157 ARG 157 157 157 ARG ARG A . n 
A 1 158 ASP 158 158 158 ASP ASP A . n 
A 1 159 ARG 159 159 159 ARG ARG A . n 
A 1 160 GLY 160 160 160 GLY GLY A . n 
A 1 161 ALA 161 161 161 ALA ALA A . n 
A 1 162 ALA 162 162 162 ALA ALA A . n 
A 1 163 PRO 163 163 163 PRO PRO A . n 
A 1 164 ARG 164 164 164 ARG ARG A . n 
A 1 165 THR 165 165 165 THR THR A . n 
A 1 166 LEU 166 166 166 LEU LEU A . n 
A 1 167 PRO 167 167 167 PRO PRO A . n 
A 1 168 ALA 168 168 168 ALA ALA A . n 
A 1 169 HIS 169 169 169 HIS HIS A . n 
A 1 170 GLU 170 170 170 GLU GLU A . n 
A 1 171 LEU 171 171 171 LEU LEU A . n 
A 1 172 ALA 172 172 172 ALA ALA A . n 
A 1 173 THR 173 173 173 THR THR A . n 
A 1 174 ALA 174 174 174 ALA ALA A . n 
A 1 175 LEU 175 175 175 LEU LEU A . n 
A 1 176 ASN 176 176 176 ASN ASN A . n 
A 1 177 LEU 177 177 177 LEU LEU A . n 
A 1 178 MET 178 178 178 MET MET A . n 
A 1 179 ASN 179 179 179 ASN ASN A . n 
A 1 180 GLU 180 180 180 GLU GLU A . n 
A 1 181 ARG 181 181 181 ARG ARG A . n 
A 1 182 THR 182 182 182 THR THR A . n 
A 1 183 LEU 183 183 183 LEU LEU A . n 
A 1 184 PHE 184 184 184 PHE PHE A . n 
A 1 185 ALA 185 185 185 ALA ALA A . n 
A 1 186 SER 186 186 186 SER SER A . n 
A 1 187 PHE 187 187 187 PHE PHE A . n 
A 1 188 ALA 188 188 188 ALA ALA A . n 
A 1 189 GLY 189 189 189 GLY GLY A . n 
A 1 190 GLU 190 190 190 GLU GLU A . n 
A 1 191 GLN 191 191 191 GLN GLN A . n 
A 1 192 PRO 192 192 192 PRO PRO A . n 
A 1 193 SER 193 193 193 SER SER A . n 
A 1 194 VAL 194 194 194 VAL VAL A . n 
A 1 195 PRO 195 195 195 PRO PRO A . n 
A 1 196 GLU 196 196 196 GLU GLU A . n 
A 1 197 ALA 197 197 197 ALA ALA A . n 
A 1 198 ARG 198 198 198 ARG ARG A . n 
A 1 199 VAL 199 199 199 VAL VAL A . n 
A 1 200 LEU 200 200 200 LEU LEU A . n 
A 1 201 ASP 201 201 201 ASP ASP A . n 
A 1 202 THR 202 202 202 THR THR A . n 
A 1 203 LEU 203 203 203 LEU LEU A . n 
A 1 204 VAL 204 204 204 VAL VAL A . n 
A 1 205 HIS 205 205 205 HIS HIS A . n 
A 1 206 ILE 206 206 206 ILE ILE A . n 
A 1 207 TRP 207 207 207 TRP TRP A . n 
A 1 208 VAL 208 208 208 VAL VAL A . n 
A 1 209 THR 209 209 209 THR THR A . n 
A 1 210 SER 210 210 210 SER SER A . n 
A 1 211 ILE 211 211 211 ILE ILE A . n 
A 1 212 TYR 212 212 212 TYR TYR A . n 
A 1 213 GLY 213 213 213 GLY GLY A . n 
A 1 214 GLU 214 214 214 GLU GLU A . n 
A 1 215 ASN 215 215 ?   ?   ?   A . n 
A 1 216 ARG 216 216 ?   ?   ?   A . n 
# 
loop_
_pdbx_nonpoly_scheme.asym_id 
_pdbx_nonpoly_scheme.entity_id 
_pdbx_nonpoly_scheme.mon_id 
_pdbx_nonpoly_scheme.ndb_seq_num 
_pdbx_nonpoly_scheme.pdb_seq_num 
_pdbx_nonpoly_scheme.auth_seq_num 
_pdbx_nonpoly_scheme.pdb_mon_id 
_pdbx_nonpoly_scheme.auth_mon_id 
_pdbx_nonpoly_scheme.pdb_strand_id 
_pdbx_nonpoly_scheme.pdb_ins_code 
B 2 2D1 1  301 1  2D1 D1  A . 
C 3 HOH 1  401 1  HOH HOH A . 
C 3 HOH 2  402 2  HOH HOH A . 
C 3 HOH 3  403 3  HOH HOH A . 
C 3 HOH 4  404 4  HOH HOH A . 
C 3 HOH 5  405 5  HOH HOH A . 
C 3 HOH 6  406 6  HOH HOH A . 
C 3 HOH 7  407 7  HOH HOH A . 
C 3 HOH 8  408 8  HOH HOH A . 
C 3 HOH 9  409 9  HOH HOH A . 
C 3 HOH 10 410 10 HOH HOH A . 
C 3 HOH 11 411 11 HOH HOH A . 
# 
loop_
_pdbx_unobs_or_zero_occ_atoms.id 
_pdbx_unobs_or_zero_occ_atoms.PDB_model_num 
_pdbx_unobs_or_zero_occ_atoms.polymer_flag 
_pdbx_unobs_or_zero_occ_atoms.occupancy_flag 
_pdbx_unobs_or_zero_occ_atoms.auth_asym_id 
_pdbx_unobs_or_zero_occ_atoms.auth_comp_id 
_pdbx_unobs_or_zero_occ_atoms.auth_seq_id 
_pdbx_unobs_or_zero_occ_atoms.PDB_ins_code 
_pdbx_unobs_or_zero_occ_atoms.auth_atom_id 
_pdbx_unobs_or_zero_occ_atoms.label_alt_id 
_pdbx_unobs_or_zero_occ_atoms.label_asym_id 
_pdbx_unobs_or_zero_occ_atoms.label_comp_id 
_pdbx_unobs_or_zero_occ_atoms.label_seq_id 
_pdbx_unobs_or_zero_occ_atoms.label_atom_id 
1 1 Y 1 A GLU 214 ? C ? A GLU 214 C 
2 1 Y 1 A GLU 214 ? O ? A GLU 214 O 
# 
loop_
_software.pdbx_ordinal 
_software.name 
_software.version 
_software.date 
_software.type 
_software.contact_author 
_software.contact_author_email 
_software.classification 
_software.location 
_software.language 
_software.citation_id 
1 SCALA       3.3.16 2010/01/06       other   'Phil R. Evans'      pre@mrc-lmb.cam.ac.uk    'data scaling'    
http://www.ccp4.ac.uk/dist/html/scala.html   Fortran_77 ? 
2 MOLREP      .      ?                program 'Alexei Vaguine'     alexei@ysbl.york.ac.uk   phasing           
http://www.ccp4.ac.uk/dist/html/molrep.html  Fortran_77 ? 
3 REFMAC      .      ?                program 'Garib N. Murshudov' garib@ysbl.york.ac.uk    refinement        
http://www.ccp4.ac.uk/dist/html/refmac5.html Fortran_77 ? 
4 PDB_EXTRACT 3.11   'April 22, 2011' package PDB                  deposit@deposit.rcsb.org 'data extraction' 
http://sw-tools.pdb.org/apps/PDB_EXTRACT/    C++        ? 
5 MAR345dtb   .      ?                ?       ?                    ?                        'data collection' ? ?          ? 
6 XSCALE      .      ?                ?       ?                    ?                        'data scaling'    ? ?          ? 
# 
_cell.length_a           121.089 
_cell.length_b           121.089 
_cell.length_c           33.854 
_cell.angle_alpha        90.000 
_cell.angle_beta         90.000 
_cell.angle_gamma        90.000 
_cell.entry_id           4M3F 
_cell.pdbx_unique_axis   ? 
_cell.Z_PDB              8 
_cell.length_a_esd       ? 
_cell.length_b_esd       ? 
_cell.length_c_esd       ? 
_cell.angle_alpha_esd    ? 
_cell.angle_beta_esd     ? 
_cell.angle_gamma_esd    ? 
# 
_symmetry.space_group_name_H-M             'P 41 21 2' 
_symmetry.entry_id                         4M3F 
_symmetry.Int_Tables_number                92 
_symmetry.pdbx_full_space_group_name_H-M   ? 
_symmetry.cell_setting                     ? 
_symmetry.space_group_name_Hall            ? 
# 
_exptl.crystals_number   1 
_exptl.entry_id          4M3F 
_exptl.method            'X-RAY DIFFRACTION' 
# 
_exptl_crystal.id                    1 
_exptl_crystal.density_Matthews      2.61 
_exptl_crystal.density_meas          ? 
_exptl_crystal.density_percent_sol   52.86 
_exptl_crystal.description           ? 
_exptl_crystal.F_000                 ? 
_exptl_crystal.preparation           ? 
# 
_exptl_crystal_grow.crystal_id      1 
_exptl_crystal_grow.method          'VAPOR DIFFUSION, HANGING DROP' 
_exptl_crystal_grow.pH              6.7 
_exptl_crystal_grow.temp            293 
_exptl_crystal_grow.temp_details    ? 
_exptl_crystal_grow.pdbx_details    
'1.4-1.65 M ammonium sulfate, 15% glycerol, 0.1 M MES, pH 6.7, VAPOR DIFFUSION, HANGING DROP, temperature 293K' 
_exptl_crystal_grow.pdbx_pH_range   ? 
# 
_diffrn.id                     1 
_diffrn.ambient_temp           100 
_diffrn.ambient_temp_details   ? 
_diffrn.crystal_id             1 
# 
_diffrn_detector.diffrn_id              1 
_diffrn_detector.detector               CCD 
_diffrn_detector.type                   'MARMOSAIC 225 mm CCD' 
_diffrn_detector.pdbx_collection_date   2010-12-05 
_diffrn_detector.details                ? 
# 
_diffrn_radiation.diffrn_id                        1 
_diffrn_radiation.wavelength_id                    1 
_diffrn_radiation.pdbx_diffrn_protocol             'SINGLE WAVELENGTH' 
_diffrn_radiation.monochromator                    'Si(111)' 
_diffrn_radiation.pdbx_monochromatic_or_laue_m_l   M 
_diffrn_radiation.pdbx_scattering_type             x-ray 
# 
_diffrn_radiation_wavelength.id           1 
_diffrn_radiation_wavelength.wavelength   1.0000 
_diffrn_radiation_wavelength.wt           1.0 
# 
_diffrn_source.diffrn_id                   1 
_diffrn_source.source                      SYNCHROTRON 
_diffrn_source.type                        'SLS BEAMLINE X06DA' 
_diffrn_source.pdbx_wavelength             ? 
_diffrn_source.pdbx_wavelength_list        1.0000 
_diffrn_source.pdbx_synchrotron_site       SLS 
_diffrn_source.pdbx_synchrotron_beamline   X06DA 
# 
_reflns.entry_id                     4M3F 
_reflns.d_resolution_high            2.000 
_reflns.d_resolution_low             40.363 
_reflns.number_all                   17621 
_reflns.number_obs                   17621 
_reflns.pdbx_netI_over_sigmaI        8.9 
_reflns.pdbx_Rsym_value              0.219 
_reflns.pdbx_redundancy              10.5 
_reflns.percent_possible_obs         99.7 
_reflns.observed_criterion_sigma_F   ? 
_reflns.observed_criterion_sigma_I   ? 
_reflns.pdbx_Rmerge_I_obs            ? 
_reflns.B_iso_Wilson_estimate        ? 
_reflns.R_free_details               ? 
_reflns.limit_h_max                  ? 
_reflns.limit_h_min                  ? 
_reflns.limit_k_max                  ? 
_reflns.limit_k_min                  ? 
_reflns.limit_l_max                  ? 
_reflns.limit_l_min                  ? 
_reflns.observed_criterion_F_max     ? 
_reflns.observed_criterion_F_min     ? 
_reflns.pdbx_chi_squared             ? 
_reflns.pdbx_scaling_rejects         ? 
_reflns.pdbx_ordinal                 1 
_reflns.pdbx_diffrn_id               1 
# 
loop_
_reflns_shell.d_res_high 
_reflns_shell.d_res_low 
_reflns_shell.number_measured_obs 
_reflns_shell.number_measured_all 
_reflns_shell.number_unique_obs 
_reflns_shell.Rmerge_I_obs 
_reflns_shell.meanI_over_sigI_obs 
_reflns_shell.pdbx_Rsym_value 
_reflns_shell.pdbx_chi_squared 
_reflns_shell.pdbx_redundancy 
_reflns_shell.percent_possible_obs 
_reflns_shell.number_unique_all 
_reflns_shell.percent_possible_all 
_reflns_shell.pdbx_ordinal 
_reflns_shell.pdbx_diffrn_id 
2.000 2.110  ? 25043 ? 0.037 0.20  3.697 ? 10.10 ? 2468 98.1  1  1 
2.110 2.240  ? 26552 ? 0.037 0.40  2.094 ? 11.10 ? 2383 100.0 2  1 
2.240 2.390  ? 24482 ? 0.037 0.60  1.359 ? 10.80 ? 2257 100.0 3  1 
2.390 2.580  ? 21940 ? 0.037 0.90  0.888 ? 10.40 ? 2100 100.0 4  1 
2.580 2.830  ? 21522 ? 0.037 1.50  0.521 ? 11.00 ? 1958 100.0 5  1 
2.830 3.160  ? 18726 ? 0.037 2.60  0.302 ? 10.60 ? 1769 100.0 6  1 
3.160 3.650  ? 16846 ? 0.037 5.70  0.134 ? 10.60 ? 1587 100.0 7  1 
3.650 4.470  ? 13985 ? 0.037 10.10 0.070 ? 10.30 ? 1352 100.0 8  1 
4.470 6.320  ? 10753 ? 0.037 12.30 0.054 ? 9.90  ? 1087 100.0 9  1 
6.320 40.363 ? 5929  ? 0.037 17.60 0.033 ? 9.00  ? 660  99.7  10 1 
# 
_refine.entry_id                                 4M3F 
_refine.ls_d_res_high                            2.000 
_refine.ls_d_res_low                             38.29 
_refine.pdbx_ls_sigma_F                          0.0 
_refine.pdbx_data_cutoff_high_absF               ? 
_refine.pdbx_data_cutoff_low_absF                ? 
_refine.ls_percent_reflns_obs                    100.0 
_refine.ls_number_reflns_obs                     17579 
_refine.ls_number_reflns_all                     ? 
_refine.pdbx_ls_cross_valid_method               THROUGHOUT 
_refine.pdbx_R_Free_selection_details            RANDOM 
_refine.details                                  ? 
_refine.ls_R_factor_all                          ? 
_refine.ls_R_factor_obs                          0.2367 
_refine.ls_R_factor_R_work                       0.2342 
_refine.ls_wR_factor_R_work                      0.2005 
_refine.ls_R_factor_R_free                       0.2845 
_refine.ls_wR_factor_R_free                      0.2490 
_refine.ls_percent_reflns_R_free                 5.1 
_refine.ls_number_reflns_R_free                  889 
_refine.ls_R_factor_R_free_error                 ? 
_refine.B_iso_mean                               36.5164 
_refine.solvent_model_param_bsol                 ? 
_refine.solvent_model_param_ksol                 ? 
_refine.pdbx_isotropic_thermal_model             ? 
_refine.aniso_B[1][1]                            0.0200 
_refine.aniso_B[2][2]                            0.0200 
_refine.aniso_B[3][3]                            -0.0500 
_refine.aniso_B[1][2]                            0.0000 
_refine.aniso_B[1][3]                            0.0000 
_refine.aniso_B[2][3]                            0.0000 
_refine.correlation_coeff_Fo_to_Fc               0.9400 
_refine.correlation_coeff_Fo_to_Fc_free          0.9050 
_refine.overall_SU_R_Cruickshank_DPI             0.1815 
_refine.overall_SU_R_free                        0.1754 
_refine.pdbx_overall_ESU_R                       0.1820 
_refine.pdbx_overall_ESU_R_Free                  0.1750 
_refine.overall_SU_ML                            0.1440 
_refine.overall_SU_B                             5.3790 
_refine.solvent_model_details                    MASK 
_refine.pdbx_solvent_vdw_probe_radii             1.4000 
_refine.pdbx_solvent_ion_probe_radii             0.8000 
_refine.pdbx_solvent_shrinkage_radii             0.8000 
_refine.ls_number_parameters                     ? 
_refine.ls_number_restraints                     ? 
_refine.pdbx_starting_model                      ? 
_refine.pdbx_method_to_determine_struct          'MOLECULAR REPLACEMENT' 
_refine.pdbx_stereochemistry_target_values       'MAXIMUM LIKELIHOOD' 
_refine.pdbx_stereochem_target_val_spec_case     ? 
_refine.overall_FOM_work_R_set                   0.8046 
_refine.B_iso_max                                74.100 
_refine.B_iso_min                                11.980 
_refine.pdbx_overall_phase_error                 ? 
_refine.occupancy_max                            1.000 
_refine.occupancy_min                            0.500 
_refine.pdbx_ls_sigma_I                          ? 
_refine.ls_redundancy_reflns_obs                 ? 
_refine.ls_R_factor_R_free_error_details         ? 
_refine.pdbx_data_cutoff_high_rms_absF           ? 
_refine.overall_FOM_free_R_set                   ? 
_refine.pdbx_diffrn_id                           1 
_refine.pdbx_refine_id                           'X-RAY DIFFRACTION' 
_refine.pdbx_TLS_residual_ADP_flag               ? 
_refine.pdbx_overall_SU_R_free_Cruickshank_DPI   ? 
_refine.pdbx_overall_SU_R_Blow_DPI               ? 
_refine.pdbx_overall_SU_R_free_Blow_DPI          ? 
# 
_refine_hist.pdbx_refine_id                   'X-RAY DIFFRACTION' 
_refine_hist.cycle_id                         LAST 
_refine_hist.pdbx_number_atoms_protein        1500 
_refine_hist.pdbx_number_atoms_nucleic_acid   0 
_refine_hist.pdbx_number_atoms_ligand         21 
_refine_hist.number_atoms_solvent             11 
_refine_hist.number_atoms_total               1532 
_refine_hist.d_res_high                       2.000 
_refine_hist.d_res_low                        38.29 
# 
loop_
_refine_ls_restr.type 
_refine_ls_restr.number 
_refine_ls_restr.dev_ideal 
_refine_ls_restr.dev_ideal_target 
_refine_ls_restr.weight 
_refine_ls_restr.pdbx_restraint_function 
_refine_ls_restr.pdbx_refine_id 
r_bond_refined_d       1553 0.024  0.022  ? ? 'X-RAY DIFFRACTION' 
r_angle_refined_deg    2118 1.951  1.962  ? ? 'X-RAY DIFFRACTION' 
r_dihedral_angle_1_deg 192  6.254  5.000  ? ? 'X-RAY DIFFRACTION' 
r_dihedral_angle_2_deg 72   42.392 23.611 ? ? 'X-RAY DIFFRACTION' 
r_dihedral_angle_3_deg 239  17.022 15.000 ? ? 'X-RAY DIFFRACTION' 
r_dihedral_angle_4_deg 13   20.239 15.000 ? ? 'X-RAY DIFFRACTION' 
r_chiral_restr         242  0.131  0.200  ? ? 'X-RAY DIFFRACTION' 
r_gen_planes_refined   1191 0.011  0.021  ? ? 'X-RAY DIFFRACTION' 
r_mcbond_it            961  1.221  1.500  ? ? 'X-RAY DIFFRACTION' 
r_mcangle_it           1543 2.112  2.000  ? ? 'X-RAY DIFFRACTION' 
r_scbond_it            592  3.417  3.000  ? ? 'X-RAY DIFFRACTION' 
r_scangle_it           575  5.178  4.500  ? ? 'X-RAY DIFFRACTION' 
# 
_refine_ls_shell.d_res_high                       2.000 
_refine_ls_shell.d_res_low                        2.052 
_refine_ls_shell.pdbx_total_number_of_bins_used   20 
_refine_ls_shell.percent_reflns_obs               100.0 
_refine_ls_shell.number_reflns_R_work             1141 
_refine_ls_shell.R_factor_all                     ? 
_refine_ls_shell.R_factor_R_work                  0.3760 
_refine_ls_shell.R_factor_R_free                  0.3740 
_refine_ls_shell.percent_reflns_R_free            ? 
_refine_ls_shell.number_reflns_R_free             77 
_refine_ls_shell.R_factor_R_free_error            ? 
_refine_ls_shell.number_reflns_all                1218 
_refine_ls_shell.number_reflns_obs                ? 
_refine_ls_shell.redundancy_reflns_obs            ? 
_refine_ls_shell.pdbx_refine_id                   'X-RAY DIFFRACTION' 
# 
_struct.entry_id                  4M3F 
_struct.title                     
;Rapid and efficient design of new inhibitors of Mycobacterium tuberculosis transcriptional repressor EthR using fragment growing, merging and linking approaches
;
_struct.pdbx_model_details        ? 
_struct.pdbx_CASP_flag            ? 
_struct.pdbx_model_type_details   ? 
# 
_struct_keywords.entry_id        4M3F 
_struct_keywords.pdbx_keywords   'TRANSCRIPTION REPRESSOR/INHIBITOR' 
_struct_keywords.text            
;helix-turn-helix DNA binding protein, TETR-family, transcriptional regulatory repressor, inhibitor, TRANSCRIPTION REPRESSOR-INHIBITOR complex
;
# 
loop_
_struct_asym.id 
_struct_asym.pdbx_blank_PDB_chainid_flag 
_struct_asym.pdbx_modified 
_struct_asym.entity_id 
_struct_asym.details 
A N N 1 ? 
B N N 2 ? 
C N N 3 ? 
# 
_struct_ref.id                         1 
_struct_ref.db_name                    UNP 
_struct_ref.db_code                    ETHR_MYCTU 
_struct_ref.pdbx_db_accession          P96222 
_struct_ref.entity_id                  1 
_struct_ref.pdbx_seq_one_letter_code   
;MTTSAASQASLPRGRRTARPSGDDRELAILATAENLLEDRPLADISVDDLAKGAGISRPTFYFYFPSKEAVLLTLLDRVV
NQADMALQTLAENPADTDRENMWRTGINVFFETFGSHKAVTRAGQAARATSVEVAELWSTFMQKWIAYTAAVIDAERDRG
AAPRTLPAHELATALNLMNERTLFASFAGEQPSVPEARVLDTLVHIWVTSIYGENR
;
_struct_ref.pdbx_align_begin           1 
_struct_ref.pdbx_db_isoform            ? 
# 
_struct_ref_seq.align_id                      1 
_struct_ref_seq.ref_id                        1 
_struct_ref_seq.pdbx_PDB_id_code              4M3F 
_struct_ref_seq.pdbx_strand_id                A 
_struct_ref_seq.seq_align_beg                 1 
_struct_ref_seq.pdbx_seq_align_beg_ins_code   ? 
_struct_ref_seq.seq_align_end                 216 
_struct_ref_seq.pdbx_seq_align_end_ins_code   ? 
_struct_ref_seq.pdbx_db_accession             P96222 
_struct_ref_seq.db_align_beg                  1 
_struct_ref_seq.pdbx_db_align_beg_ins_code    ? 
_struct_ref_seq.db_align_end                  216 
_struct_ref_seq.pdbx_db_align_end_ins_code    ? 
_struct_ref_seq.pdbx_auth_seq_align_beg       1 
_struct_ref_seq.pdbx_auth_seq_align_end       216 
# 
_pdbx_struct_assembly.id                   1 
_pdbx_struct_assembly.details              author_and_software_defined_assembly 
_pdbx_struct_assembly.method_details       PISA 
_pdbx_struct_assembly.oligomeric_details   dimeric 
_pdbx_struct_assembly.oligomeric_count     2 
# 
loop_
_pdbx_struct_assembly_prop.biol_id 
_pdbx_struct_assembly_prop.type 
_pdbx_struct_assembly_prop.value 
_pdbx_struct_assembly_prop.details 
1 'ABSA (A^2)' 2840  ? 
1 MORE         -21   ? 
1 'SSA (A^2)'  17440 ? 
# 
_pdbx_struct_assembly_gen.assembly_id       1 
_pdbx_struct_assembly_gen.oper_expression   1,2 
_pdbx_struct_assembly_gen.asym_id_list      A,B,C 
# 
loop_
_pdbx_struct_oper_list.id 
_pdbx_struct_oper_list.type 
_pdbx_struct_oper_list.name 
_pdbx_struct_oper_list.symmetry_operation 
_pdbx_struct_oper_list.matrix[1][1] 
_pdbx_struct_oper_list.matrix[1][2] 
_pdbx_struct_oper_list.matrix[1][3] 
_pdbx_struct_oper_list.vector[1] 
_pdbx_struct_oper_list.matrix[2][1] 
_pdbx_struct_oper_list.matrix[2][2] 
_pdbx_struct_oper_list.matrix[2][3] 
_pdbx_struct_oper_list.vector[2] 
_pdbx_struct_oper_list.matrix[3][1] 
_pdbx_struct_oper_list.matrix[3][2] 
_pdbx_struct_oper_list.matrix[3][3] 
_pdbx_struct_oper_list.vector[3] 
1 'identity operation'         1_555 x,y,z  1.0000000000 0.0000000000  0.0000000000  0.0000000000  0.0000000000  1.0000000000  0.0000000000 0.0000000000  0.0000000000  0.0000000000 1.0000000000  0.0000000000  
2 'crystal symmetry operation' 7_555 y,x,-z 0.3815715940 -0.7818939869 -0.4929958539 13.7994192433 -0.7818939869 -0.5574907522 0.2790086995 14.8817143514 -0.4929958539 0.2790086995 -0.8240808417 15.0690165345 
# 
_struct_biol.id        1 
_struct_biol.details   ? 
# 
loop_
_struct_conf.conf_type_id 
_struct_conf.id 
_struct_conf.pdbx_PDB_helix_id 
_struct_conf.beg_label_comp_id 
_struct_conf.beg_label_asym_id 
_struct_conf.beg_label_seq_id 
_struct_conf.pdbx_beg_PDB_ins_code 
_struct_conf.end_label_comp_id 
_struct_conf.end_label_asym_id 
_struct_conf.end_label_seq_id 
_struct_conf.pdbx_end_PDB_ins_code 
_struct_conf.beg_auth_comp_id 
_struct_conf.beg_auth_asym_id 
_struct_conf.beg_auth_seq_id 
_struct_conf.end_auth_comp_id 
_struct_conf.end_auth_asym_id 
_struct_conf.end_auth_seq_id 
_struct_conf.pdbx_PDB_helix_class 
_struct_conf.details 
_struct_conf.pdbx_PDB_helix_length 
HELX_P HELX_P1  1  ASP A 23  ? ARG A 40  ? ASP A 23  ARG A 40  1 ? 18 
HELX_P HELX_P2  2  PRO A 41  ? ILE A 45  ? PRO A 41  ILE A 45  5 ? 5  
HELX_P HELX_P3  3  SER A 46  ? ALA A 54  ? SER A 46  ALA A 54  1 ? 9  
HELX_P HELX_P4  4  SER A 57  ? PHE A 65  ? SER A 57  PHE A 65  1 ? 9  
HELX_P HELX_P5  5  SER A 67  ? ASN A 93  ? SER A 67  ASN A 93  1 ? 27 
HELX_P HELX_P6  6  ASP A 98  ? SER A 116 ? ASP A 98  SER A 116 1 ? 19 
HELX_P HELX_P7  7  HIS A 117 ? ALA A 127 ? HIS A 117 ALA A 127 1 ? 11 
HELX_P HELX_P8  8  ARG A 128 ? THR A 130 ? ARG A 128 THR A 130 5 ? 3  
HELX_P HELX_P9  9  SER A 131 ? ARG A 159 ? SER A 131 ARG A 159 1 ? 29 
HELX_P HELX_P10 10 PRO A 167 ? ALA A 188 ? PRO A 167 ALA A 188 1 ? 22 
HELX_P HELX_P11 11 PRO A 195 ? GLY A 213 ? PRO A 195 GLY A 213 1 ? 19 
# 
_struct_conf_type.id          HELX_P 
_struct_conf_type.criteria    ? 
_struct_conf_type.reference   ? 
# 
_struct_mon_prot_cis.pdbx_id                1 
_struct_mon_prot_cis.label_comp_id          GLN 
_struct_mon_prot_cis.label_seq_id           191 
_struct_mon_prot_cis.label_asym_id          A 
_struct_mon_prot_cis.label_alt_id           . 
_struct_mon_prot_cis.pdbx_PDB_ins_code      ? 
_struct_mon_prot_cis.auth_comp_id           GLN 
_struct_mon_prot_cis.auth_seq_id            191 
_struct_mon_prot_cis.auth_asym_id           A 
_struct_mon_prot_cis.pdbx_label_comp_id_2   PRO 
_struct_mon_prot_cis.pdbx_label_seq_id_2    192 
_struct_mon_prot_cis.pdbx_label_asym_id_2   A 
_struct_mon_prot_cis.pdbx_PDB_ins_code_2    ? 
_struct_mon_prot_cis.pdbx_auth_comp_id_2    PRO 
_struct_mon_prot_cis.pdbx_auth_seq_id_2     192 
_struct_mon_prot_cis.pdbx_auth_asym_id_2    A 
_struct_mon_prot_cis.pdbx_PDB_model_num     1 
_struct_mon_prot_cis.pdbx_omega_angle       1.96 
# 
_struct_site.id                   AC1 
_struct_site.pdbx_evidence_code   Software 
_struct_site.pdbx_auth_asym_id    A 
_struct_site.pdbx_auth_comp_id    2D1 
_struct_site.pdbx_auth_seq_id     301 
_struct_site.pdbx_auth_ins_code   ? 
_struct_site.pdbx_num_residues    14 
_struct_site.details              'BINDING SITE FOR RESIDUE 2D1 A 301' 
# 
loop_
_struct_site_gen.id 
_struct_site_gen.site_id 
_struct_site_gen.pdbx_num_res 
_struct_site_gen.label_comp_id 
_struct_site_gen.label_asym_id 
_struct_site_gen.label_seq_id 
_struct_site_gen.pdbx_auth_ins_code 
_struct_site_gen.auth_comp_id 
_struct_site_gen.auth_asym_id 
_struct_site_gen.auth_seq_id 
_struct_site_gen.label_atom_id 
_struct_site_gen.label_alt_id 
_struct_site_gen.symmetry 
_struct_site_gen.details 
1  AC1 14 MET A 102 ? MET A 102 . ? 1_555 ? 
2  AC1 14 TRP A 103 ? TRP A 103 . ? 1_555 ? 
3  AC1 14 GLY A 106 ? GLY A 106 . ? 1_555 ? 
4  AC1 14 ILE A 107 ? ILE A 107 . ? 1_555 ? 
5  AC1 14 PHE A 110 ? PHE A 110 . ? 1_555 ? 
6  AC1 14 TRP A 138 ? TRP A 138 . ? 1_555 ? 
7  AC1 14 MET A 142 ? MET A 142 . ? 1_555 ? 
8  AC1 14 TRP A 145 ? TRP A 145 . ? 1_555 ? 
9  AC1 14 TYR A 148 ? TYR A 148 . ? 1_555 ? 
10 AC1 14 THR A 149 ? THR A 149 . ? 1_555 ? 
11 AC1 14 ASN A 176 ? ASN A 176 . ? 1_555 ? 
12 AC1 14 ASN A 179 ? ASN A 179 . ? 1_555 ? 
13 AC1 14 PHE A 184 ? PHE A 184 . ? 1_555 ? 
14 AC1 14 TRP A 207 ? TRP A 207 . ? 1_555 ? 
# 
loop_
_pdbx_validate_symm_contact.id 
_pdbx_validate_symm_contact.PDB_model_num 
_pdbx_validate_symm_contact.auth_atom_id_1 
_pdbx_validate_symm_contact.auth_asym_id_1 
_pdbx_validate_symm_contact.auth_comp_id_1 
_pdbx_validate_symm_contact.auth_seq_id_1 
_pdbx_validate_symm_contact.PDB_ins_code_1 
_pdbx_validate_symm_contact.label_alt_id_1 
_pdbx_validate_symm_contact.site_symmetry_1 
_pdbx_validate_symm_contact.auth_atom_id_2 
_pdbx_validate_symm_contact.auth_asym_id_2 
_pdbx_validate_symm_contact.auth_comp_id_2 
_pdbx_validate_symm_contact.auth_seq_id_2 
_pdbx_validate_symm_contact.PDB_ins_code_2 
_pdbx_validate_symm_contact.label_alt_id_2 
_pdbx_validate_symm_contact.site_symmetry_2 
_pdbx_validate_symm_contact.dist 
1 1 O A LEU 177 ? ? 1_555 NH2 A ARG 181 ? ? 7_555 1.71 
2 1 N A ARG 181 ? ? 1_555 NH2 A ARG 181 ? ? 7_555 1.95 
# 
loop_
_pdbx_validate_rmsd_angle.id 
_pdbx_validate_rmsd_angle.PDB_model_num 
_pdbx_validate_rmsd_angle.auth_atom_id_1 
_pdbx_validate_rmsd_angle.auth_asym_id_1 
_pdbx_validate_rmsd_angle.auth_comp_id_1 
_pdbx_validate_rmsd_angle.auth_seq_id_1 
_pdbx_validate_rmsd_angle.PDB_ins_code_1 
_pdbx_validate_rmsd_angle.label_alt_id_1 
_pdbx_validate_rmsd_angle.auth_atom_id_2 
_pdbx_validate_rmsd_angle.auth_asym_id_2 
_pdbx_validate_rmsd_angle.auth_comp_id_2 
_pdbx_validate_rmsd_angle.auth_seq_id_2 
_pdbx_validate_rmsd_angle.PDB_ins_code_2 
_pdbx_validate_rmsd_angle.label_alt_id_2 
_pdbx_validate_rmsd_angle.auth_atom_id_3 
_pdbx_validate_rmsd_angle.auth_asym_id_3 
_pdbx_validate_rmsd_angle.auth_comp_id_3 
_pdbx_validate_rmsd_angle.auth_seq_id_3 
_pdbx_validate_rmsd_angle.PDB_ins_code_3 
_pdbx_validate_rmsd_angle.label_alt_id_3 
_pdbx_validate_rmsd_angle.angle_value 
_pdbx_validate_rmsd_angle.angle_target_value 
_pdbx_validate_rmsd_angle.angle_deviation 
_pdbx_validate_rmsd_angle.angle_standard_deviation 
_pdbx_validate_rmsd_angle.linker_flag 
1 1 C  A ARG 58  ? ? N  A PRO 59  ? ? CA A PRO 59  ? ? 109.99 119.30 -9.31  1.50 Y 
2 1 CG A ARG 181 ? ? CD A ARG 181 ? ? NE A ARG 181 ? ? 98.73  111.80 -13.07 2.10 N 
# 
_pdbx_validate_torsion.id              1 
_pdbx_validate_torsion.PDB_model_num   1 
_pdbx_validate_torsion.auth_comp_id    THR 
_pdbx_validate_torsion.auth_asym_id    A 
_pdbx_validate_torsion.auth_seq_id     165 
_pdbx_validate_torsion.PDB_ins_code    ? 
_pdbx_validate_torsion.label_alt_id    ? 
_pdbx_validate_torsion.phi             -112.14 
_pdbx_validate_torsion.psi             -102.56 
# 
_pdbx_phasing_MR.entry_id                     4M3F 
_pdbx_phasing_MR.method_rotation              ? 
_pdbx_phasing_MR.method_translation           ? 
_pdbx_phasing_MR.model_details                ? 
_pdbx_phasing_MR.R_factor                     ? 
_pdbx_phasing_MR.R_rigid_body                 ? 
_pdbx_phasing_MR.correlation_coeff_Fo_to_Fc   ? 
_pdbx_phasing_MR.correlation_coeff_Io_to_Ic   ? 
_pdbx_phasing_MR.d_res_high_rotation          2.200 
_pdbx_phasing_MR.d_res_low_rotation           38.290 
_pdbx_phasing_MR.d_res_high_translation       2.200 
_pdbx_phasing_MR.d_res_low_translation        38.290 
_pdbx_phasing_MR.packing                      ? 
_pdbx_phasing_MR.reflns_percent_rotation      ? 
_pdbx_phasing_MR.reflns_percent_translation   ? 
_pdbx_phasing_MR.sigma_F_rotation             ? 
_pdbx_phasing_MR.sigma_F_translation          ? 
_pdbx_phasing_MR.sigma_I_rotation             ? 
_pdbx_phasing_MR.sigma_I_translation          ? 
# 
_phasing.method   MR 
# 
loop_
_pdbx_unobs_or_zero_occ_residues.id 
_pdbx_unobs_or_zero_occ_residues.PDB_model_num 
_pdbx_unobs_or_zero_occ_residues.polymer_flag 
_pdbx_unobs_or_zero_occ_residues.occupancy_flag 
_pdbx_unobs_or_zero_occ_residues.auth_asym_id 
_pdbx_unobs_or_zero_occ_residues.auth_comp_id 
_pdbx_unobs_or_zero_occ_residues.auth_seq_id 
_pdbx_unobs_or_zero_occ_residues.PDB_ins_code 
_pdbx_unobs_or_zero_occ_residues.label_asym_id 
_pdbx_unobs_or_zero_occ_residues.label_comp_id 
_pdbx_unobs_or_zero_occ_residues.label_seq_id 
1  1 Y 1 A MET 1   ? A MET 1   
2  1 Y 1 A THR 2   ? A THR 2   
3  1 Y 1 A THR 3   ? A THR 3   
4  1 Y 1 A SER 4   ? A SER 4   
5  1 Y 1 A ALA 5   ? A ALA 5   
6  1 Y 1 A ALA 6   ? A ALA 6   
7  1 Y 1 A SER 7   ? A SER 7   
8  1 Y 1 A GLN 8   ? A GLN 8   
9  1 Y 1 A ALA 9   ? A ALA 9   
10 1 Y 1 A SER 10  ? A SER 10  
11 1 Y 1 A LEU 11  ? A LEU 11  
12 1 Y 1 A PRO 12  ? A PRO 12  
13 1 Y 1 A ARG 13  ? A ARG 13  
14 1 Y 1 A GLY 14  ? A GLY 14  
15 1 Y 1 A ARG 15  ? A ARG 15  
16 1 Y 1 A ARG 16  ? A ARG 16  
17 1 Y 1 A THR 17  ? A THR 17  
18 1 Y 1 A ALA 18  ? A ALA 18  
19 1 Y 1 A ARG 19  ? A ARG 19  
20 1 Y 1 A PRO 20  ? A PRO 20  
21 1 Y 1 A SER 21  ? A SER 21  
22 1 Y 1 A ASN 215 ? A ASN 215 
23 1 Y 1 A ARG 216 ? A ARG 216 
# 
loop_
_chem_comp_atom.comp_id 
_chem_comp_atom.atom_id 
_chem_comp_atom.type_symbol 
_chem_comp_atom.pdbx_aromatic_flag 
_chem_comp_atom.pdbx_stereo_config 
_chem_comp_atom.pdbx_ordinal 
2D1 O2   O N N 1   
2D1 S1   S N N 2   
2D1 O1   O N N 3   
2D1 N1   N N N 4   
2D1 C5   C N N 5   
2D1 C4   C N N 6   
2D1 C2   C N N 7   
2D1 C3   C N N 8   
2D1 C1   C N N 9   
2D1 C6   C Y N 10  
2D1 C11  C Y N 11  
2D1 C10  C Y N 12  
2D1 C9   C Y N 13  
2D1 C8   C Y N 14  
2D1 C7   C Y N 15  
2D1 C12  C Y N 16  
2D1 N2   N Y N 17  
2D1 C14  C Y N 18  
2D1 C15  C N N 19  
2D1 S2   S Y N 20  
2D1 C13  C Y N 21  
2D1 H1   H N N 22  
2D1 H2   H N N 23  
2D1 H3   H N N 24  
2D1 H4   H N N 25  
2D1 H5   H N N 26  
2D1 H6   H N N 27  
2D1 H7   H N N 28  
2D1 H8   H N N 29  
2D1 H9   H N N 30  
2D1 H10  H N N 31  
2D1 H11  H N N 32  
2D1 H12  H N N 33  
2D1 H13  H N N 34  
2D1 H14  H N N 35  
2D1 H15  H N N 36  
2D1 H16  H N N 37  
2D1 H17  H N N 38  
2D1 H18  H N N 39  
2D1 H19  H N N 40  
2D1 H20  H N N 41  
ALA N    N N N 42  
ALA CA   C N S 43  
ALA C    C N N 44  
ALA O    O N N 45  
ALA CB   C N N 46  
ALA OXT  O N N 47  
ALA H    H N N 48  
ALA H2   H N N 49  
ALA HA   H N N 50  
ALA HB1  H N N 51  
ALA HB2  H N N 52  
ALA HB3  H N N 53  
ALA HXT  H N N 54  
ARG N    N N N 55  
ARG CA   C N S 56  
ARG C    C N N 57  
ARG O    O N N 58  
ARG CB   C N N 59  
ARG CG   C N N 60  
ARG CD   C N N 61  
ARG NE   N N N 62  
ARG CZ   C N N 63  
ARG NH1  N N N 64  
ARG NH2  N N N 65  
ARG OXT  O N N 66  
ARG H    H N N 67  
ARG H2   H N N 68  
ARG HA   H N N 69  
ARG HB2  H N N 70  
ARG HB3  H N N 71  
ARG HG2  H N N 72  
ARG HG3  H N N 73  
ARG HD2  H N N 74  
ARG HD3  H N N 75  
ARG HE   H N N 76  
ARG HH11 H N N 77  
ARG HH12 H N N 78  
ARG HH21 H N N 79  
ARG HH22 H N N 80  
ARG HXT  H N N 81  
ASN N    N N N 82  
ASN CA   C N S 83  
ASN C    C N N 84  
ASN O    O N N 85  
ASN CB   C N N 86  
ASN CG   C N N 87  
ASN OD1  O N N 88  
ASN ND2  N N N 89  
ASN OXT  O N N 90  
ASN H    H N N 91  
ASN H2   H N N 92  
ASN HA   H N N 93  
ASN HB2  H N N 94  
ASN HB3  H N N 95  
ASN HD21 H N N 96  
ASN HD22 H N N 97  
ASN HXT  H N N 98  
ASP N    N N N 99  
ASP CA   C N S 100 
ASP C    C N N 101 
ASP O    O N N 102 
ASP CB   C N N 103 
ASP CG   C N N 104 
ASP OD1  O N N 105 
ASP OD2  O N N 106 
ASP OXT  O N N 107 
ASP H    H N N 108 
ASP H2   H N N 109 
ASP HA   H N N 110 
ASP HB2  H N N 111 
ASP HB3  H N N 112 
ASP HD2  H N N 113 
ASP HXT  H N N 114 
GLN N    N N N 115 
GLN CA   C N S 116 
GLN C    C N N 117 
GLN O    O N N 118 
GLN CB   C N N 119 
GLN CG   C N N 120 
GLN CD   C N N 121 
GLN OE1  O N N 122 
GLN NE2  N N N 123 
GLN OXT  O N N 124 
GLN H    H N N 125 
GLN H2   H N N 126 
GLN HA   H N N 127 
GLN HB2  H N N 128 
GLN HB3  H N N 129 
GLN HG2  H N N 130 
GLN HG3  H N N 131 
GLN HE21 H N N 132 
GLN HE22 H N N 133 
GLN HXT  H N N 134 
GLU N    N N N 135 
GLU CA   C N S 136 
GLU C    C N N 137 
GLU O    O N N 138 
GLU CB   C N N 139 
GLU CG   C N N 140 
GLU CD   C N N 141 
GLU OE1  O N N 142 
GLU OE2  O N N 143 
GLU OXT  O N N 144 
GLU H    H N N 145 
GLU H2   H N N 146 
GLU HA   H N N 147 
GLU HB2  H N N 148 
GLU HB3  H N N 149 
GLU HG2  H N N 150 
GLU HG3  H N N 151 
GLU HE2  H N N 152 
GLU HXT  H N N 153 
GLY N    N N N 154 
GLY CA   C N N 155 
GLY C    C N N 156 
GLY O    O N N 157 
GLY OXT  O N N 158 
GLY H    H N N 159 
GLY H2   H N N 160 
GLY HA2  H N N 161 
GLY HA3  H N N 162 
GLY HXT  H N N 163 
HIS N    N N N 164 
HIS CA   C N S 165 
HIS C    C N N 166 
HIS O    O N N 167 
HIS CB   C N N 168 
HIS CG   C Y N 169 
HIS ND1  N Y N 170 
HIS CD2  C Y N 171 
HIS CE1  C Y N 172 
HIS NE2  N Y N 173 
HIS OXT  O N N 174 
HIS H    H N N 175 
HIS H2   H N N 176 
HIS HA   H N N 177 
HIS HB2  H N N 178 
HIS HB3  H N N 179 
HIS HD1  H N N 180 
HIS HD2  H N N 181 
HIS HE1  H N N 182 
HIS HE2  H N N 183 
HIS HXT  H N N 184 
HOH O    O N N 185 
HOH H1   H N N 186 
HOH H2   H N N 187 
ILE N    N N N 188 
ILE CA   C N S 189 
ILE C    C N N 190 
ILE O    O N N 191 
ILE CB   C N S 192 
ILE CG1  C N N 193 
ILE CG2  C N N 194 
ILE CD1  C N N 195 
ILE OXT  O N N 196 
ILE H    H N N 197 
ILE H2   H N N 198 
ILE HA   H N N 199 
ILE HB   H N N 200 
ILE HG12 H N N 201 
ILE HG13 H N N 202 
ILE HG21 H N N 203 
ILE HG22 H N N 204 
ILE HG23 H N N 205 
ILE HD11 H N N 206 
ILE HD12 H N N 207 
ILE HD13 H N N 208 
ILE HXT  H N N 209 
LEU N    N N N 210 
LEU CA   C N S 211 
LEU C    C N N 212 
LEU O    O N N 213 
LEU CB   C N N 214 
LEU CG   C N N 215 
LEU CD1  C N N 216 
LEU CD2  C N N 217 
LEU OXT  O N N 218 
LEU H    H N N 219 
LEU H2   H N N 220 
LEU HA   H N N 221 
LEU HB2  H N N 222 
LEU HB3  H N N 223 
LEU HG   H N N 224 
LEU HD11 H N N 225 
LEU HD12 H N N 226 
LEU HD13 H N N 227 
LEU HD21 H N N 228 
LEU HD22 H N N 229 
LEU HD23 H N N 230 
LEU HXT  H N N 231 
LYS N    N N N 232 
LYS CA   C N S 233 
LYS C    C N N 234 
LYS O    O N N 235 
LYS CB   C N N 236 
LYS CG   C N N 237 
LYS CD   C N N 238 
LYS CE   C N N 239 
LYS NZ   N N N 240 
LYS OXT  O N N 241 
LYS H    H N N 242 
LYS H2   H N N 243 
LYS HA   H N N 244 
LYS HB2  H N N 245 
LYS HB3  H N N 246 
LYS HG2  H N N 247 
LYS HG3  H N N 248 
LYS HD2  H N N 249 
LYS HD3  H N N 250 
LYS HE2  H N N 251 
LYS HE3  H N N 252 
LYS HZ1  H N N 253 
LYS HZ2  H N N 254 
LYS HZ3  H N N 255 
LYS HXT  H N N 256 
MET N    N N N 257 
MET CA   C N S 258 
MET C    C N N 259 
MET O    O N N 260 
MET CB   C N N 261 
MET CG   C N N 262 
MET SD   S N N 263 
MET CE   C N N 264 
MET OXT  O N N 265 
MET H    H N N 266 
MET H2   H N N 267 
MET HA   H N N 268 
MET HB2  H N N 269 
MET HB3  H N N 270 
MET HG2  H N N 271 
MET HG3  H N N 272 
MET HE1  H N N 273 
MET HE2  H N N 274 
MET HE3  H N N 275 
MET HXT  H N N 276 
PHE N    N N N 277 
PHE CA   C N S 278 
PHE C    C N N 279 
PHE O    O N N 280 
PHE CB   C N N 281 
PHE CG   C Y N 282 
PHE CD1  C Y N 283 
PHE CD2  C Y N 284 
PHE CE1  C Y N 285 
PHE CE2  C Y N 286 
PHE CZ   C Y N 287 
PHE OXT  O N N 288 
PHE H    H N N 289 
PHE H2   H N N 290 
PHE HA   H N N 291 
PHE HB2  H N N 292 
PHE HB3  H N N 293 
PHE HD1  H N N 294 
PHE HD2  H N N 295 
PHE HE1  H N N 296 
PHE HE2  H N N 297 
PHE HZ   H N N 298 
PHE HXT  H N N 299 
PRO N    N N N 300 
PRO CA   C N S 301 
PRO C    C N N 302 
PRO O    O N N 303 
PRO CB   C N N 304 
PRO CG   C N N 305 
PRO CD   C N N 306 
PRO OXT  O N N 307 
PRO H    H N N 308 
PRO HA   H N N 309 
PRO HB2  H N N 310 
PRO HB3  H N N 311 
PRO HG2  H N N 312 
PRO HG3  H N N 313 
PRO HD2  H N N 314 
PRO HD3  H N N 315 
PRO HXT  H N N 316 
SER N    N N N 317 
SER CA   C N S 318 
SER C    C N N 319 
SER O    O N N 320 
SER CB   C N N 321 
SER OG   O N N 322 
SER OXT  O N N 323 
SER H    H N N 324 
SER H2   H N N 325 
SER HA   H N N 326 
SER HB2  H N N 327 
SER HB3  H N N 328 
SER HG   H N N 329 
SER HXT  H N N 330 
THR N    N N N 331 
THR CA   C N S 332 
THR C    C N N 333 
THR O    O N N 334 
THR CB   C N R 335 
THR OG1  O N N 336 
THR CG2  C N N 337 
THR OXT  O N N 338 
THR H    H N N 339 
THR H2   H N N 340 
THR HA   H N N 341 
THR HB   H N N 342 
THR HG1  H N N 343 
THR HG21 H N N 344 
THR HG22 H N N 345 
THR HG23 H N N 346 
THR HXT  H N N 347 
TRP N    N N N 348 
TRP CA   C N S 349 
TRP C    C N N 350 
TRP O    O N N 351 
TRP CB   C N N 352 
TRP CG   C Y N 353 
TRP CD1  C Y N 354 
TRP CD2  C Y N 355 
TRP NE1  N Y N 356 
TRP CE2  C Y N 357 
TRP CE3  C Y N 358 
TRP CZ2  C Y N 359 
TRP CZ3  C Y N 360 
TRP CH2  C Y N 361 
TRP OXT  O N N 362 
TRP H    H N N 363 
TRP H2   H N N 364 
TRP HA   H N N 365 
TRP HB2  H N N 366 
TRP HB3  H N N 367 
TRP HD1  H N N 368 
TRP HE1  H N N 369 
TRP HE3  H N N 370 
TRP HZ2  H N N 371 
TRP HZ3  H N N 372 
TRP HH2  H N N 373 
TRP HXT  H N N 374 
TYR N    N N N 375 
TYR CA   C N S 376 
TYR C    C N N 377 
TYR O    O N N 378 
TYR CB   C N N 379 
TYR CG   C Y N 380 
TYR CD1  C Y N 381 
TYR CD2  C Y N 382 
TYR CE1  C Y N 383 
TYR CE2  C Y N 384 
TYR CZ   C Y N 385 
TYR OH   O N N 386 
TYR OXT  O N N 387 
TYR H    H N N 388 
TYR H2   H N N 389 
TYR HA   H N N 390 
TYR HB2  H N N 391 
TYR HB3  H N N 392 
TYR HD1  H N N 393 
TYR HD2  H N N 394 
TYR HE1  H N N 395 
TYR HE2  H N N 396 
TYR HH   H N N 397 
TYR HXT  H N N 398 
VAL N    N N N 399 
VAL CA   C N S 400 
VAL C    C N N 401 
VAL O    O N N 402 
VAL CB   C N N 403 
VAL CG1  C N N 404 
VAL CG2  C N N 405 
VAL OXT  O N N 406 
VAL H    H N N 407 
VAL H2   H N N 408 
VAL HA   H N N 409 
VAL HB   H N N 410 
VAL HG11 H N N 411 
VAL HG12 H N N 412 
VAL HG13 H N N 413 
VAL HG21 H N N 414 
VAL HG22 H N N 415 
VAL HG23 H N N 416 
VAL HXT  H N N 417 
# 
loop_
_chem_comp_bond.comp_id 
_chem_comp_bond.atom_id_1 
_chem_comp_bond.atom_id_2 
_chem_comp_bond.value_order 
_chem_comp_bond.pdbx_aromatic_flag 
_chem_comp_bond.pdbx_stereo_config 
_chem_comp_bond.pdbx_ordinal 
2D1 C1  C2   sing N N 1   
2D1 O2  S1   doub N N 2   
2D1 C2  C3   sing N N 3   
2D1 C2  C4   sing N N 4   
2D1 C7  C8   doub Y N 5   
2D1 C7  C6   sing Y N 6   
2D1 S1  O1   doub N N 7   
2D1 S1  N1   sing N N 8   
2D1 S1  C6   sing N N 9   
2D1 C4  C5   sing N N 10  
2D1 C8  C9   sing Y N 11  
2D1 N1  C5   sing N N 12  
2D1 C6  C11  doub Y N 13  
2D1 N2  C14  doub Y N 14  
2D1 N2  C12  sing Y N 15  
2D1 C15 C14  sing N N 16  
2D1 C9  C12  sing N N 17  
2D1 C9  C10  doub Y N 18  
2D1 C11 C10  sing Y N 19  
2D1 C14 S2   sing Y N 20  
2D1 C12 C13  doub Y N 21  
2D1 C13 S2   sing Y N 22  
2D1 N1  H1   sing N N 23  
2D1 C5  H2   sing N N 24  
2D1 C5  H3   sing N N 25  
2D1 C4  H4   sing N N 26  
2D1 C4  H5   sing N N 27  
2D1 C2  H6   sing N N 28  
2D1 C3  H7   sing N N 29  
2D1 C3  H8   sing N N 30  
2D1 C3  H9   sing N N 31  
2D1 C1  H10  sing N N 32  
2D1 C1  H11  sing N N 33  
2D1 C1  H12  sing N N 34  
2D1 C11 H13  sing N N 35  
2D1 C10 H14  sing N N 36  
2D1 C8  H15  sing N N 37  
2D1 C7  H16  sing N N 38  
2D1 C15 H17  sing N N 39  
2D1 C15 H18  sing N N 40  
2D1 C15 H19  sing N N 41  
2D1 C13 H20  sing N N 42  
ALA N   CA   sing N N 43  
ALA N   H    sing N N 44  
ALA N   H2   sing N N 45  
ALA CA  C    sing N N 46  
ALA CA  CB   sing N N 47  
ALA CA  HA   sing N N 48  
ALA C   O    doub N N 49  
ALA C   OXT  sing N N 50  
ALA CB  HB1  sing N N 51  
ALA CB  HB2  sing N N 52  
ALA CB  HB3  sing N N 53  
ALA OXT HXT  sing N N 54  
ARG N   CA   sing N N 55  
ARG N   H    sing N N 56  
ARG N   H2   sing N N 57  
ARG CA  C    sing N N 58  
ARG CA  CB   sing N N 59  
ARG CA  HA   sing N N 60  
ARG C   O    doub N N 61  
ARG C   OXT  sing N N 62  
ARG CB  CG   sing N N 63  
ARG CB  HB2  sing N N 64  
ARG CB  HB3  sing N N 65  
ARG CG  CD   sing N N 66  
ARG CG  HG2  sing N N 67  
ARG CG  HG3  sing N N 68  
ARG CD  NE   sing N N 69  
ARG CD  HD2  sing N N 70  
ARG CD  HD3  sing N N 71  
ARG NE  CZ   sing N N 72  
ARG NE  HE   sing N N 73  
ARG CZ  NH1  sing N N 74  
ARG CZ  NH2  doub N N 75  
ARG NH1 HH11 sing N N 76  
ARG NH1 HH12 sing N N 77  
ARG NH2 HH21 sing N N 78  
ARG NH2 HH22 sing N N 79  
ARG OXT HXT  sing N N 80  
ASN N   CA   sing N N 81  
ASN N   H    sing N N 82  
ASN N   H2   sing N N 83  
ASN CA  C    sing N N 84  
ASN CA  CB   sing N N 85  
ASN CA  HA   sing N N 86  
ASN C   O    doub N N 87  
ASN C   OXT  sing N N 88  
ASN CB  CG   sing N N 89  
ASN CB  HB2  sing N N 90  
ASN CB  HB3  sing N N 91  
ASN CG  OD1  doub N N 92  
ASN CG  ND2  sing N N 93  
ASN ND2 HD21 sing N N 94  
ASN ND2 HD22 sing N N 95  
ASN OXT HXT  sing N N 96  
ASP N   CA   sing N N 97  
ASP N   H    sing N N 98  
ASP N   H2   sing N N 99  
ASP CA  C    sing N N 100 
ASP CA  CB   sing N N 101 
ASP CA  HA   sing N N 102 
ASP C   O    doub N N 103 
ASP C   OXT  sing N N 104 
ASP CB  CG   sing N N 105 
ASP CB  HB2  sing N N 106 
ASP CB  HB3  sing N N 107 
ASP CG  OD1  doub N N 108 
ASP CG  OD2  sing N N 109 
ASP OD2 HD2  sing N N 110 
ASP OXT HXT  sing N N 111 
GLN N   CA   sing N N 112 
GLN N   H    sing N N 113 
GLN N   H2   sing N N 114 
GLN CA  C    sing N N 115 
GLN CA  CB   sing N N 116 
GLN CA  HA   sing N N 117 
GLN C   O    doub N N 118 
GLN C   OXT  sing N N 119 
GLN CB  CG   sing N N 120 
GLN CB  HB2  sing N N 121 
GLN CB  HB3  sing N N 122 
GLN CG  CD   sing N N 123 
GLN CG  HG2  sing N N 124 
GLN CG  HG3  sing N N 125 
GLN CD  OE1  doub N N 126 
GLN CD  NE2  sing N N 127 
GLN NE2 HE21 sing N N 128 
GLN NE2 HE22 sing N N 129 
GLN OXT HXT  sing N N 130 
GLU N   CA   sing N N 131 
GLU N   H    sing N N 132 
GLU N   H2   sing N N 133 
GLU CA  C    sing N N 134 
GLU CA  CB   sing N N 135 
GLU CA  HA   sing N N 136 
GLU C   O    doub N N 137 
GLU C   OXT  sing N N 138 
GLU CB  CG   sing N N 139 
GLU CB  HB2  sing N N 140 
GLU CB  HB3  sing N N 141 
GLU CG  CD   sing N N 142 
GLU CG  HG2  sing N N 143 
GLU CG  HG3  sing N N 144 
GLU CD  OE1  doub N N 145 
GLU CD  OE2  sing N N 146 
GLU OE2 HE2  sing N N 147 
GLU OXT HXT  sing N N 148 
GLY N   CA   sing N N 149 
GLY N   H    sing N N 150 
GLY N   H2   sing N N 151 
GLY CA  C    sing N N 152 
GLY CA  HA2  sing N N 153 
GLY CA  HA3  sing N N 154 
GLY C   O    doub N N 155 
GLY C   OXT  sing N N 156 
GLY OXT HXT  sing N N 157 
HIS N   CA   sing N N 158 
HIS N   H    sing N N 159 
HIS N   H2   sing N N 160 
HIS CA  C    sing N N 161 
HIS CA  CB   sing N N 162 
HIS CA  HA   sing N N 163 
HIS C   O    doub N N 164 
HIS C   OXT  sing N N 165 
HIS CB  CG   sing N N 166 
HIS CB  HB2  sing N N 167 
HIS CB  HB3  sing N N 168 
HIS CG  ND1  sing Y N 169 
HIS CG  CD2  doub Y N 170 
HIS ND1 CE1  doub Y N 171 
HIS ND1 HD1  sing N N 172 
HIS CD2 NE2  sing Y N 173 
HIS CD2 HD2  sing N N 174 
HIS CE1 NE2  sing Y N 175 
HIS CE1 HE1  sing N N 176 
HIS NE2 HE2  sing N N 177 
HIS OXT HXT  sing N N 178 
HOH O   H1   sing N N 179 
HOH O   H2   sing N N 180 
ILE N   CA   sing N N 181 
ILE N   H    sing N N 182 
ILE N   H2   sing N N 183 
ILE CA  C    sing N N 184 
ILE CA  CB   sing N N 185 
ILE CA  HA   sing N N 186 
ILE C   O    doub N N 187 
ILE C   OXT  sing N N 188 
ILE CB  CG1  sing N N 189 
ILE CB  CG2  sing N N 190 
ILE CB  HB   sing N N 191 
ILE CG1 CD1  sing N N 192 
ILE CG1 HG12 sing N N 193 
ILE CG1 HG13 sing N N 194 
ILE CG2 HG21 sing N N 195 
ILE CG2 HG22 sing N N 196 
ILE CG2 HG23 sing N N 197 
ILE CD1 HD11 sing N N 198 
ILE CD1 HD12 sing N N 199 
ILE CD1 HD13 sing N N 200 
ILE OXT HXT  sing N N 201 
LEU N   CA   sing N N 202 
LEU N   H    sing N N 203 
LEU N   H2   sing N N 204 
LEU CA  C    sing N N 205 
LEU CA  CB   sing N N 206 
LEU CA  HA   sing N N 207 
LEU C   O    doub N N 208 
LEU C   OXT  sing N N 209 
LEU CB  CG   sing N N 210 
LEU CB  HB2  sing N N 211 
LEU CB  HB3  sing N N 212 
LEU CG  CD1  sing N N 213 
LEU CG  CD2  sing N N 214 
LEU CG  HG   sing N N 215 
LEU CD1 HD11 sing N N 216 
LEU CD1 HD12 sing N N 217 
LEU CD1 HD13 sing N N 218 
LEU CD2 HD21 sing N N 219 
LEU CD2 HD22 sing N N 220 
LEU CD2 HD23 sing N N 221 
LEU OXT HXT  sing N N 222 
LYS N   CA   sing N N 223 
LYS N   H    sing N N 224 
LYS N   H2   sing N N 225 
LYS CA  C    sing N N 226 
LYS CA  CB   sing N N 227 
LYS CA  HA   sing N N 228 
LYS C   O    doub N N 229 
LYS C   OXT  sing N N 230 
LYS CB  CG   sing N N 231 
LYS CB  HB2  sing N N 232 
LYS CB  HB3  sing N N 233 
LYS CG  CD   sing N N 234 
LYS CG  HG2  sing N N 235 
LYS CG  HG3  sing N N 236 
LYS CD  CE   sing N N 237 
LYS CD  HD2  sing N N 238 
LYS CD  HD3  sing N N 239 
LYS CE  NZ   sing N N 240 
LYS CE  HE2  sing N N 241 
LYS CE  HE3  sing N N 242 
LYS NZ  HZ1  sing N N 243 
LYS NZ  HZ2  sing N N 244 
LYS NZ  HZ3  sing N N 245 
LYS OXT HXT  sing N N 246 
MET N   CA   sing N N 247 
MET N   H    sing N N 248 
MET N   H2   sing N N 249 
MET CA  C    sing N N 250 
MET CA  CB   sing N N 251 
MET CA  HA   sing N N 252 
MET C   O    doub N N 253 
MET C   OXT  sing N N 254 
MET CB  CG   sing N N 255 
MET CB  HB2  sing N N 256 
MET CB  HB3  sing N N 257 
MET CG  SD   sing N N 258 
MET CG  HG2  sing N N 259 
MET CG  HG3  sing N N 260 
MET SD  CE   sing N N 261 
MET CE  HE1  sing N N 262 
MET CE  HE2  sing N N 263 
MET CE  HE3  sing N N 264 
MET OXT HXT  sing N N 265 
PHE N   CA   sing N N 266 
PHE N   H    sing N N 267 
PHE N   H2   sing N N 268 
PHE CA  C    sing N N 269 
PHE CA  CB   sing N N 270 
PHE CA  HA   sing N N 271 
PHE C   O    doub N N 272 
PHE C   OXT  sing N N 273 
PHE CB  CG   sing N N 274 
PHE CB  HB2  sing N N 275 
PHE CB  HB3  sing N N 276 
PHE CG  CD1  doub Y N 277 
PHE CG  CD2  sing Y N 278 
PHE CD1 CE1  sing Y N 279 
PHE CD1 HD1  sing N N 280 
PHE CD2 CE2  doub Y N 281 
PHE CD2 HD2  sing N N 282 
PHE CE1 CZ   doub Y N 283 
PHE CE1 HE1  sing N N 284 
PHE CE2 CZ   sing Y N 285 
PHE CE2 HE2  sing N N 286 
PHE CZ  HZ   sing N N 287 
PHE OXT HXT  sing N N 288 
PRO N   CA   sing N N 289 
PRO N   CD   sing N N 290 
PRO N   H    sing N N 291 
PRO CA  C    sing N N 292 
PRO CA  CB   sing N N 293 
PRO CA  HA   sing N N 294 
PRO C   O    doub N N 295 
PRO C   OXT  sing N N 296 
PRO CB  CG   sing N N 297 
PRO CB  HB2  sing N N 298 
PRO CB  HB3  sing N N 299 
PRO CG  CD   sing N N 300 
PRO CG  HG2  sing N N 301 
PRO CG  HG3  sing N N 302 
PRO CD  HD2  sing N N 303 
PRO CD  HD3  sing N N 304 
PRO OXT HXT  sing N N 305 
SER N   CA   sing N N 306 
SER N   H    sing N N 307 
SER N   H2   sing N N 308 
SER CA  C    sing N N 309 
SER CA  CB   sing N N 310 
SER CA  HA   sing N N 311 
SER C   O    doub N N 312 
SER C   OXT  sing N N 313 
SER CB  OG   sing N N 314 
SER CB  HB2  sing N N 315 
SER CB  HB3  sing N N 316 
SER OG  HG   sing N N 317 
SER OXT HXT  sing N N 318 
THR N   CA   sing N N 319 
THR N   H    sing N N 320 
THR N   H2   sing N N 321 
THR CA  C    sing N N 322 
THR CA  CB   sing N N 323 
THR CA  HA   sing N N 324 
THR C   O    doub N N 325 
THR C   OXT  sing N N 326 
THR CB  OG1  sing N N 327 
THR CB  CG2  sing N N 328 
THR CB  HB   sing N N 329 
THR OG1 HG1  sing N N 330 
THR CG2 HG21 sing N N 331 
THR CG2 HG22 sing N N 332 
THR CG2 HG23 sing N N 333 
THR OXT HXT  sing N N 334 
TRP N   CA   sing N N 335 
TRP N   H    sing N N 336 
TRP N   H2   sing N N 337 
TRP CA  C    sing N N 338 
TRP CA  CB   sing N N 339 
TRP CA  HA   sing N N 340 
TRP C   O    doub N N 341 
TRP C   OXT  sing N N 342 
TRP CB  CG   sing N N 343 
TRP CB  HB2  sing N N 344 
TRP CB  HB3  sing N N 345 
TRP CG  CD1  doub Y N 346 
TRP CG  CD2  sing Y N 347 
TRP CD1 NE1  sing Y N 348 
TRP CD1 HD1  sing N N 349 
TRP CD2 CE2  doub Y N 350 
TRP CD2 CE3  sing Y N 351 
TRP NE1 CE2  sing Y N 352 
TRP NE1 HE1  sing N N 353 
TRP CE2 CZ2  sing Y N 354 
TRP CE3 CZ3  doub Y N 355 
TRP CE3 HE3  sing N N 356 
TRP CZ2 CH2  doub Y N 357 
TRP CZ2 HZ2  sing N N 358 
TRP CZ3 CH2  sing Y N 359 
TRP CZ3 HZ3  sing N N 360 
TRP CH2 HH2  sing N N 361 
TRP OXT HXT  sing N N 362 
TYR N   CA   sing N N 363 
TYR N   H    sing N N 364 
TYR N   H2   sing N N 365 
TYR CA  C    sing N N 366 
TYR CA  CB   sing N N 367 
TYR CA  HA   sing N N 368 
TYR C   O    doub N N 369 
TYR C   OXT  sing N N 370 
TYR CB  CG   sing N N 371 
TYR CB  HB2  sing N N 372 
TYR CB  HB3  sing N N 373 
TYR CG  CD1  doub Y N 374 
TYR CG  CD2  sing Y N 375 
TYR CD1 CE1  sing Y N 376 
TYR CD1 HD1  sing N N 377 
TYR CD2 CE2  doub Y N 378 
TYR CD2 HD2  sing N N 379 
TYR CE1 CZ   doub Y N 380 
TYR CE1 HE1  sing N N 381 
TYR CE2 CZ   sing Y N 382 
TYR CE2 HE2  sing N N 383 
TYR CZ  OH   sing N N 384 
TYR OH  HH   sing N N 385 
TYR OXT HXT  sing N N 386 
VAL N   CA   sing N N 387 
VAL N   H    sing N N 388 
VAL N   H2   sing N N 389 
VAL CA  C    sing N N 390 
VAL CA  CB   sing N N 391 
VAL CA  HA   sing N N 392 
VAL C   O    doub N N 393 
VAL C   OXT  sing N N 394 
VAL CB  CG1  sing N N 395 
VAL CB  CG2  sing N N 396 
VAL CB  HB   sing N N 397 
VAL CG1 HG11 sing N N 398 
VAL CG1 HG12 sing N N 399 
VAL CG1 HG13 sing N N 400 
VAL CG2 HG21 sing N N 401 
VAL CG2 HG22 sing N N 402 
VAL CG2 HG23 sing N N 403 
VAL OXT HXT  sing N N 404 
# 
_atom_sites.entry_id                    4M3F 
_atom_sites.fract_transf_matrix[1][1]   -0.00168506 
_atom_sites.fract_transf_matrix[1][2]   0.00607000 
_atom_sites.fract_transf_matrix[1][3]   0.00533950 
_atom_sites.fract_transf_matrix[2][1]   -0.00802142 
_atom_sites.fract_transf_matrix[2][2]   -0.00057666 
_atom_sites.fract_transf_matrix[2][3]   -0.00187587 
_atom_sites.fract_transf_matrix[3][1]   -0.00359843 
_atom_sites.fract_transf_matrix[3][2]   -0.01992149 
_atom_sites.fract_transf_matrix[3][3]   0.02151135 
_atom_sites.fract_transf_vector[1]      0.140527 
_atom_sites.fract_transf_vector[2]      0.288067 
_atom_sites.fract_transf_vector[3]      0.010984 
# 
loop_
_atom_type.symbol 
C 
N 
O 
S 
# 
loop_
_atom_site.group_PDB 
_atom_site.id 
_atom_site.type_symbol 
_atom_site.label_atom_id 
_atom_site.label_alt_id 
_atom_site.label_comp_id 
_atom_site.label_asym_id 
_atom_site.label_entity_id 
_atom_site.label_seq_id 
_atom_site.pdbx_PDB_ins_code 
_atom_site.Cartn_x 
_atom_site.Cartn_y 
_atom_site.Cartn_z 
_atom_site.occupancy 
_atom_site.B_iso_or_equiv 
_atom_site.pdbx_formal_charge 
_atom_site.auth_seq_id 
_atom_site.auth_comp_id 
_atom_site.auth_asym_id 
_atom_site.auth_atom_id 
_atom_site.pdbx_PDB_model_num 
ATOM   1    N N   . GLY A 1 22  ? -28.274 -1.972  -6.758  1.00 69.64 ? 22  GLY A N   1 
ATOM   2    C CA  . GLY A 1 22  ? -28.127 -2.748  -5.499  1.00 69.55 ? 22  GLY A CA  1 
ATOM   3    C C   . GLY A 1 22  ? -26.674 -2.900  -5.075  1.00 69.92 ? 22  GLY A C   1 
ATOM   4    O O   . GLY A 1 22  ? -26.292 -2.446  -3.991  1.00 69.58 ? 22  GLY A O   1 
ATOM   5    N N   . ASP A 1 23  ? -25.872 -3.552  -5.930  1.00 69.73 ? 23  ASP A N   1 
ATOM   6    C CA  . ASP A 1 23  ? -24.421 -3.810  -5.703  1.00 69.08 ? 23  ASP A CA  1 
ATOM   7    C C   . ASP A 1 23  ? -23.600 -2.786  -6.486  1.00 68.19 ? 23  ASP A C   1 
ATOM   8    O O   . ASP A 1 23  ? -22.486 -2.401  -6.082  1.00 68.05 ? 23  ASP A O   1 
ATOM   9    C CB  . ASP A 1 23  ? -24.057 -5.245  -6.173  1.00 69.83 ? 23  ASP A CB  1 
ATOM   10   C CG  . ASP A 1 23  ? -22.672 -5.720  -5.682  1.00 71.11 ? 23  ASP A CG  1 
ATOM   11   O OD1 . ASP A 1 23  ? -22.629 -6.654  -4.838  1.00 71.14 ? 23  ASP A OD1 1 
ATOM   12   O OD2 . ASP A 1 23  ? -21.634 -5.168  -6.136  1.00 72.07 ? 23  ASP A OD2 1 
ATOM   13   N N   . ASP A 1 24  ? -24.162 -2.412  -7.642  1.00 66.85 ? 24  ASP A N   1 
ATOM   14   C CA  . ASP A 1 24  ? -23.814 -1.229  -8.420  1.00 65.16 ? 24  ASP A CA  1 
ATOM   15   C C   . ASP A 1 24  ? -23.682 0.003   -7.552  1.00 63.10 ? 24  ASP A C   1 
ATOM   16   O O   . ASP A 1 24  ? -22.735 0.781   -7.706  1.00 62.73 ? 24  ASP A O   1 
ATOM   17   C CB  . ASP A 1 24  ? -24.957 -0.921  -9.397  1.00 66.05 ? 24  ASP A CB  1 
ATOM   18   C CG  . ASP A 1 24  ? -24.718 -1.490  -10.782 1.00 68.37 ? 24  ASP A CG  1 
ATOM   19   O OD1 . ASP A 1 24  ? -24.263 -2.657  -10.874 1.00 71.48 ? 24  ASP A OD1 1 
ATOM   20   O OD2 . ASP A 1 24  ? -24.999 -0.771  -11.776 1.00 69.38 ? 24  ASP A OD2 1 
ATOM   21   N N   . ARG A 1 25  ? -24.668 0.198   -6.672  1.00 60.15 ? 25  ARG A N   1 
ATOM   22   C CA  . ARG A 1 25  ? -24.744 1.408   -5.885  1.00 57.31 ? 25  ARG A CA  1 
ATOM   23   C C   . ARG A 1 25  ? -23.526 1.493   -4.968  1.00 55.00 ? 25  ARG A C   1 
ATOM   24   O O   . ARG A 1 25  ? -22.884 2.529   -4.888  1.00 54.02 ? 25  ARG A O   1 
ATOM   25   C CB  . ARG A 1 25  ? -26.089 1.502   -5.157  1.00 57.37 ? 25  ARG A CB  1 
ATOM   26   C CG  . ARG A 1 25  ? -27.233 1.964   -6.123  1.00 59.29 ? 25  ARG A CG  1 
ATOM   27   C CD  . ARG A 1 25  ? -28.534 2.452   -5.428  1.00 62.13 ? 25  ARG A CD  1 
ATOM   28   N NE  . ARG A 1 25  ? -29.259 1.404   -4.691  1.00 65.01 ? 25  ARG A NE  1 
ATOM   29   C CZ  . ARG A 1 25  ? -30.530 1.476   -4.267  1.00 65.51 ? 25  ARG A CZ  1 
ATOM   30   N NH1 . ARG A 1 25  ? -31.300 2.544   -4.507  1.00 62.26 ? 25  ARG A NH1 1 
ATOM   31   N NH2 . ARG A 1 25  ? -31.035 0.449   -3.597  1.00 66.15 ? 25  ARG A NH2 1 
ATOM   32   N N   . GLU A 1 26  ? -23.184 0.380   -4.324  1.00 52.66 ? 26  GLU A N   1 
ATOM   33   C CA  . GLU A 1 26  ? -21.982 0.315   -3.521  1.00 50.50 ? 26  GLU A CA  1 
ATOM   34   C C   . GLU A 1 26  ? -20.720 0.694   -4.316  1.00 49.48 ? 26  GLU A C   1 
ATOM   35   O O   . GLU A 1 26  ? -19.920 1.528   -3.859  1.00 48.76 ? 26  GLU A O   1 
ATOM   36   C CB  . GLU A 1 26  ? -21.799 -1.057  -2.906  1.00 50.06 ? 26  GLU A CB  1 
ATOM   37   C CG  . GLU A 1 26  ? -20.837 -0.981  -1.751  1.00 50.97 ? 26  GLU A CG  1 
ATOM   38   C CD  . GLU A 1 26  ? -20.672 -2.254  -0.981  1.00 53.09 ? 26  GLU A CD  1 
ATOM   39   O OE1 . GLU A 1 26  ? -21.684 -2.898  -0.641  1.00 54.27 ? 26  GLU A OE1 1 
ATOM   40   O OE2 . GLU A 1 26  ? -19.504 -2.581  -0.682  1.00 54.56 ? 26  GLU A OE2 1 
ATOM   41   N N   . LEU A 1 27  ? -20.554 0.080   -5.495  1.00 48.22 ? 27  LEU A N   1 
ATOM   42   C CA  . LEU A 1 27  ? -19.402 0.338   -6.354  1.00 46.82 ? 27  LEU A CA  1 
ATOM   43   C C   . LEU A 1 27  ? -19.373 1.804   -6.774  1.00 45.63 ? 27  LEU A C   1 
ATOM   44   O O   . LEU A 1 27  ? -18.303 2.444   -6.777  1.00 45.29 ? 27  LEU A O   1 
ATOM   45   C CB  . LEU A 1 27  ? -19.341 -0.620  -7.564  1.00 47.11 ? 27  LEU A CB  1 
ATOM   46   C CG  . LEU A 1 27  ? -18.936 -2.097  -7.313  1.00 49.03 ? 27  LEU A CG  1 
ATOM   47   C CD1 . LEU A 1 27  ? -19.053 -2.938  -8.626  1.00 48.68 ? 27  LEU A CD1 1 
ATOM   48   C CD2 . LEU A 1 27  ? -17.496 -2.261  -6.705  1.00 49.11 ? 27  LEU A CD2 1 
ATOM   49   N N   . ALA A 1 28  ? -20.559 2.341   -7.075  1.00 43.43 ? 28  ALA A N   1 
ATOM   50   C CA  . ALA A 1 28  ? -20.716 3.732   -7.466  1.00 42.13 ? 28  ALA A CA  1 
ATOM   51   C C   . ALA A 1 28  ? -20.369 4.704   -6.339  1.00 40.86 ? 28  ALA A C   1 
ATOM   52   O O   . ALA A 1 28  ? -19.848 5.803   -6.589  1.00 41.05 ? 28  ALA A O   1 
ATOM   53   C CB  . ALA A 1 28  ? -22.184 3.998   -7.960  1.00 42.66 ? 28  ALA A CB  1 
ATOM   54   N N   . ILE A 1 29  ? -20.729 4.346   -5.108  1.00 38.95 ? 29  ILE A N   1 
ATOM   55   C CA  . ILE A 1 29  ? -20.416 5.211   -3.964  1.00 36.47 ? 29  ILE A CA  1 
ATOM   56   C C   . ILE A 1 29  ? -18.870 5.186   -3.809  1.00 35.96 ? 29  ILE A C   1 
ATOM   57   O O   . ILE A 1 29  ? -18.245 6.209   -3.499  1.00 36.35 ? 29  ILE A O   1 
ATOM   58   C CB  . ILE A 1 29  ? -21.001 4.641   -2.671  1.00 35.99 ? 29  ILE A CB  1 
ATOM   59   C CG1 . ILE A 1 29  ? -22.516 4.758   -2.642  1.00 34.80 ? 29  ILE A CG1 1 
ATOM   60   C CG2 . ILE A 1 29  ? -20.366 5.295   -1.387  1.00 33.55 ? 29  ILE A CG2 1 
ATOM   61   C CD1 . ILE A 1 29  ? -23.103 4.292   -1.323  1.00 34.78 ? 29  ILE A CD1 1 
ATOM   62   N N   . LEU A 1 30  ? -18.296 3.995   -3.991  1.00 34.48 ? 30  LEU A N   1 
ATOM   63   C CA  . LEU A 1 30  ? -16.848 3.758   -3.851  1.00 33.94 ? 30  LEU A CA  1 
ATOM   64   C C   . LEU A 1 30  ? -16.020 4.456   -4.943  1.00 34.09 ? 30  LEU A C   1 
ATOM   65   O O   . LEU A 1 30  ? -14.976 5.106   -4.626  1.00 32.76 ? 30  LEU A O   1 
ATOM   66   C CB  . LEU A 1 30  ? -16.544 2.257   -3.896  1.00 32.83 ? 30  LEU A CB  1 
ATOM   67   C CG  . LEU A 1 30  ? -16.865 1.380   -2.697  1.00 34.91 ? 30  LEU A CG  1 
ATOM   68   C CD1 . LEU A 1 30  ? -16.680 -0.133  -3.086  1.00 32.66 ? 30  LEU A CD1 1 
ATOM   69   C CD2 . LEU A 1 30  ? -16.011 1.812   -1.466  1.00 31.30 ? 30  LEU A CD2 1 
ATOM   70   N N   . ALA A 1 31  ? -16.468 4.312   -6.205  1.00 33.01 ? 31  ALA A N   1 
ATOM   71   C CA  . ALA A 1 31  ? -15.853 5.072   -7.323  1.00 34.06 ? 31  ALA A CA  1 
ATOM   72   C C   . ALA A 1 31  ? -16.003 6.578   -7.166  1.00 34.18 ? 31  ALA A C   1 
ATOM   73   O O   . ALA A 1 31  ? -15.106 7.346   -7.575  1.00 32.85 ? 31  ALA A O   1 
ATOM   74   C CB  . ALA A 1 31  ? -16.344 4.570   -8.729  1.00 33.42 ? 31  ALA A CB  1 
ATOM   75   N N   . THR A 1 32  ? -17.071 7.009   -6.473  1.00 35.29 ? 32  THR A N   1 
ATOM   76   C CA  . THR A 1 32  ? -17.325 8.451   -6.333  1.00 36.31 ? 32  THR A CA  1 
ATOM   77   C C   . THR A 1 32  ? -16.377 9.027   -5.311  1.00 36.89 ? 32  THR A C   1 
ATOM   78   O O   . THR A 1 32  ? -15.765 10.053  -5.570  1.00 38.85 ? 32  THR A O   1 
ATOM   79   C CB  . THR A 1 32  ? -18.724 8.808   -5.886  1.00 36.55 ? 32  THR A CB  1 
ATOM   80   O OG1 . THR A 1 32  ? -19.631 8.402   -6.894  1.00 37.11 ? 32  THR A OG1 1 
ATOM   81   C CG2 . THR A 1 32  ? -18.879 10.353  -5.683  1.00 32.86 ? 32  THR A CG2 1 
ATOM   82   N N   . ALA A 1 33  ? -16.282 8.398   -4.136  1.00 36.89 ? 33  ALA A N   1 
ATOM   83   C CA  . ALA A 1 33  ? -15.299 8.833   -3.144  1.00 36.08 ? 33  ALA A CA  1 
ATOM   84   C C   . ALA A 1 33  ? -13.869 8.814   -3.757  1.00 36.03 ? 33  ALA A C   1 
ATOM   85   O O   . ALA A 1 33  ? -13.118 9.736   -3.561  1.00 36.65 ? 33  ALA A O   1 
ATOM   86   C CB  . ALA A 1 33  ? -15.374 7.949   -1.910  1.00 35.46 ? 33  ALA A CB  1 
ATOM   87   N N   . GLU A 1 34  ? -13.496 7.757   -4.476  1.00 37.49 ? 34  GLU A N   1 
ATOM   88   C CA  . GLU A 1 34  ? -12.153 7.720   -5.094  1.00 39.07 ? 34  GLU A CA  1 
ATOM   89   C C   . GLU A 1 34  ? -11.899 8.974   -5.984  1.00 39.90 ? 34  GLU A C   1 
ATOM   90   O O   . GLU A 1 34  ? -10.875 9.674   -5.817  1.00 36.70 ? 34  GLU A O   1 
ATOM   91   C CB  . GLU A 1 34  ? -11.864 6.418   -5.863  1.00 39.33 ? 34  GLU A CB  1 
ATOM   92   C CG  . GLU A 1 34  ? -10.346 6.347   -6.269  1.00 41.50 ? 34  GLU A CG  1 
ATOM   93   C CD  . GLU A 1 34  ? -9.788  4.948   -6.411  1.00 44.07 ? 34  GLU A CD  1 
ATOM   94   O OE1 . GLU A 1 34  ? -10.560 3.970   -6.436  1.00 45.82 ? 34  GLU A OE1 1 
ATOM   95   O OE2 . GLU A 1 34  ? -8.543  4.807   -6.478  1.00 47.33 ? 34  GLU A OE2 1 
ATOM   96   N N   . ASN A 1 35  ? -12.863 9.265   -6.871  1.00 41.15 ? 35  ASN A N   1 
ATOM   97   C CA  . ASN A 1 35  ? -12.805 10.481  -7.685  1.00 43.87 ? 35  ASN A CA  1 
ATOM   98   C C   . ASN A 1 35  ? -12.735 11.748  -6.867  1.00 43.89 ? 35  ASN A C   1 
ATOM   99   O O   . ASN A 1 35  ? -11.866 12.572  -7.119  1.00 45.03 ? 35  ASN A O   1 
ATOM   100  C CB  . ASN A 1 35  ? -13.877 10.546  -8.793  1.00 44.03 ? 35  ASN A CB  1 
ATOM   101  C CG  . ASN A 1 35  ? -13.769 9.357   -9.753  1.00 48.36 ? 35  ASN A CG  1 
ATOM   102  O OD1 . ASN A 1 35  ? -12.682 8.804   -9.967  1.00 52.99 ? 35  ASN A OD1 1 
ATOM   103  N ND2 . ASN A 1 35  ? -14.896 8.923   -10.295 1.00 52.61 ? 35  ASN A ND2 1 
ATOM   104  N N   . LEU A 1 36  ? -13.598 11.891  -5.869  1.00 43.96 ? 36  LEU A N   1 
ATOM   105  C CA  . LEU A 1 36  ? -13.591 13.121  -5.102  1.00 44.58 ? 36  LEU A CA  1 
ATOM   106  C C   . LEU A 1 36  ? -12.323 13.292  -4.280  1.00 45.64 ? 36  LEU A C   1 
ATOM   107  O O   . LEU A 1 36  ? -11.943 14.430  -3.959  1.00 46.02 ? 36  LEU A O   1 
ATOM   108  C CB  . LEU A 1 36  ? -14.867 13.294  -4.228  1.00 45.31 ? 36  LEU A CB  1 
ATOM   109  C CG  . LEU A 1 36  ? -16.206 13.562  -4.988  1.00 45.17 ? 36  LEU A CG  1 
ATOM   110  C CD1 . LEU A 1 36  ? -17.376 13.458  -4.028  1.00 44.08 ? 36  LEU A CD1 1 
ATOM   111  C CD2 . LEU A 1 36  ? -16.234 14.920  -5.729  1.00 43.65 ? 36  LEU A CD2 1 
ATOM   112  N N   . LEU A 1 37  ? -11.663 12.184  -3.935  1.00 45.68 ? 37  LEU A N   1 
ATOM   113  C CA  . LEU A 1 37  ? -10.424 12.282  -3.159  1.00 46.36 ? 37  LEU A CA  1 
ATOM   114  C C   . LEU A 1 37  ? -9.205  12.742  -3.993  1.00 47.28 ? 37  LEU A C   1 
ATOM   115  O O   . LEU A 1 37  ? -8.213  13.168  -3.419  1.00 46.63 ? 37  LEU A O   1 
ATOM   116  C CB  . LEU A 1 37  ? -10.118 10.993  -2.368  1.00 45.29 ? 37  LEU A CB  1 
ATOM   117  C CG  . LEU A 1 37  ? -10.973 10.759  -1.124  1.00 44.22 ? 37  LEU A CG  1 
ATOM   118  C CD1 . LEU A 1 37  ? -11.000 9.313   -0.752  1.00 41.00 ? 37  LEU A CD1 1 
ATOM   119  C CD2 . LEU A 1 37  ? -10.624 11.639  0.073   1.00 39.88 ? 37  LEU A CD2 1 
ATOM   120  N N   . GLU A 1 38  ? -9.269  12.612  -5.326  1.00 49.25 ? 38  GLU A N   1 
ATOM   121  C CA  . GLU A 1 38  ? -8.267  13.204  -6.207  1.00 51.83 ? 38  GLU A CA  1 
ATOM   122  C C   . GLU A 1 38  ? -8.206  14.713  -6.013  1.00 53.29 ? 38  GLU A C   1 
ATOM   123  O O   . GLU A 1 38  ? -7.133  15.264  -5.914  1.00 53.35 ? 38  GLU A O   1 
ATOM   124  C CB  . GLU A 1 38  ? -8.570  12.906  -7.659  1.00 52.14 ? 38  GLU A CB  1 
ATOM   125  C CG  . GLU A 1 38  ? -7.596  11.951  -8.293  1.00 55.33 ? 38  GLU A CG  1 
ATOM   126  C CD  . GLU A 1 38  ? -8.131  10.537  -8.377  1.00 59.79 ? 38  GLU A CD  1 
ATOM   127  O OE1 . GLU A 1 38  ? -8.886  10.109  -7.465  1.00 62.26 ? 38  GLU A OE1 1 
ATOM   128  O OE2 . GLU A 1 38  ? -7.794  9.846   -9.365  1.00 58.84 ? 38  GLU A OE2 1 
ATOM   129  N N   . ASP A 1 39  ? -9.374  15.355  -5.913  1.00 55.24 ? 39  ASP A N   1 
ATOM   130  C CA  . ASP A 1 39  ? -9.491  16.808  -5.700  1.00 57.30 ? 39  ASP A CA  1 
ATOM   131  C C   . ASP A 1 39  ? -9.382  17.376  -4.274  1.00 57.34 ? 39  ASP A C   1 
ATOM   132  O O   . ASP A 1 39  ? -8.839  18.444  -4.104  1.00 57.72 ? 39  ASP A O   1 
ATOM   133  C CB  . ASP A 1 39  ? -10.780 17.312  -6.338  1.00 57.93 ? 39  ASP A CB  1 
ATOM   134  C CG  . ASP A 1 39  ? -10.710 17.304  -7.848  1.00 61.63 ? 39  ASP A CG  1 
ATOM   135  O OD1 . ASP A 1 39  ? -9.618  17.071  -8.437  1.00 65.46 ? 39  ASP A OD1 1 
ATOM   136  O OD2 . ASP A 1 39  ? -11.755 17.530  -8.459  1.00 65.94 ? 39  ASP A OD2 1 
ATOM   137  N N   . ARG A 1 40  ? -9.915  16.695  -3.262  1.00 57.59 ? 40  ARG A N   1 
ATOM   138  C CA  . ARG A 1 40  ? -9.985  17.262  -1.899  1.00 57.10 ? 40  ARG A CA  1 
ATOM   139  C C   . ARG A 1 40  ? -9.888  16.213  -0.817  1.00 57.02 ? 40  ARG A C   1 
ATOM   140  O O   . ARG A 1 40  ? -10.101 15.030  -1.104  1.00 56.59 ? 40  ARG A O   1 
ATOM   141  C CB  . ARG A 1 40  ? -11.303 18.005  -1.734  1.00 58.05 ? 40  ARG A CB  1 
ATOM   142  C CG  . ARG A 1 40  ? -12.395 17.487  -2.655  1.00 57.65 ? 40  ARG A CG  1 
ATOM   143  C CD  . ARG A 1 40  ? -13.404 18.578  -2.867  1.00 60.11 ? 40  ARG A CD  1 
ATOM   144  N NE  . ARG A 1 40  ? -14.518 18.429  -1.936  1.00 58.54 ? 40  ARG A NE  1 
ATOM   145  C CZ  . ARG A 1 40  ? -15.734 18.037  -2.304  1.00 58.07 ? 40  ARG A CZ  1 
ATOM   146  N NH1 . ARG A 1 40  ? -15.992 17.783  -3.591  1.00 55.36 ? 40  ARG A NH1 1 
ATOM   147  N NH2 . ARG A 1 40  ? -16.697 17.922  -1.384  1.00 57.82 ? 40  ARG A NH2 1 
ATOM   148  N N   . PRO A 1 41  ? -9.578  16.631  0.436   1.00 57.07 ? 41  PRO A N   1 
ATOM   149  C CA  . PRO A 1 41  ? -9.465  15.658  1.542   1.00 57.30 ? 41  PRO A CA  1 
ATOM   150  C C   . PRO A 1 41  ? -10.819 15.122  2.037   1.00 57.33 ? 41  PRO A C   1 
ATOM   151  O O   . PRO A 1 41  ? -11.854 15.770  1.812   1.00 56.54 ? 41  PRO A O   1 
ATOM   152  C CB  . PRO A 1 41  ? -8.790  16.464  2.657   1.00 57.57 ? 41  PRO A CB  1 
ATOM   153  C CG  . PRO A 1 41  ? -9.205  17.877  2.376   1.00 57.72 ? 41  PRO A CG  1 
ATOM   154  C CD  . PRO A 1 41  ? -9.212  17.994  0.871   1.00 57.39 ? 41  PRO A CD  1 
ATOM   155  N N   . LEU A 1 42  ? -10.791 13.960  2.709   1.00 57.08 ? 42  LEU A N   1 
ATOM   156  C CA  . LEU A 1 42  ? -11.988 13.349  3.265   1.00 57.36 ? 42  LEU A CA  1 
ATOM   157  C C   . LEU A 1 42  ? -12.854 14.348  4.049   1.00 58.35 ? 42  LEU A C   1 
ATOM   158  O O   . LEU A 1 42  ? -14.061 14.445  3.805   1.00 57.87 ? 42  LEU A O   1 
ATOM   159  C CB  . LEU A 1 42  ? -11.661 12.133  4.142   1.00 56.93 ? 42  LEU A CB  1 
ATOM   160  C CG  . LEU A 1 42  ? -12.910 11.297  4.500   1.00 56.17 ? 42  LEU A CG  1 
ATOM   161  C CD1 . LEU A 1 42  ? -13.647 10.760  3.236   1.00 54.77 ? 42  LEU A CD1 1 
ATOM   162  C CD2 . LEU A 1 42  ? -12.612 10.164  5.478   1.00 56.13 ? 42  LEU A CD2 1 
ATOM   163  N N   . ALA A 1 43  ? -12.227 15.085  4.969   1.00 59.24 ? 43  ALA A N   1 
ATOM   164  C CA  . ALA A 1 43  ? -12.894 16.146  5.757   1.00 59.93 ? 43  ALA A CA  1 
ATOM   165  C C   . ALA A 1 43  ? -13.687 17.151  4.921   1.00 60.04 ? 43  ALA A C   1 
ATOM   166  O O   . ALA A 1 43  ? -14.554 17.842  5.452   1.00 61.25 ? 43  ALA A O   1 
ATOM   167  C CB  . ALA A 1 43  ? -11.870 16.889  6.652   1.00 59.59 ? 43  ALA A CB  1 
ATOM   168  N N   . ASP A 1 44  ? -13.399 17.219  3.627   1.00 59.75 ? 44  ASP A N   1 
ATOM   169  C CA  . ASP A 1 44  ? -13.988 18.195  2.734   1.00 59.60 ? 44  ASP A CA  1 
ATOM   170  C C   . ASP A 1 44  ? -14.937 17.524  1.783   1.00 59.33 ? 44  ASP A C   1 
ATOM   171  O O   . ASP A 1 44  ? -15.385 18.123  0.814   1.00 58.32 ? 44  ASP A O   1 
ATOM   172  C CB  . ASP A 1 44  ? -12.890 18.828  1.901   1.00 60.04 ? 44  ASP A CB  1 
ATOM   173  C CG  . ASP A 1 44  ? -12.374 20.115  2.489   1.00 62.88 ? 44  ASP A CG  1 
ATOM   174  O OD1 . ASP A 1 44  ? -11.972 20.144  3.682   1.00 65.13 ? 44  ASP A OD1 1 
ATOM   175  O OD2 . ASP A 1 44  ? -12.346 21.103  1.725   1.00 65.62 ? 44  ASP A OD2 1 
ATOM   176  N N   . ILE A 1 45  ? -15.171 16.240  2.007   1.00 59.36 ? 45  ILE A N   1 
ATOM   177  C CA  . ILE A 1 45  ? -16.167 15.511  1.240   1.00 59.37 ? 45  ILE A CA  1 
ATOM   178  C C   . ILE A 1 45  ? -17.245 15.120  2.238   1.00 59.69 ? 45  ILE A C   1 
ATOM   179  O O   . ILE A 1 45  ? -16.962 14.464  3.248   1.00 60.20 ? 45  ILE A O   1 
ATOM   180  C CB  . ILE A 1 45  ? -15.573 14.253  0.556   1.00 58.95 ? 45  ILE A CB  1 
ATOM   181  C CG1 . ILE A 1 45  ? -14.406 14.621  -0.372  1.00 57.06 ? 45  ILE A CG1 1 
ATOM   182  C CG2 . ILE A 1 45  ? -16.657 13.517  -0.228  1.00 58.38 ? 45  ILE A CG2 1 
ATOM   183  C CD1 . ILE A 1 45  ? -13.648 13.428  -0.899  1.00 51.97 ? 45  ILE A CD1 1 
ATOM   184  N N   . SER A 1 46  ? -18.475 15.543  1.986   1.00 59.94 ? 46  SER A N   1 
ATOM   185  C CA  . SER A 1 46  ? -19.582 15.122  2.855   1.00 59.56 ? 46  SER A CA  1 
ATOM   186  C C   . SER A 1 46  ? -20.337 13.929  2.260   1.00 59.01 ? 46  SER A C   1 
ATOM   187  O O   . SER A 1 46  ? -20.358 13.734  1.034   1.00 58.67 ? 46  SER A O   1 
ATOM   188  C CB  . SER A 1 46  ? -20.555 16.273  3.127   1.00 59.50 ? 46  SER A CB  1 
ATOM   189  O OG  . SER A 1 46  ? -21.408 16.415  2.012   1.00 58.15 ? 46  SER A OG  1 
ATOM   190  N N   . VAL A 1 47  ? -20.954 13.149  3.156   1.00 59.00 ? 47  VAL A N   1 
ATOM   191  C CA  . VAL A 1 47  ? -21.913 12.075  2.805   1.00 58.05 ? 47  VAL A CA  1 
ATOM   192  C C   . VAL A 1 47  ? -22.867 12.496  1.670   1.00 57.55 ? 47  VAL A C   1 
ATOM   193  O O   . VAL A 1 47  ? -23.102 11.760  0.707   1.00 57.60 ? 47  VAL A O   1 
ATOM   194  C CB  . VAL A 1 47  ? -22.721 11.654  4.055   1.00 58.03 ? 47  VAL A CB  1 
ATOM   195  C CG1 . VAL A 1 47  ? -23.833 10.672  3.688   1.00 57.59 ? 47  VAL A CG1 1 
ATOM   196  C CG2 . VAL A 1 47  ? -21.796 11.069  5.100   1.00 58.08 ? 47  VAL A CG2 1 
ATOM   197  N N   . ASP A 1 48  ? -23.382 13.710  1.782   1.00 57.23 ? 48  ASP A N   1 
ATOM   198  C CA  . ASP A 1 48  ? -24.212 14.299  0.736   1.00 56.75 ? 48  ASP A CA  1 
ATOM   199  C C   . ASP A 1 48  ? -23.600 14.284  -0.671  1.00 55.32 ? 48  ASP A C   1 
ATOM   200  O O   . ASP A 1 48  ? -24.299 13.950  -1.650  1.00 54.44 ? 48  ASP A O   1 
ATOM   201  C CB  . ASP A 1 48  ? -24.636 15.723  1.158   1.00 57.10 ? 48  ASP A CB  1 
ATOM   202  C CG  . ASP A 1 48  ? -25.585 15.724  2.355   1.00 59.70 ? 48  ASP A CG  1 
ATOM   203  O OD1 . ASP A 1 48  ? -26.368 14.743  2.553   1.00 61.41 ? 48  ASP A OD1 1 
ATOM   204  O OD2 . ASP A 1 48  ? -25.560 16.729  3.095   1.00 63.62 ? 48  ASP A OD2 1 
ATOM   205  N N   . ASP A 1 49  ? -22.302 14.646  -0.753  1.00 54.23 ? 49  ASP A N   1 
ATOM   206  C CA  . ASP A 1 49  ? -21.541 14.660  -2.019  1.00 53.04 ? 49  ASP A CA  1 
ATOM   207  C C   . ASP A 1 49  ? -21.343 13.241  -2.558  1.00 51.72 ? 49  ASP A C   1 
ATOM   208  O O   . ASP A 1 49  ? -21.428 13.000  -3.776  1.00 51.27 ? 49  ASP A O   1 
ATOM   209  C CB  . ASP A 1 49  ? -20.152 15.298  -1.839  1.00 54.44 ? 49  ASP A CB  1 
ATOM   210  C CG  . ASP A 1 49  ? -20.203 16.720  -1.300  1.00 55.23 ? 49  ASP A CG  1 
ATOM   211  O OD1 . ASP A 1 49  ? -20.573 17.638  -2.061  1.00 56.66 ? 49  ASP A OD1 1 
ATOM   212  O OD2 . ASP A 1 49  ? -19.830 16.910  -0.122  1.00 58.41 ? 49  ASP A OD2 1 
ATOM   213  N N   . LEU A 1 50  ? -21.093 12.298  -1.642  1.00 50.26 ? 50  LEU A N   1 
ATOM   214  C CA  . LEU A 1 50  ? -20.993 10.873  -1.995  1.00 48.83 ? 50  LEU A CA  1 
ATOM   215  C C   . LEU A 1 50  ? -22.293 10.330  -2.536  1.00 48.63 ? 50  LEU A C   1 
ATOM   216  O O   . LEU A 1 50  ? -22.300 9.576   -3.522  1.00 48.04 ? 50  LEU A O   1 
ATOM   217  C CB  . LEU A 1 50  ? -20.511 10.075  -0.796  1.00 47.77 ? 50  LEU A CB  1 
ATOM   218  C CG  . LEU A 1 50  ? -19.137 10.582  -0.348  1.00 47.31 ? 50  LEU A CG  1 
ATOM   219  C CD1 . LEU A 1 50  ? -18.722 10.004  1.029   1.00 47.57 ? 50  LEU A CD1 1 
ATOM   220  C CD2 . LEU A 1 50  ? -18.087 10.278  -1.416  1.00 44.14 ? 50  LEU A CD2 1 
ATOM   221  N N   . ALA A 1 51  ? -23.401 10.756  -1.906  1.00 49.05 ? 51  ALA A N   1 
ATOM   222  C CA  . ALA A 1 51  ? -24.738 10.291  -2.308  1.00 49.40 ? 51  ALA A CA  1 
ATOM   223  C C   . ALA A 1 51  ? -25.057 10.770  -3.700  1.00 49.13 ? 51  ALA A C   1 
ATOM   224  O O   . ALA A 1 51  ? -25.366 9.980   -4.601  1.00 49.13 ? 51  ALA A O   1 
ATOM   225  C CB  . ALA A 1 51  ? -25.805 10.779  -1.305  1.00 49.49 ? 51  ALA A CB  1 
ATOM   226  N N   . LYS A 1 52  ? -24.965 12.089  -3.848  1.00 50.15 ? 52  LYS A N   1 
ATOM   227  C CA  . LYS A 1 52  ? -25.200 12.818  -5.102  1.00 50.57 ? 52  LYS A CA  1 
ATOM   228  C C   . LYS A 1 52  ? -24.434 12.135  -6.229  1.00 49.89 ? 52  LYS A C   1 
ATOM   229  O O   . LYS A 1 52  ? -25.045 11.638  -7.185  1.00 49.98 ? 52  LYS A O   1 
ATOM   230  C CB  . LYS A 1 52  ? -24.646 14.228  -4.915  1.00 51.60 ? 52  LYS A CB  1 
ATOM   231  C CG  . LYS A 1 52  ? -25.549 15.404  -5.192  1.00 54.49 ? 52  LYS A CG  1 
ATOM   232  C CD  . LYS A 1 52  ? -25.185 16.519  -4.164  1.00 59.32 ? 52  LYS A CD  1 
ATOM   233  C CE  . LYS A 1 52  ? -25.584 17.911  -4.625  1.00 62.47 ? 52  LYS A CE  1 
ATOM   234  N NZ  . LYS A 1 52  ? -24.858 18.245  -5.901  1.00 63.65 ? 52  LYS A NZ  1 
ATOM   235  N N   . GLY A 1 53  ? -23.100 12.059  -6.073  1.00 48.34 ? 53  GLY A N   1 
ATOM   236  C CA  . GLY A 1 53  ? -22.218 11.511  -7.098  1.00 45.61 ? 53  GLY A CA  1 
ATOM   237  C C   . GLY A 1 53  ? -22.521 10.105  -7.559  1.00 44.05 ? 53  GLY A C   1 
ATOM   238  O O   . GLY A 1 53  ? -22.232 9.748   -8.687  1.00 43.14 ? 53  GLY A O   1 
ATOM   239  N N   . ALA A 1 54  ? -23.075 9.281   -6.677  1.00 43.92 ? 54  ALA A N   1 
ATOM   240  C CA  . ALA A 1 54  ? -23.432 7.882   -7.017  1.00 42.78 ? 54  ALA A CA  1 
ATOM   241  C C   . ALA A 1 54  ? -24.888 7.768   -7.424  1.00 42.53 ? 54  ALA A C   1 
ATOM   242  O O   . ALA A 1 54  ? -25.357 6.687   -7.740  1.00 41.08 ? 54  ALA A O   1 
ATOM   243  C CB  . ALA A 1 54  ? -23.150 6.943   -5.853  1.00 43.44 ? 54  ALA A CB  1 
ATOM   244  N N   . GLY A 1 55  ? -25.589 8.897   -7.400  1.00 42.82 ? 55  GLY A N   1 
ATOM   245  C CA  . GLY A 1 55  ? -26.979 8.951   -7.867  1.00 43.07 ? 55  GLY A CA  1 
ATOM   246  C C   . GLY A 1 55  ? -28.028 8.358   -6.930  1.00 43.03 ? 55  GLY A C   1 
ATOM   247  O O   . GLY A 1 55  ? -28.901 7.611   -7.390  1.00 43.74 ? 55  GLY A O   1 
ATOM   248  N N   . ILE A 1 56  ? -27.963 8.697   -5.632  1.00 41.37 ? 56  ILE A N   1 
ATOM   249  C CA  . ILE A 1 56  ? -28.804 8.080   -4.593  1.00 39.15 ? 56  ILE A CA  1 
ATOM   250  C C   . ILE A 1 56  ? -28.957 9.151   -3.544  1.00 38.62 ? 56  ILE A C   1 
ATOM   251  O O   . ILE A 1 56  ? -28.238 10.167  -3.578  1.00 37.88 ? 56  ILE A O   1 
ATOM   252  C CB  . ILE A 1 56  ? -28.122 6.819   -3.930  1.00 39.24 ? 56  ILE A CB  1 
ATOM   253  C CG1 . ILE A 1 56  ? -26.751 7.204   -3.334  1.00 40.13 ? 56  ILE A CG1 1 
ATOM   254  C CG2 . ILE A 1 56  ? -27.933 5.673   -4.935  1.00 37.59 ? 56  ILE A CG2 1 
ATOM   255  C CD1 . ILE A 1 56  ? -26.118 6.215   -2.373  1.00 41.18 ? 56  ILE A CD1 1 
ATOM   256  N N   . SER A 1 57  ? -29.859 8.925   -2.583  1.00 37.66 ? 57  SER A N   1 
ATOM   257  C CA  . SER A 1 57  ? -30.096 9.866   -1.489  1.00 35.84 ? 57  SER A CA  1 
ATOM   258  C C   . SER A 1 57  ? -29.138 9.621   -0.312  1.00 35.69 ? 57  SER A C   1 
ATOM   259  O O   . SER A 1 57  ? -28.531 8.574   -0.188  1.00 34.77 ? 57  SER A O   1 
ATOM   260  C CB  . SER A 1 57  ? -31.567 9.749   -1.021  1.00 35.73 ? 57  SER A CB  1 
ATOM   261  O OG  . SER A 1 57  ? -31.870 8.458   -0.464  1.00 31.98 ? 57  SER A OG  1 
ATOM   262  N N   . ARG A 1 58  ? -29.054 10.578  0.592   1.00 36.01 ? 58  ARG A N   1 
ATOM   263  C CA  . ARG A 1 58  ? -28.300 10.412  1.815   1.00 36.95 ? 58  ARG A CA  1 
ATOM   264  C C   . ARG A 1 58  ? -28.766 9.167   2.605   1.00 37.01 ? 58  ARG A C   1 
ATOM   265  O O   . ARG A 1 58  ? -27.909 8.314   3.053   1.00 35.87 ? 58  ARG A O   1 
ATOM   266  C CB  . ARG A 1 58  ? -28.391 11.716  2.669   1.00 38.22 ? 58  ARG A CB  1 
ATOM   267  C CG  . ARG A 1 58  ? -27.821 11.673  4.103   1.00 42.85 ? 58  ARG A CG  1 
ATOM   268  C CD  . ARG A 1 58  ? -27.568 13.132  4.639   1.00 48.59 ? 58  ARG A CD  1 
ATOM   269  N NE  . ARG A 1 58  ? -28.466 13.529  5.720   1.00 52.82 ? 58  ARG A NE  1 
ATOM   270  C CZ  . ARG A 1 58  ? -28.938 14.774  5.924   1.00 54.53 ? 58  ARG A CZ  1 
ATOM   271  N NH1 . ARG A 1 58  ? -28.620 15.775  5.101   1.00 52.16 ? 58  ARG A NH1 1 
ATOM   272  N NH2 . ARG A 1 58  ? -29.752 15.015  6.961   1.00 52.52 ? 58  ARG A NH2 1 
ATOM   273  N N   . PRO A 1 59  ? -30.117 9.023   2.797   1.00 34.98 ? 59  PRO A N   1 
ATOM   274  C CA  . PRO A 1 59  ? -30.385 7.819   3.588   1.00 34.23 ? 59  PRO A CA  1 
ATOM   275  C C   . PRO A 1 59  ? -30.144 6.533   2.813   1.00 33.40 ? 59  PRO A C   1 
ATOM   276  O O   . PRO A 1 59  ? -29.885 5.508   3.446   1.00 33.32 ? 59  PRO A O   1 
ATOM   277  C CB  . PRO A 1 59  ? -31.830 7.990   4.062   1.00 34.29 ? 59  PRO A CB  1 
ATOM   278  C CG  . PRO A 1 59  ? -32.441 9.049   3.110   1.00 31.54 ? 59  PRO A CG  1 
ATOM   279  C CD  . PRO A 1 59  ? -31.299 9.915   2.663   1.00 35.38 ? 59  PRO A CD  1 
ATOM   280  N N   . THR A 1 60  ? -30.182 6.571   1.478   1.00 33.02 ? 60  THR A N   1 
ATOM   281  C CA  . THR A 1 60  ? -29.893 5.341   0.759   1.00 32.45 ? 60  THR A CA  1 
ATOM   282  C C   . THR A 1 60  ? -28.380 5.045   0.954   1.00 32.93 ? 60  THR A C   1 
ATOM   283  O O   . THR A 1 60  ? -28.022 3.868   1.177   1.00 32.44 ? 60  THR A O   1 
ATOM   284  C CB  . THR A 1 60  ? -30.351 5.338   -0.718  1.00 33.48 ? 60  THR A CB  1 
ATOM   285  O OG1 . THR A 1 60  ? -31.796 5.360   -0.830  1.00 32.39 ? 60  THR A OG1 1 
ATOM   286  C CG2 . THR A 1 60  ? -29.812 4.095   -1.435  1.00 31.67 ? 60  THR A CG2 1 
ATOM   287  N N   . PHE A 1 61  ? -27.535 6.090   0.927   1.00 31.73 ? 61  PHE A N   1 
ATOM   288  C CA  . PHE A 1 61  ? -26.109 5.967   1.288   1.00 34.83 ? 61  PHE A CA  1 
ATOM   289  C C   . PHE A 1 61  ? -25.891 5.179   2.589   1.00 36.18 ? 61  PHE A C   1 
ATOM   290  O O   . PHE A 1 61  ? -25.150 4.189   2.587   1.00 36.03 ? 61  PHE A O   1 
ATOM   291  C CB  . PHE A 1 61  ? -25.391 7.349   1.364   1.00 35.77 ? 61  PHE A CB  1 
ATOM   292  C CG  . PHE A 1 61  ? -23.972 7.294   1.944   1.00 40.80 ? 61  PHE A CG  1 
ATOM   293  C CD1 . PHE A 1 61  ? -22.853 7.462   1.117   1.00 41.75 ? 61  PHE A CD1 1 
ATOM   294  C CD2 . PHE A 1 61  ? -23.759 7.110   3.330   1.00 43.73 ? 61  PHE A CD2 1 
ATOM   295  C CE1 . PHE A 1 61  ? -21.531 7.422   1.652   1.00 43.46 ? 61  PHE A CE1 1 
ATOM   296  C CE2 . PHE A 1 61  ? -22.461 7.068   3.875   1.00 46.34 ? 61  PHE A CE2 1 
ATOM   297  C CZ  . PHE A 1 61  ? -21.330 7.227   3.015   1.00 45.49 ? 61  PHE A CZ  1 
ATOM   298  N N   . TYR A 1 62  ? -26.562 5.608   3.677   1.00 37.04 ? 62  TYR A N   1 
ATOM   299  C CA  . TYR A 1 62  ? -26.499 4.985   5.021   1.00 37.00 ? 62  TYR A CA  1 
ATOM   300  C C   . TYR A 1 62  ? -26.878 3.543   5.076   1.00 36.99 ? 62  TYR A C   1 
ATOM   301  O O   . TYR A 1 62  ? -26.509 2.842   5.992   1.00 38.30 ? 62  TYR A O   1 
ATOM   302  C CB  . TYR A 1 62  ? -27.283 5.807   6.052   1.00 37.18 ? 62  TYR A CB  1 
ATOM   303  C CG  . TYR A 1 62  ? -26.532 7.054   6.440   1.00 39.72 ? 62  TYR A CG  1 
ATOM   304  C CD1 . TYR A 1 62  ? -25.263 6.964   7.045   1.00 39.87 ? 62  TYR A CD1 1 
ATOM   305  C CD2 . TYR A 1 62  ? -27.061 8.320   6.204   1.00 44.09 ? 62  TYR A CD2 1 
ATOM   306  C CE1 . TYR A 1 62  ? -24.550 8.099   7.380   1.00 42.69 ? 62  TYR A CE1 1 
ATOM   307  C CE2 . TYR A 1 62  ? -26.336 9.466   6.570   1.00 46.32 ? 62  TYR A CE2 1 
ATOM   308  C CZ  . TYR A 1 62  ? -25.087 9.327   7.160   1.00 42.77 ? 62  TYR A CZ  1 
ATOM   309  O OH  . TYR A 1 62  ? -24.361 10.422  7.522   1.00 48.00 ? 62  TYR A OH  1 
ATOM   310  N N   . PHE A 1 63  ? -27.600 3.088   4.082   1.00 37.75 ? 63  PHE A N   1 
ATOM   311  C CA  . PHE A 1 63  ? -27.853 1.683   3.962   1.00 38.96 ? 63  PHE A CA  1 
ATOM   312  C C   . PHE A 1 63  ? -26.618 0.861   3.479   1.00 39.97 ? 63  PHE A C   1 
ATOM   313  O O   . PHE A 1 63  ? -26.511 -0.339  3.780   1.00 40.22 ? 63  PHE A O   1 
ATOM   314  C CB  . PHE A 1 63  ? -29.100 1.428   3.077   1.00 39.48 ? 63  PHE A CB  1 
ATOM   315  C CG  . PHE A 1 63  ? -29.409 -0.028  2.884   1.00 40.31 ? 63  PHE A CG  1 
ATOM   316  C CD1 . PHE A 1 63  ? -30.115 -0.754  3.864   1.00 40.26 ? 63  PHE A CD1 1 
ATOM   317  C CD2 . PHE A 1 63  ? -28.957 -0.701  1.750   1.00 42.41 ? 63  PHE A CD2 1 
ATOM   318  C CE1 . PHE A 1 63  ? -30.374 -2.124  3.693   1.00 41.98 ? 63  PHE A CE1 1 
ATOM   319  C CE2 . PHE A 1 63  ? -29.216 -2.096  1.569   1.00 43.26 ? 63  PHE A CE2 1 
ATOM   320  C CZ  . PHE A 1 63  ? -29.921 -2.788  2.528   1.00 40.98 ? 63  PHE A CZ  1 
ATOM   321  N N   . TYR A 1 64  ? -25.708 1.480   2.715   1.00 39.75 ? 64  TYR A N   1 
ATOM   322  C CA  . TYR A 1 64  ? -24.485 0.776   2.291   1.00 39.12 ? 64  TYR A CA  1 
ATOM   323  C C   . TYR A 1 64  ? -23.309 1.016   3.231   1.00 39.09 ? 64  TYR A C   1 
ATOM   324  O O   . TYR A 1 64  ? -22.489 0.115   3.397   1.00 39.01 ? 64  TYR A O   1 
ATOM   325  C CB  . TYR A 1 64  ? -24.119 1.186   0.865   1.00 38.79 ? 64  TYR A CB  1 
ATOM   326  C CG  . TYR A 1 64  ? -25.115 0.679   -0.097  1.00 38.61 ? 64  TYR A CG  1 
ATOM   327  C CD1 . TYR A 1 64  ? -25.085 -0.654  -0.517  1.00 42.41 ? 64  TYR A CD1 1 
ATOM   328  C CD2 . TYR A 1 64  ? -26.128 1.497   -0.562  1.00 39.78 ? 64  TYR A CD2 1 
ATOM   329  C CE1 . TYR A 1 64  ? -26.030 -1.148  -1.394  1.00 42.51 ? 64  TYR A CE1 1 
ATOM   330  C CE2 . TYR A 1 64  ? -27.086 1.023   -1.438  1.00 42.82 ? 64  TYR A CE2 1 
ATOM   331  C CZ  . TYR A 1 64  ? -27.024 -0.298  -1.853  1.00 44.06 ? 64  TYR A CZ  1 
ATOM   332  O OH  . TYR A 1 64  ? -27.968 -0.765  -2.714  1.00 48.32 ? 64  TYR A OH  1 
ATOM   333  N N   . PHE A 1 65  ? -23.258 2.214   3.829   1.00 37.38 ? 65  PHE A N   1 
ATOM   334  C CA  . PHE A 1 65  ? -22.156 2.655   4.642   1.00 38.67 ? 65  PHE A CA  1 
ATOM   335  C C   . PHE A 1 65  ? -22.598 3.369   5.893   1.00 40.43 ? 65  PHE A C   1 
ATOM   336  O O   . PHE A 1 65  ? -23.506 4.213   5.837   1.00 41.06 ? 65  PHE A O   1 
ATOM   337  C CB  . PHE A 1 65  ? -21.164 3.562   3.833   1.00 37.93 ? 65  PHE A CB  1 
ATOM   338  C CG  . PHE A 1 65  ? -20.473 2.814   2.756   1.00 36.33 ? 65  PHE A CG  1 
ATOM   339  C CD1 . PHE A 1 65  ? -19.446 1.913   3.077   1.00 35.41 ? 65  PHE A CD1 1 
ATOM   340  C CD2 . PHE A 1 65  ? -20.930 2.882   1.445   1.00 34.21 ? 65  PHE A CD2 1 
ATOM   341  C CE1 . PHE A 1 65  ? -18.833 1.176   2.089   1.00 34.26 ? 65  PHE A CE1 1 
ATOM   342  C CE2 . PHE A 1 65  ? -20.336 2.141   0.448   1.00 34.77 ? 65  PHE A CE2 1 
ATOM   343  C CZ  . PHE A 1 65  ? -19.299 1.273   0.766   1.00 34.71 ? 65  PHE A CZ  1 
ATOM   344  N N   . PRO A 1 66  ? -21.929 3.058   7.020   1.00 42.22 ? 66  PRO A N   1 
ATOM   345  C CA  . PRO A 1 66  ? -22.135 3.799   8.269   1.00 43.46 ? 66  PRO A CA  1 
ATOM   346  C C   . PRO A 1 66  ? -21.643 5.242   8.224   1.00 45.12 ? 66  PRO A C   1 
ATOM   347  O O   . PRO A 1 66  ? -22.180 6.073   8.945   1.00 45.81 ? 66  PRO A O   1 
ATOM   348  C CB  . PRO A 1 66  ? -21.357 2.985   9.325   1.00 43.59 ? 66  PRO A CB  1 
ATOM   349  C CG  . PRO A 1 66  ? -20.670 1.852   8.577   1.00 44.09 ? 66  PRO A CG  1 
ATOM   350  C CD  . PRO A 1 66  ? -21.257 1.749   7.218   1.00 42.17 ? 66  PRO A CD  1 
ATOM   351  N N   . SER A 1 67  ? -20.639 5.546   7.391   1.00 45.95 ? 67  SER A N   1 
ATOM   352  C CA  . SER A 1 67  ? -20.011 6.893   7.359   1.00 46.90 ? 67  SER A CA  1 
ATOM   353  C C   . SER A 1 67  ? -19.153 7.074   6.128   1.00 46.47 ? 67  SER A C   1 
ATOM   354  O O   . SER A 1 67  ? -18.944 6.127   5.373   1.00 45.72 ? 67  SER A O   1 
ATOM   355  C CB  . SER A 1 67  ? -19.087 7.076   8.557   1.00 47.03 ? 67  SER A CB  1 
ATOM   356  O OG  . SER A 1 67  ? -18.472 5.832   8.831   1.00 49.31 ? 67  SER A OG  1 
ATOM   357  N N   . LYS A 1 68  ? -18.657 8.292   5.920   1.00 46.17 ? 68  LYS A N   1 
ATOM   358  C CA  . LYS A 1 68  ? -17.713 8.499   4.810   1.00 46.41 ? 68  LYS A CA  1 
ATOM   359  C C   . LYS A 1 68  ? -16.435 7.718   5.130   1.00 46.48 ? 68  LYS A C   1 
ATOM   360  O O   . LYS A 1 68  ? -15.901 6.987   4.283   1.00 46.65 ? 68  LYS A O   1 
ATOM   361  C CB  . LYS A 1 68  ? -17.428 9.982   4.555   1.00 46.16 ? 68  LYS A CB  1 
ATOM   362  C CG  . LYS A 1 68  ? -16.873 10.723  5.750   1.00 46.88 ? 68  LYS A CG  1 
ATOM   363  C CD  . LYS A 1 68  ? -16.939 12.200  5.447   1.00 49.83 ? 68  LYS A CD  1 
ATOM   364  C CE  . LYS A 1 68  ? -16.237 13.066  6.465   1.00 49.40 ? 68  LYS A CE  1 
ATOM   365  N NZ  . LYS A 1 68  ? -16.364 14.428  5.897   1.00 50.94 ? 68  LYS A NZ  1 
ATOM   366  N N   . GLU A 1 69  ? -15.989 7.891   6.378   1.00 45.85 ? 69  GLU A N   1 
ATOM   367  C CA  . GLU A 1 69  ? -14.920 7.171   7.026   1.00 45.14 ? 69  GLU A CA  1 
ATOM   368  C C   . GLU A 1 69  ? -14.882 5.687   6.660   1.00 43.89 ? 69  GLU A C   1 
ATOM   369  O O   . GLU A 1 69  ? -13.810 5.108   6.396   1.00 44.17 ? 69  GLU A O   1 
ATOM   370  C CB  . GLU A 1 69  ? -15.091 7.327   8.555   1.00 45.98 ? 69  GLU A CB  1 
ATOM   371  C CG  . GLU A 1 69  ? -14.683 8.732   9.118   1.00 48.84 ? 69  GLU A CG  1 
ATOM   372  C CD  . GLU A 1 69  ? -15.790 9.839   9.083   1.00 54.19 ? 69  GLU A CD  1 
ATOM   373  O OE1 . GLU A 1 69  ? -17.019 9.561   9.079   1.00 56.11 ? 69  GLU A OE1 1 
ATOM   374  O OE2 . GLU A 1 69  ? -15.414 11.031  9.085   1.00 58.51 ? 69  GLU A OE2 1 
ATOM   375  N N   . ALA A 1 70  ? -16.048 5.055   6.671   1.00 41.60 ? 70  ALA A N   1 
ATOM   376  C CA  . ALA A 1 70  ? -16.135 3.643   6.369   1.00 38.66 ? 70  ALA A CA  1 
ATOM   377  C C   . ALA A 1 70  ? -15.970 3.422   4.852   1.00 37.62 ? 70  ALA A C   1 
ATOM   378  O O   . ALA A 1 70  ? -15.598 2.327   4.421   1.00 38.65 ? 70  ALA A O   1 
ATOM   379  C CB  . ALA A 1 70  ? -17.482 3.100   6.877   1.00 37.40 ? 70  ALA A CB  1 
ATOM   380  N N   . VAL A 1 71  ? -16.302 4.441   4.051   1.00 36.42 ? 71  VAL A N   1 
ATOM   381  C CA  . VAL A 1 71  ? -16.056 4.420   2.581   1.00 34.97 ? 71  VAL A CA  1 
ATOM   382  C C   . VAL A 1 71  ? -14.533 4.405   2.304   1.00 35.57 ? 71  VAL A C   1 
ATOM   383  O O   . VAL A 1 71  ? -14.069 3.538   1.584   1.00 36.08 ? 71  VAL A O   1 
ATOM   384  C CB  . VAL A 1 71  ? -16.796 5.572   1.791   1.00 35.15 ? 71  VAL A CB  1 
ATOM   385  C CG1 . VAL A 1 71  ? -16.654 5.389   0.234   1.00 31.83 ? 71  VAL A CG1 1 
ATOM   386  C CG2 . VAL A 1 71  ? -18.295 5.660   2.181   1.00 29.00 ? 71  VAL A CG2 1 
ATOM   387  N N   . LEU A 1 72  ? -13.777 5.287   2.957   1.00 35.79 ? 72  LEU A N   1 
ATOM   388  C CA  . LEU A 1 72  ? -12.305 5.314   2.883   1.00 37.23 ? 72  LEU A CA  1 
ATOM   389  C C   . LEU A 1 72  ? -11.712 3.951   3.202   1.00 37.41 ? 72  LEU A C   1 
ATOM   390  O O   . LEU A 1 72  ? -10.818 3.479   2.472   1.00 38.30 ? 72  LEU A O   1 
ATOM   391  C CB  . LEU A 1 72  ? -11.689 6.374   3.833   1.00 38.10 ? 72  LEU A CB  1 
ATOM   392  C CG  . LEU A 1 72  ? -10.152 6.589   3.778   1.00 40.22 ? 72  LEU A CG  1 
ATOM   393  C CD1 . LEU A 1 72  ? -9.697  6.818   2.321   1.00 38.83 ? 72  LEU A CD1 1 
ATOM   394  C CD2 . LEU A 1 72  ? -9.637  7.748   4.682   1.00 42.05 ? 72  LEU A CD2 1 
ATOM   395  N N   . LEU A 1 73  ? -12.244 3.309   4.258   1.00 36.78 ? 73  LEU A N   1 
ATOM   396  C CA  . LEU A 1 73  ? -11.701 2.094   4.813   1.00 35.81 ? 73  LEU A CA  1 
ATOM   397  C C   . LEU A 1 73  ? -11.980 0.965   3.877   1.00 35.31 ? 73  LEU A C   1 
ATOM   398  O O   . LEU A 1 73  ? -11.141 0.078   3.707   1.00 35.58 ? 73  LEU A O   1 
ATOM   399  C CB  . LEU A 1 73  ? -12.303 1.800   6.204   1.00 37.45 ? 73  LEU A CB  1 
ATOM   400  C CG  . LEU A 1 73  ? -12.156 0.360   6.720   1.00 38.31 ? 73  LEU A CG  1 
ATOM   401  C CD1 . LEU A 1 73  ? -10.724 0.093   7.233   1.00 34.18 ? 73  LEU A CD1 1 
ATOM   402  C CD2 . LEU A 1 73  ? -13.209 0.006   7.795   1.00 39.60 ? 73  LEU A CD2 1 
ATOM   403  N N   . THR A 1 74  ? -13.155 0.966   3.263   1.00 33.95 ? 74  THR A N   1 
ATOM   404  C CA  . THR A 1 74  ? -13.423 -0.081  2.272   1.00 32.56 ? 74  THR A CA  1 
ATOM   405  C C   . THR A 1 74  ? -12.504 0.078   1.068   1.00 32.61 ? 74  THR A C   1 
ATOM   406  O O   . THR A 1 74  ? -12.016 -0.904  0.530   1.00 34.35 ? 74  THR A O   1 
ATOM   407  C CB  . THR A 1 74  ? -14.855 -0.058  1.764   1.00 32.19 ? 74  THR A CB  1 
ATOM   408  O OG1 . THR A 1 74  ? -15.733 -0.140  2.892   1.00 34.79 ? 74  THR A OG1 1 
ATOM   409  C CG2 . THR A 1 74  ? -15.111 -1.208  0.788   1.00 25.08 ? 74  THR A CG2 1 
ATOM   410  N N   . LEU A 1 75  ? -12.263 1.307   0.653   1.00 32.82 ? 75  LEU A N   1 
ATOM   411  C CA  . LEU A 1 75  ? -11.349 1.570   -0.494  1.00 34.05 ? 75  LEU A CA  1 
ATOM   412  C C   . LEU A 1 75  ? -9.951  1.136   -0.150  1.00 34.44 ? 75  LEU A C   1 
ATOM   413  O O   . LEU A 1 75  ? -9.291  0.457   -0.955  1.00 36.88 ? 75  LEU A O   1 
ATOM   414  C CB  . LEU A 1 75  ? -11.259 3.047   -0.848  1.00 32.19 ? 75  LEU A CB  1 
ATOM   415  C CG  . LEU A 1 75  ? -12.503 3.628   -1.497  1.00 33.68 ? 75  LEU A CG  1 
ATOM   416  C CD1 . LEU A 1 75  ? -12.508 5.200   -1.315  1.00 31.40 ? 75  LEU A CD1 1 
ATOM   417  C CD2 . LEU A 1 75  ? -12.541 3.147   -2.958  1.00 34.44 ? 75  LEU A CD2 1 
ATOM   418  N N   . LEU A 1 76  ? -9.490  1.569   1.022   1.00 34.34 ? 76  LEU A N   1 
ATOM   419  C CA  . LEU A 1 76  ? -8.134  1.213   1.472   1.00 34.53 ? 76  LEU A CA  1 
ATOM   420  C C   . LEU A 1 76  ? -7.981  -0.304  1.535   1.00 34.73 ? 76  LEU A C   1 
ATOM   421  O O   . LEU A 1 76  ? -7.006  -0.845  1.066   1.00 35.06 ? 76  LEU A O   1 
ATOM   422  C CB  . LEU A 1 76  ? -7.790  1.923   2.785   1.00 33.06 ? 76  LEU A CB  1 
ATOM   423  C CG  . LEU A 1 76  ? -6.377  1.556   3.239   1.00 35.06 ? 76  LEU A CG  1 
ATOM   424  C CD1 . LEU A 1 76  ? -5.319  2.051   2.241   1.00 32.72 ? 76  LEU A CD1 1 
ATOM   425  C CD2 . LEU A 1 76  ? -6.086  1.958   4.723   1.00 36.11 ? 76  LEU A CD2 1 
ATOM   426  N N   . ASP A 1 77  ? -9.005  -0.994  2.037   1.00 36.04 ? 77  ASP A N   1 
ATOM   427  C CA  . ASP A 1 77  ? -9.028  -2.451  2.156   1.00 35.72 ? 77  ASP A CA  1 
ATOM   428  C C   . ASP A 1 77  ? -8.805  -3.143  0.816   1.00 35.04 ? 77  ASP A C   1 
ATOM   429  O O   . ASP A 1 77  ? -8.049  -4.130  0.715   1.00 35.70 ? 77  ASP A O   1 
ATOM   430  C CB  . ASP A 1 77  ? -10.387 -2.881  2.784   1.00 36.71 ? 77  ASP A CB  1 
ATOM   431  C CG  . ASP A 1 77  ? -10.311 -4.189  3.512   1.00 39.95 ? 77  ASP A CG  1 
ATOM   432  O OD1 . ASP A 1 77  ? -10.216 -4.164  4.764   1.00 46.27 ? 77  ASP A OD1 1 
ATOM   433  O OD2 . ASP A 1 77  ? -10.292 -5.246  2.867   1.00 42.52 ? 77  ASP A OD2 1 
ATOM   434  N N   . ARG A 1 78  ? -9.468  -2.639  -0.225  1.00 35.23 ? 78  ARG A N   1 
ATOM   435  C CA  . ARG A 1 78  ? -9.334  -3.198  -1.564  1.00 34.29 ? 78  ARG A CA  1 
ATOM   436  C C   . ARG A 1 78  ? -7.960  -2.908  -2.145  1.00 32.29 ? 78  ARG A C   1 
ATOM   437  O O   . ARG A 1 78  ? -7.440  -3.720  -2.893  1.00 32.53 ? 78  ARG A O   1 
ATOM   438  C CB  . ARG A 1 78  ? -10.354 -2.562  -2.507  1.00 35.91 ? 78  ARG A CB  1 
ATOM   439  C CG  . ARG A 1 78  ? -11.775 -2.898  -2.166  1.00 40.54 ? 78  ARG A CG  1 
ATOM   440  C CD  . ARG A 1 78  ? -12.655 -1.781  -2.704  1.00 49.50 ? 78  ARG A CD  1 
ATOM   441  N NE  . ARG A 1 78  ? -12.852 -1.914  -4.151  1.00 54.25 ? 78  ARG A NE  1 
ATOM   442  C CZ  . ARG A 1 78  ? -13.829 -2.640  -4.692  1.00 56.14 ? 78  ARG A CZ  1 
ATOM   443  N NH1 . ARG A 1 78  ? -14.704 -3.273  -3.897  1.00 54.72 ? 78  ARG A NH1 1 
ATOM   444  N NH2 . ARG A 1 78  ? -13.933 -2.731  -6.017  1.00 57.16 ? 78  ARG A NH2 1 
ATOM   445  N N   . VAL A 1 79  ? -7.396  -1.737  -1.869  1.00 30.61 ? 79  VAL A N   1 
ATOM   446  C CA  . VAL A 1 79  ? -6.017  -1.448  -2.407  1.00 30.24 ? 79  VAL A CA  1 
ATOM   447  C C   . VAL A 1 79  ? -5.024  -2.435  -1.766  1.00 30.43 ? 79  VAL A C   1 
ATOM   448  O O   . VAL A 1 79  ? -4.300  -3.193  -2.469  1.00 30.69 ? 79  VAL A O   1 
ATOM   449  C CB  . VAL A 1 79  ? -5.513  0.024   -2.219  1.00 30.31 ? 79  VAL A CB  1 
ATOM   450  C CG1 . VAL A 1 79  ? -4.137  0.214   -2.906  1.00 29.53 ? 79  VAL A CG1 1 
ATOM   451  C CG2 . VAL A 1 79  ? -6.475  1.019   -2.826  1.00 29.16 ? 79  VAL A CG2 1 
ATOM   452  N N   . VAL A 1 80  ? -5.076  -2.478  -0.436  1.00 29.93 ? 80  VAL A N   1 
ATOM   453  C CA  . VAL A 1 80  ? -4.160  -3.267  0.364   1.00 29.72 ? 80  VAL A CA  1 
ATOM   454  C C   . VAL A 1 80  ? -4.184  -4.759  -0.018  1.00 31.27 ? 80  VAL A C   1 
ATOM   455  O O   . VAL A 1 80  ? -3.106  -5.399  -0.262  1.00 31.75 ? 80  VAL A O   1 
ATOM   456  C CB  . VAL A 1 80  ? -4.487  -2.961  1.815   1.00 30.83 ? 80  VAL A CB  1 
ATOM   457  C CG1 . VAL A 1 80  ? -3.895  -3.942  2.695   1.00 32.00 ? 80  VAL A CG1 1 
ATOM   458  C CG2 . VAL A 1 80  ? -3.950  -1.530  2.160   1.00 25.89 ? 80  VAL A CG2 1 
ATOM   459  N N   . ASN A 1 81  ? -5.402  -5.302  -0.166  1.00 31.77 ? 81  ASN A N   1 
ATOM   460  C CA  . ASN A 1 81  ? -5.604  -6.673  -0.671  1.00 32.72 ? 81  ASN A CA  1 
ATOM   461  C C   . ASN A 1 81  ? -5.160  -6.920  -2.113  1.00 33.32 ? 81  ASN A C   1 
ATOM   462  O O   . ASN A 1 81  ? -4.665  -8.050  -2.408  1.00 33.21 ? 81  ASN A O   1 
ATOM   463  C CB  . ASN A 1 81  ? -7.055  -7.180  -0.513  1.00 33.76 ? 81  ASN A CB  1 
ATOM   464  C CG  . ASN A 1 81  ? -7.379  -7.580  0.914   1.00 34.41 ? 81  ASN A CG  1 
ATOM   465  O OD1 . ASN A 1 81  ? -7.181  -8.712  1.295   1.00 36.28 ? 81  ASN A OD1 1 
ATOM   466  N ND2 . ASN A 1 81  ? -7.844  -6.630  1.713   1.00 31.15 ? 81  ASN A ND2 1 
ATOM   467  N N   . GLN A 1 82  ? -5.322  -5.920  -2.989  1.00 33.61 ? 82  GLN A N   1 
ATOM   468  C CA  . GLN A 1 82  ? -4.791  -5.992  -4.371  1.00 33.11 ? 82  GLN A CA  1 
ATOM   469  C C   . GLN A 1 82  ? -3.257  -6.123  -4.382  1.00 32.10 ? 82  GLN A C   1 
ATOM   470  O O   . GLN A 1 82  ? -2.685  -6.951  -5.115  1.00 30.76 ? 82  GLN A O   1 
ATOM   471  C CB  . GLN A 1 82  ? -5.216  -4.740  -5.119  1.00 35.41 ? 82  GLN A CB  1 
ATOM   472  C CG  . GLN A 1 82  ? -5.202  -4.740  -6.666  1.00 38.83 ? 82  GLN A CG  1 
ATOM   473  C CD  . GLN A 1 82  ? -5.626  -3.340  -7.187  1.00 45.79 ? 82  GLN A CD  1 
ATOM   474  O OE1 . GLN A 1 82  ? -6.707  -2.810  -6.804  1.00 50.50 ? 82  GLN A OE1 1 
ATOM   475  N NE2 . GLN A 1 82  ? -4.775  -2.722  -8.022  1.00 42.65 ? 82  GLN A NE2 1 
ATOM   476  N N   . ALA A 1 83  ? -2.584  -5.354  -3.509  1.00 30.27 ? 83  ALA A N   1 
ATOM   477  C CA  . ALA A 1 83  ? -1.115  -5.415  -3.392  1.00 28.14 ? 83  ALA A CA  1 
ATOM   478  C C   . ALA A 1 83  ? -0.829  -6.778  -2.863  1.00 28.12 ? 83  ALA A C   1 
ATOM   479  O O   . ALA A 1 83  ? 0.027   -7.473  -3.365  1.00 26.40 ? 83  ALA A O   1 
ATOM   480  C CB  . ALA A 1 83  ? -0.585  -4.323  -2.448  1.00 26.90 ? 83  ALA A CB  1 
ATOM   481  N N   . ASP A 1 84  ? -1.621  -7.195  -1.886  1.00 29.15 ? 84  ASP A N   1 
ATOM   482  C CA  . ASP A 1 84  ? -1.360  -8.438  -1.206  1.00 31.12 ? 84  ASP A CA  1 
ATOM   483  C C   . ASP A 1 84  ? -1.493  -9.641  -2.118  1.00 32.27 ? 84  ASP A C   1 
ATOM   484  O O   . ASP A 1 84  ? -0.564  -10.465 -2.232  1.00 31.33 ? 84  ASP A O   1 
ATOM   485  C CB  . ASP A 1 84  ? -2.224  -8.610  0.057   1.00 30.99 ? 84  ASP A CB  1 
ATOM   486  C CG  . ASP A 1 84  ? -1.739  -9.780  0.894   1.00 34.45 ? 84  ASP A CG  1 
ATOM   487  O OD1 . ASP A 1 84  ? -0.520  -9.808  1.304   1.00 29.92 ? 84  ASP A OD1 1 
ATOM   488  O OD2 . ASP A 1 84  ? -2.550  -10.729 1.053   1.00 36.13 ? 84  ASP A OD2 1 
ATOM   489  N N   . MET A 1 85  ? -2.639  -9.720  -2.792  1.00 33.48 ? 85  MET A N   1 
ATOM   490  C CA  . MET A 1 85  ? -2.875  -10.779 -3.788  1.00 34.76 ? 85  MET A CA  1 
ATOM   491  C C   . MET A 1 85  ? -1.806  -10.766 -4.875  1.00 34.13 ? 85  MET A C   1 
ATOM   492  O O   . MET A 1 85  ? -1.304  -11.818 -5.318  1.00 34.82 ? 85  MET A O   1 
ATOM   493  C CB  . MET A 1 85  ? -4.295  -10.629 -4.372  1.00 35.28 ? 85  MET A CB  1 
ATOM   494  C CG  . MET A 1 85  ? -5.392  -11.283 -3.523  1.00 40.26 ? 85  MET A CG  1 
ATOM   495  S SD  . MET A 1 85  ? -7.173  -10.875 -3.937  1.00 56.84 ? 85  MET A SD  1 
ATOM   496  C CE  . MET A 1 85  ? -7.328  -9.063  -4.116  1.00 52.13 ? 85  MET A CE  1 
ATOM   497  N N   . ALA A 1 86  ? -1.446  -9.571  -5.328  1.00 33.94 ? 86  ALA A N   1 
ATOM   498  C CA  . ALA A 1 86  ? -0.422  -9.443  -6.349  1.00 34.18 ? 86  ALA A CA  1 
ATOM   499  C C   . ALA A 1 86  ? 0.892   -10.021 -5.866  1.00 33.88 ? 86  ALA A C   1 
ATOM   500  O O   . ALA A 1 86  ? 1.622   -10.685 -6.621  1.00 33.86 ? 86  ALA A O   1 
ATOM   501  C CB  . ALA A 1 86  ? -0.270  -7.970  -6.792  1.00 34.46 ? 86  ALA A CB  1 
ATOM   502  N N   . LEU A 1 87  ? 1.203   -9.793  -4.592  1.00 34.64 ? 87  LEU A N   1 
ATOM   503  C CA  . LEU A 1 87  ? 2.473   -10.331 -4.027  1.00 34.96 ? 87  LEU A CA  1 
ATOM   504  C C   . LEU A 1 87  ? 2.450   -11.898 -3.872  1.00 36.26 ? 87  LEU A C   1 
ATOM   505  O O   . LEU A 1 87  ? 3.452   -12.573 -4.162  1.00 35.44 ? 87  LEU A O   1 
ATOM   506  C CB  . LEU A 1 87  ? 2.801   -9.656  -2.705  1.00 33.11 ? 87  LEU A CB  1 
ATOM   507  C CG  . LEU A 1 87  ? 4.201   -9.924  -2.132  1.00 31.88 ? 87  LEU A CG  1 
ATOM   508  C CD1 . LEU A 1 87  ? 5.321   -9.218  -3.016  1.00 26.40 ? 87  LEU A CD1 1 
ATOM   509  C CD2 . LEU A 1 87  ? 4.309   -9.501  -0.609  1.00 30.51 ? 87  LEU A CD2 1 
ATOM   510  N N   . GLN A 1 88  ? 1.314   -12.444 -3.407  1.00 38.00 ? 88  GLN A N   1 
ATOM   511  C CA  . GLN A 1 88  ? 1.025   -13.886 -3.464  1.00 41.12 ? 88  GLN A CA  1 
ATOM   512  C C   . GLN A 1 88  ? 1.271   -14.522 -4.854  1.00 42.78 ? 88  GLN A C   1 
ATOM   513  O O   . GLN A 1 88  ? 1.916   -15.593 -4.952  1.00 42.00 ? 88  GLN A O   1 
ATOM   514  C CB  . GLN A 1 88  ? -0.411  -14.155 -3.029  1.00 41.48 ? 88  GLN A CB  1 
ATOM   515  C CG  . GLN A 1 88  ? -0.595  -14.265 -1.531  1.00 46.83 ? 88  GLN A CG  1 
ATOM   516  C CD  . GLN A 1 88  ? -2.079  -14.269 -1.150  1.00 52.62 ? 88  GLN A CD  1 
ATOM   517  O OE1 . GLN A 1 88  ? -2.676  -13.221 -0.840  1.00 52.33 ? 88  GLN A OE1 1 
ATOM   518  N NE2 . GLN A 1 88  ? -2.694  -15.445 -1.229  1.00 51.25 ? 88  GLN A NE2 1 
ATOM   519  N N   . THR A 1 89  ? 0.761   -13.872 -5.916  1.00 44.02 ? 89  THR A N   1 
ATOM   520  C CA  . THR A 1 89  ? 0.965   -14.341 -7.297  1.00 45.65 ? 89  THR A CA  1 
ATOM   521  C C   . THR A 1 89  ? 2.441   -14.513 -7.646  1.00 46.56 ? 89  THR A C   1 
ATOM   522  O O   . THR A 1 89  ? 2.848   -15.561 -8.134  1.00 46.69 ? 89  THR A O   1 
ATOM   523  C CB  . THR A 1 89  ? 0.354   -13.386 -8.321  1.00 45.30 ? 89  THR A CB  1 
ATOM   524  O OG1 . THR A 1 89  ? -1.046  -13.260 -8.074  1.00 47.26 ? 89  THR A OG1 1 
ATOM   525  C CG2 . THR A 1 89  ? 0.558   -13.896 -9.734  1.00 46.72 ? 89  THR A CG2 1 
ATOM   526  N N   . LEU A 1 90  ? 3.236   -13.480 -7.383  1.00 47.85 ? 90  LEU A N   1 
ATOM   527  C CA  . LEU A 1 90  ? 4.687   -13.519 -7.594  1.00 48.52 ? 90  LEU A CA  1 
ATOM   528  C C   . LEU A 1 90  ? 5.380   -14.690 -6.882  1.00 49.37 ? 90  LEU A C   1 
ATOM   529  O O   . LEU A 1 90  ? 6.258   -15.365 -7.445  1.00 48.02 ? 90  LEU A O   1 
ATOM   530  C CB  . LEU A 1 90  ? 5.259   -12.209 -7.073  1.00 48.33 ? 90  LEU A CB  1 
ATOM   531  C CG  . LEU A 1 90  ? 6.188   -11.406 -7.976  1.00 50.07 ? 90  LEU A CG  1 
ATOM   532  C CD1 . LEU A 1 90  ? 5.827   -11.508 -9.485  1.00 48.43 ? 90  LEU A CD1 1 
ATOM   533  C CD2 . LEU A 1 90  ? 6.185   -9.948  -7.496  1.00 48.65 ? 90  LEU A CD2 1 
ATOM   534  N N   . ALA A 1 91  ? 4.949   -14.913 -5.638  1.00 51.23 ? 91  ALA A N   1 
ATOM   535  C CA  . ALA A 1 91  ? 5.405   -15.995 -4.774  1.00 53.16 ? 91  ALA A CA  1 
ATOM   536  C C   . ALA A 1 91  ? 5.081   -17.390 -5.331  1.00 54.81 ? 91  ALA A C   1 
ATOM   537  O O   . ALA A 1 91  ? 5.872   -18.297 -5.170  1.00 55.17 ? 91  ALA A O   1 
ATOM   538  C CB  . ALA A 1 91  ? 4.802   -15.820 -3.351  1.00 52.95 ? 91  ALA A CB  1 
ATOM   539  N N   . GLU A 1 92  ? 3.936   -17.555 -5.990  1.00 56.67 ? 92  GLU A N   1 
ATOM   540  C CA  . GLU A 1 92  ? 3.544   -18.846 -6.576  1.00 58.68 ? 92  GLU A CA  1 
ATOM   541  C C   . GLU A 1 92  ? 4.177   -19.149 -7.930  1.00 60.34 ? 92  GLU A C   1 
ATOM   542  O O   . GLU A 1 92  ? 4.136   -20.289 -8.362  1.00 60.81 ? 92  GLU A O   1 
ATOM   543  C CB  . GLU A 1 92  ? 2.016   -18.952 -6.676  1.00 58.37 ? 92  GLU A CB  1 
ATOM   544  C CG  . GLU A 1 92  ? 1.332   -18.914 -5.317  1.00 58.53 ? 92  GLU A CG  1 
ATOM   545  C CD  . GLU A 1 92  ? -0.171  -18.699 -5.426  1.00 60.62 ? 92  GLU A CD  1 
ATOM   546  O OE1 . GLU A 1 92  ? -0.669  -18.640 -6.573  1.00 60.83 ? 92  GLU A OE1 1 
ATOM   547  O OE2 . GLU A 1 92  ? -0.849  -18.593 -4.373  1.00 59.84 ? 92  GLU A OE2 1 
ATOM   548  N N   . ASN A 1 93  ? 4.725   -18.130 -8.605  1.00 62.52 ? 93  ASN A N   1 
ATOM   549  C CA  . ASN A 1 93  ? 5.467   -18.284 -9.873  1.00 64.14 ? 93  ASN A CA  1 
ATOM   550  C C   . ASN A 1 93  ? 6.753   -17.470 -9.886  1.00 64.70 ? 93  ASN A C   1 
ATOM   551  O O   . ASN A 1 93  ? 6.748   -16.333 -10.389 1.00 64.91 ? 93  ASN A O   1 
ATOM   552  C CB  . ASN A 1 93  ? 4.663   -17.800 -11.100 1.00 64.77 ? 93  ASN A CB  1 
ATOM   553  C CG  . ASN A 1 93  ? 3.170   -18.011 -10.967 1.00 67.01 ? 93  ASN A CG  1 
ATOM   554  O OD1 . ASN A 1 93  ? 2.457   -17.167 -10.420 1.00 66.15 ? 93  ASN A OD1 1 
ATOM   555  N ND2 . ASN A 1 93  ? 2.680   -19.129 -11.521 1.00 68.48 ? 93  ASN A ND2 1 
ATOM   556  N N   . PRO A 1 94  ? 7.861   -18.032 -9.356  1.00 65.02 ? 94  PRO A N   1 
ATOM   557  C CA  . PRO A 1 94  ? 9.208   -17.386 -9.411  1.00 65.16 ? 94  PRO A CA  1 
ATOM   558  C C   . PRO A 1 94  ? 9.699   -16.859 -10.812 1.00 65.05 ? 94  PRO A C   1 
ATOM   559  O O   . PRO A 1 94  ? 9.907   -17.671 -11.733 1.00 64.79 ? 94  PRO A O   1 
ATOM   560  C CB  . PRO A 1 94  ? 10.157  -18.503 -8.913  1.00 65.34 ? 94  PRO A CB  1 
ATOM   561  C CG  . PRO A 1 94  ? 9.253   -19.775 -8.701  1.00 65.72 ? 94  PRO A CG  1 
ATOM   562  C CD  . PRO A 1 94  ? 7.856   -19.258 -8.532  1.00 64.60 ? 94  PRO A CD  1 
ATOM   563  N N   . ALA A 1 95  ? 9.922   -15.538 -10.950 1.00 64.37 ? 95  ALA A N   1 
ATOM   564  C CA  . ALA A 1 95  ? 10.557  -14.964 -12.174 1.00 63.97 ? 95  ALA A CA  1 
ATOM   565  C C   . ALA A 1 95  ? 11.994  -15.516 -12.366 1.00 64.01 ? 95  ALA A C   1 
ATOM   566  O O   . ALA A 1 95  ? 12.782  -15.542 -11.401 1.00 64.47 ? 95  ALA A O   1 
ATOM   567  C CB  . ALA A 1 95  ? 10.541  -13.419 -12.158 1.00 63.44 ? 95  ALA A CB  1 
ATOM   568  N N   . ASP A 1 96  ? 12.303  -15.993 -13.588 1.00 63.20 ? 96  ASP A N   1 
ATOM   569  C CA  . ASP A 1 96  ? 13.596  -16.667 -13.946 1.00 61.96 ? 96  ASP A CA  1 
ATOM   570  C C   . ASP A 1 96  ? 14.678  -15.593 -14.100 1.00 60.19 ? 96  ASP A C   1 
ATOM   571  O O   . ASP A 1 96  ? 14.899  -15.047 -15.209 1.00 59.49 ? 96  ASP A O   1 
ATOM   572  C CB  . ASP A 1 96  ? 13.425  -17.568 -15.216 1.00 62.64 ? 96  ASP A CB  1 
ATOM   573  C CG  . ASP A 1 96  ? 14.737  -17.740 -16.057 1.00 65.69 ? 96  ASP A CG  1 
ATOM   574  O OD1 . ASP A 1 96  ? 15.817  -18.084 -15.490 1.00 67.53 ? 96  ASP A OD1 1 
ATOM   575  O OD2 . ASP A 1 96  ? 14.680  -17.550 -17.307 1.00 67.34 ? 96  ASP A OD2 1 
ATOM   576  N N   . THR A 1 97  ? 15.319  -15.255 -12.970 1.00 57.61 ? 97  THR A N   1 
ATOM   577  C CA  . THR A 1 97  ? 16.080  -13.987 -12.903 1.00 54.78 ? 97  THR A CA  1 
ATOM   578  C C   . THR A 1 97  ? 17.070  -13.817 -11.704 1.00 52.41 ? 97  THR A C   1 
ATOM   579  O O   . THR A 1 97  ? 17.057  -14.586 -10.723 1.00 51.98 ? 97  THR A O   1 
ATOM   580  C CB  . THR A 1 97  ? 15.093  -12.749 -13.072 1.00 54.96 ? 97  THR A CB  1 
ATOM   581  O OG1 . THR A 1 97  ? 15.814  -11.594 -13.546 1.00 55.48 ? 97  THR A OG1 1 
ATOM   582  C CG2 . THR A 1 97  ? 14.295  -12.457 -11.778 1.00 53.29 ? 97  THR A CG2 1 
ATOM   583  N N   . ASP A 1 98  ? 17.926  -12.808 -11.812 1.00 48.94 ? 98  ASP A N   1 
ATOM   584  C CA  . ASP A 1 98  ? 18.867  -12.517 -10.779 1.00 45.93 ? 98  ASP A CA  1 
ATOM   585  C C   . ASP A 1 98  ? 18.195  -12.023 -9.484  1.00 44.10 ? 98  ASP A C   1 
ATOM   586  O O   . ASP A 1 98  ? 16.983  -11.741 -9.441  1.00 42.53 ? 98  ASP A O   1 
ATOM   587  C CB  . ASP A 1 98  ? 19.914  -11.530 -11.299 1.00 46.74 ? 98  ASP A CB  1 
ATOM   588  C CG  . ASP A 1 98  ? 19.334  -10.157 -11.640 1.00 45.39 ? 98  ASP A CG  1 
ATOM   589  O OD1 . ASP A 1 98  ? 18.510  -9.596  -10.931 1.00 44.89 ? 98  ASP A OD1 1 
ATOM   590  O OD2 . ASP A 1 98  ? 19.755  -9.579  -12.625 1.00 50.63 ? 98  ASP A OD2 1 
ATOM   591  N N   . ARG A 1 99  ? 18.994  -11.934 -8.434  1.00 42.36 ? 99  ARG A N   1 
ATOM   592  C CA  . ARG A 1 99  ? 18.501  -11.525 -7.099  1.00 41.80 ? 99  ARG A CA  1 
ATOM   593  C C   . ARG A 1 99  ? 18.004  -10.065 -7.054  1.00 39.78 ? 99  ARG A C   1 
ATOM   594  O O   . ARG A 1 99  ? 16.979  -9.783  -6.397  1.00 40.53 ? 99  ARG A O   1 
ATOM   595  C CB  . ARG A 1 99  ? 19.574  -11.797 -6.025  1.00 41.71 ? 99  ARG A CB  1 
ATOM   596  C CG  . ARG A 1 99  ? 20.772  -10.847 -6.172  1.00 43.03 ? 99  ARG A CG  1 
ATOM   597  C CD  . ARG A 1 99  ? 22.064  -11.382 -5.618  1.00 43.10 ? 99  ARG A CD  1 
ATOM   598  N NE  . ARG A 1 99  ? 22.914  -10.228 -5.345  1.00 47.66 ? 99  ARG A NE  1 
ATOM   599  C CZ  . ARG A 1 99  ? 24.082  -10.272 -4.697  1.00 48.06 ? 99  ARG A CZ  1 
ATOM   600  N NH1 . ARG A 1 99  ? 24.542  -11.450 -4.253  1.00 42.69 ? 99  ARG A NH1 1 
ATOM   601  N NH2 . ARG A 1 99  ? 24.766  -9.120  -4.483  1.00 45.64 ? 99  ARG A NH2 1 
ATOM   602  N N   . GLU A 1 100 ? 18.692  -9.159  -7.757  1.00 37.79 ? 100 GLU A N   1 
ATOM   603  C CA  . GLU A 1 100 ? 18.243  -7.781  -7.856  1.00 37.67 ? 100 GLU A CA  1 
ATOM   604  C C   . GLU A 1 100 ? 16.836  -7.626  -8.464  1.00 36.74 ? 100 GLU A C   1 
ATOM   605  O O   . GLU A 1 100 ? 15.968  -6.934  -7.922  1.00 36.35 ? 100 GLU A O   1 
ATOM   606  C CB  . GLU A 1 100 ? 19.235  -6.939  -8.620  1.00 38.58 ? 100 GLU A CB  1 
ATOM   607  C CG  . GLU A 1 100 ? 18.692  -5.549  -8.857  1.00 43.87 ? 100 GLU A CG  1 
ATOM   608  C CD  . GLU A 1 100 ? 19.640  -4.628  -9.540  1.00 49.88 ? 100 GLU A CD  1 
ATOM   609  O OE1 . GLU A 1 100 ? 20.845  -4.661  -9.239  1.00 54.33 ? 100 GLU A OE1 1 
ATOM   610  O OE2 . GLU A 1 100 ? 19.167  -3.839  -10.379 1.00 54.49 ? 100 GLU A OE2 1 
ATOM   611  N N   . ASN A 1 101 ? 16.593  -8.336  -9.556  1.00 36.04 ? 101 ASN A N   1 
ATOM   612  C CA  . ASN A 1 101 ? 15.284  -8.288  -10.232 1.00 35.30 ? 101 ASN A CA  1 
ATOM   613  C C   . ASN A 1 101 ? 14.142  -8.907  -9.481  1.00 32.70 ? 101 ASN A C   1 
ATOM   614  O O   . ASN A 1 101 ? 12.986  -8.491  -9.660  1.00 31.06 ? 101 ASN A O   1 
ATOM   615  C CB  . ASN A 1 101 ? 15.345  -8.807  -11.668 1.00 36.32 ? 101 ASN A CB  1 
ATOM   616  C CG  . ASN A 1 101 ? 15.341  -7.657  -12.675 1.00 44.41 ? 101 ASN A CG  1 
ATOM   617  O OD1 . ASN A 1 101 ? 14.292  -7.329  -13.230 1.00 48.99 ? 101 ASN A OD1 1 
ATOM   618  N ND2 . ASN A 1 101 ? 16.515  -6.988  -12.867 1.00 49.47 ? 101 ASN A ND2 1 
ATOM   619  N N   . MET A 1 102 ? 14.468  -9.893  -8.646  1.00 31.07 ? 102 MET A N   1 
ATOM   620  C CA  . MET A 1 102 ? 13.474  -10.518 -7.812  1.00 29.54 ? 102 MET A CA  1 
ATOM   621  C C   . MET A 1 102 ? 12.937  -9.458  -6.853  1.00 28.27 ? 102 MET A C   1 
ATOM   622  O O   . MET A 1 102 ? 11.722  -9.359  -6.628  1.00 25.12 ? 102 MET A O   1 
ATOM   623  C CB  . MET A 1 102 ? 14.102  -11.683 -7.011  1.00 30.56 ? 102 MET A CB  1 
ATOM   624  C CG  . MET A 1 102 ? 13.225  -12.246 -5.837  1.00 30.34 ? 102 MET A CG  1 
ATOM   625  S SD  . MET A 1 102 ? 13.959  -13.593 -4.873  1.00 39.99 ? 102 MET A SD  1 
ATOM   626  C CE  . MET A 1 102 ? 15.267  -12.722 -3.932  1.00 32.01 ? 102 MET A CE  1 
ATOM   627  N N   . TRP A 1 103 ? 13.870  -8.738  -6.211  1.00 27.53 ? 103 TRP A N   1 
ATOM   628  C CA  . TRP A 1 103 ? 13.497  -7.751  -5.182  1.00 28.07 ? 103 TRP A CA  1 
ATOM   629  C C   . TRP A 1 103 ? 12.747  -6.646  -5.876  1.00 28.20 ? 103 TRP A C   1 
ATOM   630  O O   . TRP A 1 103 ? 11.722  -6.164  -5.359  1.00 31.30 ? 103 TRP A O   1 
ATOM   631  C CB  . TRP A 1 103 ? 14.741  -7.241  -4.391  1.00 24.94 ? 103 TRP A CB  1 
ATOM   632  C CG  . TRP A 1 103 ? 15.198  -8.317  -3.364  1.00 26.89 ? 103 TRP A CG  1 
ATOM   633  C CD1 . TRP A 1 103 ? 16.390  -9.041  -3.383  1.00 27.95 ? 103 TRP A CD1 1 
ATOM   634  C CD2 . TRP A 1 103 ? 14.451  -8.822  -2.239  1.00 25.24 ? 103 TRP A CD2 1 
ATOM   635  N NE1 . TRP A 1 103 ? 16.416  -9.952  -2.326  1.00 26.59 ? 103 TRP A NE1 1 
ATOM   636  C CE2 . TRP A 1 103 ? 15.247  -9.831  -1.612  1.00 27.08 ? 103 TRP A CE2 1 
ATOM   637  C CE3 . TRP A 1 103 ? 13.181  -8.545  -1.716  1.00 24.73 ? 103 TRP A CE3 1 
ATOM   638  C CZ2 . TRP A 1 103 ? 14.821  -10.531 -0.473  1.00 26.21 ? 103 TRP A CZ2 1 
ATOM   639  C CZ3 . TRP A 1 103 ? 12.745  -9.265  -0.571  1.00 23.72 ? 103 TRP A CZ3 1 
ATOM   640  C CH2 . TRP A 1 103 ? 13.564  -10.233 0.030   1.00 29.44 ? 103 TRP A CH2 1 
ATOM   641  N N   . ARG A 1 104 ? 13.244  -6.263  -7.064  1.00 29.02 ? 104 ARG A N   1 
ATOM   642  C CA  . ARG A 1 104 ? 12.662  -5.154  -7.834  1.00 27.65 ? 104 ARG A CA  1 
ATOM   643  C C   . ARG A 1 104 ? 11.190  -5.471  -8.193  1.00 27.70 ? 104 ARG A C   1 
ATOM   644  O O   . ARG A 1 104 ? 10.266  -4.620  -8.001  1.00 26.43 ? 104 ARG A O   1 
ATOM   645  C CB  . ARG A 1 104 ? 13.464  -4.859  -9.125  1.00 28.27 ? 104 ARG A CB  1 
ATOM   646  C CG  . ARG A 1 104 ? 12.847  -3.713  -10.006 1.00 27.86 ? 104 ARG A CG  1 
ATOM   647  C CD  . ARG A 1 104 ? 13.661  -3.363  -11.288 1.00 29.42 ? 104 ARG A CD  1 
ATOM   648  N NE  . ARG A 1 104 ? 15.069  -3.092  -10.960 1.00 34.15 ? 104 ARG A NE  1 
ATOM   649  C CZ  . ARG A 1 104 ? 15.559  -1.896  -10.680 1.00 38.14 ? 104 ARG A CZ  1 
ATOM   650  N NH1 . ARG A 1 104 ? 14.758  -0.810  -10.664 1.00 40.62 ? 104 ARG A NH1 1 
ATOM   651  N NH2 . ARG A 1 104 ? 16.871  -1.779  -10.415 1.00 38.12 ? 104 ARG A NH2 1 
ATOM   652  N N   . THR A 1 105 ? 10.977  -6.687  -8.708  1.00 24.74 ? 105 THR A N   1 
ATOM   653  C CA  . THR A 1 105 ? 9.654   -7.091  -9.046  1.00 25.55 ? 105 THR A CA  1 
ATOM   654  C C   . THR A 1 105 ? 8.714   -7.017  -7.861  1.00 23.44 ? 105 THR A C   1 
ATOM   655  O O   . THR A 1 105 ? 7.571   -6.632  -8.028  1.00 23.84 ? 105 THR A O   1 
ATOM   656  C CB  . THR A 1 105 ? 9.634   -8.530  -9.743  1.00 26.63 ? 105 THR A CB  1 
ATOM   657  O OG1 . THR A 1 105 ? 10.560  -8.486  -10.836 1.00 27.02 ? 105 THR A OG1 1 
ATOM   658  C CG2 . THR A 1 105 ? 8.240   -8.767  -10.333 1.00 27.87 ? 105 THR A CG2 1 
ATOM   659  N N   . GLY A 1 106 ? 9.177   -7.432  -6.689  1.00 23.11 ? 106 GLY A N   1 
ATOM   660  C CA  . GLY A 1 106 ? 8.387   -7.411  -5.468  1.00 22.57 ? 106 GLY A CA  1 
ATOM   661  C C   . GLY A 1 106 ? 7.997   -6.009  -4.984  1.00 24.44 ? 106 GLY A C   1 
ATOM   662  O O   . GLY A 1 106 ? 6.793   -5.720  -4.712  1.00 23.90 ? 106 GLY A O   1 
ATOM   663  N N   . ILE A 1 107 ? 9.023   -5.162  -4.787  1.00 24.41 ? 107 ILE A N   1 
ATOM   664  C CA  . ILE A 1 107 ? 8.838   -3.720  -4.508  1.00 21.22 ? 107 ILE A CA  1 
ATOM   665  C C   . ILE A 1 107 ? 7.931   -3.108  -5.578  1.00 24.34 ? 107 ILE A C   1 
ATOM   666  O O   . ILE A 1 107 ? 7.112   -2.282  -5.249  1.00 23.94 ? 107 ILE A O   1 
ATOM   667  C CB  . ILE A 1 107 ? 10.222  -2.960  -4.445  1.00 20.61 ? 107 ILE A CB  1 
ATOM   668  C CG1 . ILE A 1 107 ? 11.072  -3.517  -3.281  1.00 18.35 ? 107 ILE A CG1 1 
ATOM   669  C CG2 . ILE A 1 107 ? 10.039  -1.454  -4.213  1.00 15.39 ? 107 ILE A CG2 1 
ATOM   670  C CD1 . ILE A 1 107 ? 12.587  -3.075  -3.362  1.00 23.33 ? 107 ILE A CD1 1 
ATOM   671  N N   . ASN A 1 108 ? 8.054   -3.513  -6.864  1.00 25.15 ? 108 ASN A N   1 
ATOM   672  C CA  . ASN A 1 108 ? 7.188   -2.952  -7.911  1.00 24.74 ? 108 ASN A CA  1 
ATOM   673  C C   . ASN A 1 108 ? 5.656   -3.228  -7.724  1.00 24.78 ? 108 ASN A C   1 
ATOM   674  O O   . ASN A 1 108 ? 4.815   -2.439  -8.154  1.00 25.97 ? 108 ASN A O   1 
ATOM   675  C CB  . ASN A 1 108 ? 7.655   -3.374  -9.317  1.00 24.94 ? 108 ASN A CB  1 
ATOM   676  C CG  . ASN A 1 108 ? 6.900   -2.649  -10.447 1.00 25.29 ? 108 ASN A CG  1 
ATOM   677  O OD1 . ASN A 1 108 ? 6.962   -1.414  -10.582 1.00 25.65 ? 108 ASN A OD1 1 
ATOM   678  N ND2 . ASN A 1 108 ? 6.273   -3.423  -11.318 1.00 26.12 ? 108 ASN A ND2 1 
ATOM   679  N N   . VAL A 1 109 ? 5.307   -4.318  -7.067  1.00 25.51 ? 109 VAL A N   1 
ATOM   680  C CA  . VAL A 1 109 ? 3.902   -4.605  -6.744  1.00 25.47 ? 109 VAL A CA  1 
ATOM   681  C C   . VAL A 1 109 ? 3.327   -3.403  -5.965  1.00 25.47 ? 109 VAL A C   1 
ATOM   682  O O   . VAL A 1 109 ? 2.248   -2.908  -6.282  1.00 23.99 ? 109 VAL A O   1 
ATOM   683  C CB  . VAL A 1 109 ? 3.779   -5.887  -5.870  1.00 25.52 ? 109 VAL A CB  1 
ATOM   684  C CG1 . VAL A 1 109 ? 2.394   -5.978  -5.172  1.00 27.97 ? 109 VAL A CG1 1 
ATOM   685  C CG2 . VAL A 1 109 ? 4.071   -7.176  -6.690  1.00 28.43 ? 109 VAL A CG2 1 
ATOM   686  N N   . PHE A 1 110 ? 4.071   -2.922  -4.972  1.00 24.54 ? 110 PHE A N   1 
ATOM   687  C CA  . PHE A 1 110 ? 3.599   -1.794  -4.151  1.00 26.11 ? 110 PHE A CA  1 
ATOM   688  C C   . PHE A 1 110 ? 3.620   -0.471  -4.881  1.00 26.54 ? 110 PHE A C   1 
ATOM   689  O O   . PHE A 1 110 ? 2.621   0.225   -4.844  1.00 27.97 ? 110 PHE A O   1 
ATOM   690  C CB  . PHE A 1 110 ? 4.333   -1.814  -2.760  1.00 25.35 ? 110 PHE A CB  1 
ATOM   691  C CG  . PHE A 1 110 ? 4.032   -3.062  -2.009  1.00 23.57 ? 110 PHE A CG  1 
ATOM   692  C CD1 . PHE A 1 110 ? 2.854   -3.174  -1.274  1.00 25.17 ? 110 PHE A CD1 1 
ATOM   693  C CD2 . PHE A 1 110 ? 4.831   -4.182  -2.164  1.00 23.73 ? 110 PHE A CD2 1 
ATOM   694  C CE1 . PHE A 1 110 ? 2.513   -4.356  -0.631  1.00 23.48 ? 110 PHE A CE1 1 
ATOM   695  C CE2 . PHE A 1 110 ? 4.520   -5.405  -1.536  1.00 26.96 ? 110 PHE A CE2 1 
ATOM   696  C CZ  . PHE A 1 110 ? 3.383   -5.519  -0.753  1.00 26.30 ? 110 PHE A CZ  1 
ATOM   697  N N   . PHE A 1 111 ? 4.731   -0.150  -5.580  1.00 27.70 ? 111 PHE A N   1 
ATOM   698  C CA  . PHE A 1 111 ? 4.888   1.046   -6.453  1.00 28.52 ? 111 PHE A CA  1 
ATOM   699  C C   . PHE A 1 111 ? 3.714   1.206   -7.422  1.00 28.98 ? 111 PHE A C   1 
ATOM   700  O O   . PHE A 1 111 ? 3.110   2.267   -7.464  1.00 28.62 ? 111 PHE A O   1 
ATOM   701  C CB  . PHE A 1 111 ? 6.247   0.994   -7.251  1.00 28.96 ? 111 PHE A CB  1 
ATOM   702  C CG  . PHE A 1 111 ? 6.478   2.166   -8.202  1.00 29.71 ? 111 PHE A CG  1 
ATOM   703  C CD1 . PHE A 1 111 ? 6.780   3.441   -7.713  1.00 23.77 ? 111 PHE A CD1 1 
ATOM   704  C CD2 . PHE A 1 111 ? 6.448   1.973   -9.614  1.00 30.78 ? 111 PHE A CD2 1 
ATOM   705  C CE1 . PHE A 1 111 ? 7.011   4.511   -8.602  1.00 24.41 ? 111 PHE A CE1 1 
ATOM   706  C CE2 . PHE A 1 111 ? 6.693   3.073   -10.543 1.00 29.14 ? 111 PHE A CE2 1 
ATOM   707  C CZ  . PHE A 1 111 ? 6.961   4.332   -10.037 1.00 25.62 ? 111 PHE A CZ  1 
ATOM   708  N N   . GLU A 1 112 ? 3.368   0.138   -8.131  1.00 28.17 ? 112 GLU A N   1 
ATOM   709  C CA  . GLU A 1 112 ? 2.246   0.134   -9.087  1.00 29.42 ? 112 GLU A CA  1 
ATOM   710  C C   . GLU A 1 112 ? 0.891   0.120   -8.434  1.00 29.50 ? 112 GLU A C   1 
ATOM   711  O O   . GLU A 1 112 ? -0.032  0.795   -8.880  1.00 32.04 ? 112 GLU A O   1 
ATOM   712  C CB  . GLU A 1 112 ? 2.305   -1.159  -9.951  1.00 28.58 ? 112 GLU A CB  1 
ATOM   713  C CG  . GLU A 1 112 ? 3.313   -1.103  -11.076 1.00 30.58 ? 112 GLU A CG  1 
ATOM   714  C CD  . GLU A 1 112 ? 3.051   0.058   -12.031 1.00 34.67 ? 112 GLU A CD  1 
ATOM   715  O OE1 . GLU A 1 112 ? 1.861   0.402   -12.284 1.00 38.84 ? 112 GLU A OE1 1 
ATOM   716  O OE2 . GLU A 1 112 ? 4.031   0.623   -12.538 1.00 34.02 ? 112 GLU A OE2 1 
ATOM   717  N N   . THR A 1 113 ? 0.718   -0.687  -7.406  1.00 28.54 ? 113 THR A N   1 
ATOM   718  C CA  . THR A 1 113 ? -0.607  -0.800  -6.847  1.00 27.00 ? 113 THR A CA  1 
ATOM   719  C C   . THR A 1 113 ? -0.977  0.489   -6.146  1.00 27.85 ? 113 THR A C   1 
ATOM   720  O O   . THR A 1 113 ? -2.064  1.088   -6.396  1.00 27.53 ? 113 THR A O   1 
ATOM   721  C CB  . THR A 1 113 ? -0.709  -2.002  -5.863  1.00 27.79 ? 113 THR A CB  1 
ATOM   722  O OG1 . THR A 1 113 ? -0.286  -3.171  -6.543  1.00 24.65 ? 113 THR A OG1 1 
ATOM   723  C CG2 . THR A 1 113 ? -2.146  -2.216  -5.381  1.00 24.35 ? 113 THR A CG2 1 
ATOM   724  N N   . PHE A 1 114 ? -0.109  0.949   -5.244  1.00 25.42 ? 114 PHE A N   1 
ATOM   725  C CA  . PHE A 1 114 ? -0.517  2.151   -4.482  1.00 24.26 ? 114 PHE A CA  1 
ATOM   726  C C   . PHE A 1 114 ? -0.434  3.343   -5.388  1.00 23.94 ? 114 PHE A C   1 
ATOM   727  O O   . PHE A 1 114 ? -1.192  4.333   -5.266  1.00 24.01 ? 114 PHE A O   1 
ATOM   728  C CB  . PHE A 1 114 ? 0.382   2.277   -3.239  1.00 23.75 ? 114 PHE A CB  1 
ATOM   729  C CG  . PHE A 1 114 ? 0.023   1.316   -2.214  1.00 24.32 ? 114 PHE A CG  1 
ATOM   730  C CD1 . PHE A 1 114 ? -1.054  1.591   -1.356  1.00 27.07 ? 114 PHE A CD1 1 
ATOM   731  C CD2 . PHE A 1 114 ? 0.709   0.140   -2.071  1.00 24.51 ? 114 PHE A CD2 1 
ATOM   732  C CE1 . PHE A 1 114 ? -1.449  0.676   -0.372  1.00 26.98 ? 114 PHE A CE1 1 
ATOM   733  C CE2 . PHE A 1 114 ? 0.311   -0.812  -1.098  1.00 27.37 ? 114 PHE A CE2 1 
ATOM   734  C CZ  . PHE A 1 114 ? -0.763  -0.546  -0.253  1.00 28.54 ? 114 PHE A CZ  1 
ATOM   735  N N   . GLY A 1 115 ? 0.528   3.285   -6.299  1.00 22.99 ? 115 GLY A N   1 
ATOM   736  C CA  . GLY A 1 115 ? 0.816   4.420   -7.177  1.00 23.10 ? 115 GLY A CA  1 
ATOM   737  C C   . GLY A 1 115 ? -0.270  4.598   -8.240  1.00 25.23 ? 115 GLY A C   1 
ATOM   738  O O   . GLY A 1 115 ? -0.382  5.631   -8.825  1.00 24.47 ? 115 GLY A O   1 
ATOM   739  N N   . SER A 1 116 ? -1.053  3.567   -8.502  1.00 26.98 ? 116 SER A N   1 
ATOM   740  C CA  . SER A 1 116 ? -2.290  3.701   -9.300  1.00 28.86 ? 116 SER A CA  1 
ATOM   741  C C   . SER A 1 116 ? -3.469  4.151   -8.452  1.00 29.79 ? 116 SER A C   1 
ATOM   742  O O   . SER A 1 116 ? -4.541  4.366   -8.993  1.00 31.82 ? 116 SER A O   1 
ATOM   743  C CB  . SER A 1 116 ? -2.659  2.353   -9.894  1.00 27.46 ? 116 SER A CB  1 
ATOM   744  O OG  . SER A 1 116 ? -1.618  2.054   -10.805 1.00 31.69 ? 116 SER A OG  1 
ATOM   745  N N   . HIS A 1 117 ? -3.297  4.237   -7.133  1.00 30.39 ? 117 HIS A N   1 
ATOM   746  C CA  . HIS A 1 117 ? -4.369  4.703   -6.247  1.00 30.66 ? 117 HIS A CA  1 
ATOM   747  C C   . HIS A 1 117 ? -3.891  5.794   -5.280  1.00 31.16 ? 117 HIS A C   1 
ATOM   748  O O   . HIS A 1 117 ? -3.972  5.620   -4.083  1.00 31.62 ? 117 HIS A O   1 
ATOM   749  C CB  . HIS A 1 117 ? -4.993  3.519   -5.519  1.00 30.97 ? 117 HIS A CB  1 
ATOM   750  C CG  . HIS A 1 117 ? -5.729  2.594   -6.441  1.00 33.60 ? 117 HIS A CG  1 
ATOM   751  N ND1 . HIS A 1 117 ? -5.172  1.413   -6.921  1.00 37.20 ? 117 HIS A ND1 1 
ATOM   752  C CD2 . HIS A 1 117 ? -6.952  2.699   -7.023  1.00 33.55 ? 117 HIS A CD2 1 
ATOM   753  C CE1 . HIS A 1 117 ? -6.016  0.839   -7.768  1.00 35.37 ? 117 HIS A CE1 1 
ATOM   754  N NE2 . HIS A 1 117 ? -7.103  1.595   -7.851  1.00 35.64 ? 117 HIS A NE2 1 
ATOM   755  N N   . LYS A 1 118 ? -3.422  6.921   -5.808  1.00 30.76 ? 118 LYS A N   1 
ATOM   756  C CA  . LYS A 1 118 ? -2.749  7.926   -4.980  1.00 32.73 ? 118 LYS A CA  1 
ATOM   757  C C   . LYS A 1 118 ? -3.609  8.623   -3.939  1.00 33.04 ? 118 LYS A C   1 
ATOM   758  O O   . LYS A 1 118 ? -3.179  8.777   -2.793  1.00 34.51 ? 118 LYS A O   1 
ATOM   759  C CB  . LYS A 1 118 ? -2.018  8.939   -5.855  1.00 31.51 ? 118 LYS A CB  1 
ATOM   760  C CG  . LYS A 1 118 ? -0.635  8.407   -6.289  1.00 31.10 ? 118 LYS A CG  1 
ATOM   761  C CD  . LYS A 1 118 ? 0.016   9.189   -7.413  1.00 33.56 ? 118 LYS A CD  1 
ATOM   762  C CE  . LYS A 1 118 ? 0.630   8.162   -8.403  1.00 32.69 ? 118 LYS A CE  1 
ATOM   763  N NZ  . LYS A 1 118 ? 1.551   8.736   -9.332  1.00 37.78 ? 118 LYS A NZ  1 
ATOM   764  N N   . ALA A 1 119 ? -4.793  9.086   -4.350  1.00 33.74 ? 119 ALA A N   1 
ATOM   765  C CA  . ALA A 1 119 ? -5.721  9.777   -3.443  1.00 32.91 ? 119 ALA A CA  1 
ATOM   766  C C   . ALA A 1 119 ? -6.101  8.856   -2.285  1.00 32.12 ? 119 ALA A C   1 
ATOM   767  O O   . ALA A 1 119 ? -6.037  9.272   -1.110  1.00 33.10 ? 119 ALA A O   1 
ATOM   768  C CB  . ALA A 1 119 ? -6.957  10.246  -4.198  1.00 32.67 ? 119 ALA A CB  1 
ATOM   769  N N   . VAL A 1 120 ? -6.446  7.600   -2.578  1.00 31.27 ? 120 VAL A N   1 
ATOM   770  C CA  . VAL A 1 120 ? -6.769  6.619   -1.514  1.00 31.10 ? 120 VAL A CA  1 
ATOM   771  C C   . VAL A 1 120 ? -5.542  6.344   -0.648  1.00 32.21 ? 120 VAL A C   1 
ATOM   772  O O   . VAL A 1 120 ? -5.623  6.327   0.573   1.00 32.24 ? 120 VAL A O   1 
ATOM   773  C CB  . VAL A 1 120 ? -7.284  5.261   -2.067  1.00 31.07 ? 120 VAL A CB  1 
ATOM   774  C CG1 . VAL A 1 120 ? -7.411  4.200   -0.945  1.00 28.11 ? 120 VAL A CG1 1 
ATOM   775  C CG2 . VAL A 1 120 ? -8.610  5.451   -2.817  1.00 30.87 ? 120 VAL A CG2 1 
ATOM   776  N N   . THR A 1 121 ? -4.393  6.082   -1.264  1.00 32.03 ? 121 THR A N   1 
ATOM   777  C CA  . THR A 1 121 ? -3.191  5.983   -0.439  1.00 31.97 ? 121 THR A CA  1 
ATOM   778  C C   . THR A 1 121 ? -3.051  7.187   0.521   1.00 34.21 ? 121 THR A C   1 
ATOM   779  O O   . THR A 1 121 ? -2.952  7.023   1.764   1.00 34.13 ? 121 THR A O   1 
ATOM   780  C CB  . THR A 1 121 ? -1.973  5.872   -1.350  1.00 31.41 ? 121 THR A CB  1 
ATOM   781  O OG1 . THR A 1 121 ? -2.081  4.639   -2.046  1.00 23.28 ? 121 THR A OG1 1 
ATOM   782  C CG2 . THR A 1 121 ? -0.668  5.905   -0.537  1.00 29.88 ? 121 THR A CG2 1 
ATOM   783  N N   . ARG A 1 122 ? -3.019  8.381   -0.066  1.00 36.10 ? 122 ARG A N   1 
ATOM   784  C CA  . ARG A 1 122 ? -2.798  9.604   0.687   1.00 37.57 ? 122 ARG A CA  1 
ATOM   785  C C   . ARG A 1 122 ? -3.842  9.666   1.829   1.00 37.61 ? 122 ARG A C   1 
ATOM   786  O O   . ARG A 1 122 ? -3.498  9.870   3.023   1.00 38.18 ? 122 ARG A O   1 
ATOM   787  C CB  . ARG A 1 122 ? -2.933  10.797  -0.261  1.00 38.26 ? 122 ARG A CB  1 
ATOM   788  C CG  . ARG A 1 122 ? -2.666  12.192  0.382   1.00 44.93 ? 122 ARG A CG  1 
ATOM   789  C CD  . ARG A 1 122 ? -3.256  13.430  -0.383  1.00 52.88 ? 122 ARG A CD  1 
ATOM   790  N NE  . ARG A 1 122 ? -4.593  13.245  -1.007  1.00 59.13 ? 122 ARG A NE  1 
ATOM   791  C CZ  . ARG A 1 122 ? -5.777  13.120  -0.372  1.00 60.45 ? 122 ARG A CZ  1 
ATOM   792  N NH1 . ARG A 1 122 ? -5.886  13.137  0.974   1.00 60.87 ? 122 ARG A NH1 1 
ATOM   793  N NH2 . ARG A 1 122 ? -6.878  12.962  -1.106  1.00 59.18 ? 122 ARG A NH2 1 
ATOM   794  N N   . ALA A 1 123 ? -5.122  9.459   1.489   1.00 37.60 ? 123 ALA A N   1 
ATOM   795  C CA  . ALA A 1 123 ? -6.174  9.643   2.508   1.00 36.53 ? 123 ALA A CA  1 
ATOM   796  C C   . ALA A 1 123 ? -6.140  8.517   3.522   1.00 36.88 ? 123 ALA A C   1 
ATOM   797  O O   . ALA A 1 123 ? -6.259  8.761   4.757   1.00 36.95 ? 123 ALA A O   1 
ATOM   798  C CB  . ALA A 1 123 ? -7.542  9.838   1.882   1.00 35.16 ? 123 ALA A CB  1 
ATOM   799  N N   . GLY A 1 124 ? -5.876  7.297   3.056   1.00 37.31 ? 124 GLY A N   1 
ATOM   800  C CA  . GLY A 1 124 ? -5.790  6.149   3.985   1.00 39.05 ? 124 GLY A CA  1 
ATOM   801  C C   . GLY A 1 124 ? -4.677  6.344   5.004   1.00 41.88 ? 124 GLY A C   1 
ATOM   802  O O   . GLY A 1 124 ? -4.792  5.946   6.188   1.00 42.37 ? 124 GLY A O   1 
ATOM   803  N N   . GLN A 1 125 ? -3.595  6.990   4.563   1.00 42.47 ? 125 GLN A N   1 
ATOM   804  C CA  . GLN A 1 125 ? -2.473  7.227   5.451   1.00 44.43 ? 125 GLN A CA  1 
ATOM   805  C C   . GLN A 1 125 ? -2.812  8.293   6.466   1.00 43.96 ? 125 GLN A C   1 
ATOM   806  O O   . GLN A 1 125 ? -2.473  8.126   7.622   1.00 43.63 ? 125 GLN A O   1 
ATOM   807  C CB  . GLN A 1 125 ? -1.203  7.609   4.696   1.00 44.19 ? 125 GLN A CB  1 
ATOM   808  C CG  . GLN A 1 125 ? -0.530  6.435   3.985   1.00 48.22 ? 125 GLN A CG  1 
ATOM   809  C CD  . GLN A 1 125 ? 0.045   5.371   4.940   1.00 51.56 ? 125 GLN A CD  1 
ATOM   810  O OE1 . GLN A 1 125 ? -0.411  4.218   4.941   1.00 51.74 ? 125 GLN A OE1 1 
ATOM   811  N NE2 . GLN A 1 125 ? 1.038   5.761   5.753   1.00 50.48 ? 125 GLN A NE2 1 
ATOM   812  N N   . ALA A 1 126 ? -3.455  9.371   6.023   1.00 43.92 ? 126 ALA A N   1 
ATOM   813  C CA  . ALA A 1 126 ? -3.909  10.416  6.926   1.00 44.55 ? 126 ALA A CA  1 
ATOM   814  C C   . ALA A 1 126 ? -4.866  9.864   7.982   1.00 45.30 ? 126 ALA A C   1 
ATOM   815  O O   . ALA A 1 126 ? -4.724  10.186  9.184   1.00 46.25 ? 126 ALA A O   1 
ATOM   816  C CB  . ALA A 1 126 ? -4.552  11.587  6.165   1.00 44.55 ? 126 ALA A CB  1 
ATOM   817  N N   . ALA A 1 127 ? -5.797  9.000   7.566   1.00 45.01 ? 127 ALA A N   1 
ATOM   818  C CA  . ALA A 1 127 ? -6.727  8.335   8.504   1.00 44.55 ? 127 ALA A CA  1 
ATOM   819  C C   . ALA A 1 127 ? -6.149  7.411   9.595   1.00 45.53 ? 127 ALA A C   1 
ATOM   820  O O   . ALA A 1 127 ? -6.874  7.056   10.519  1.00 45.57 ? 127 ALA A O   1 
ATOM   821  C CB  . ALA A 1 127 ? -7.782  7.589   7.745   1.00 43.42 ? 127 ALA A CB  1 
ATOM   822  N N   . ARG A 1 128 ? -4.881  6.979   9.500   1.00 46.28 ? 128 ARG A N   1 
ATOM   823  C CA  . ARG A 1 128 ? -4.276  6.186   10.565  1.00 46.81 ? 128 ARG A CA  1 
ATOM   824  C C   . ARG A 1 128 ? -4.283  6.944   11.883  1.00 47.65 ? 128 ARG A C   1 
ATOM   825  O O   . ARG A 1 128 ? -4.487  6.335   12.935  1.00 47.72 ? 128 ARG A O   1 
ATOM   826  C CB  . ARG A 1 128 ? -2.852  5.797   10.265  1.00 46.57 ? 128 ARG A CB  1 
ATOM   827  C CG  . ARG A 1 128 ? -2.702  4.773   9.204   1.00 48.46 ? 128 ARG A CG  1 
ATOM   828  C CD  . ARG A 1 128 ? -1.254  4.760   8.773   1.00 51.13 ? 128 ARG A CD  1 
ATOM   829  N NE  . ARG A 1 128 ? -0.438  3.973   9.692   1.00 54.36 ? 128 ARG A NE  1 
ATOM   830  C CZ  . ARG A 1 128 ? 0.832   3.618   9.476   1.00 54.82 ? 128 ARG A CZ  1 
ATOM   831  N NH1 . ARG A 1 128 ? 1.487   3.979   8.379   1.00 54.62 ? 128 ARG A NH1 1 
ATOM   832  N NH2 . ARG A 1 128 ? 1.445   2.885   10.370  1.00 56.16 ? 128 ARG A NH2 1 
ATOM   833  N N   . ALA A 1 129 ? -4.073  8.262   11.822  1.00 48.45 ? 129 ALA A N   1 
ATOM   834  C CA  . ALA A 1 129 ? -4.143  9.148   13.009  1.00 49.30 ? 129 ALA A CA  1 
ATOM   835  C C   . ALA A 1 129 ? -5.514  9.168   13.755  1.00 50.42 ? 129 ALA A C   1 
ATOM   836  O O   . ALA A 1 129 ? -5.587  9.494   14.947  1.00 50.39 ? 129 ALA A O   1 
ATOM   837  C CB  . ALA A 1 129 ? -3.702  10.579  12.636  1.00 48.22 ? 129 ALA A CB  1 
ATOM   838  N N   . THR A 1 130 ? -6.571  8.770   13.056  1.00 50.65 ? 130 THR A N   1 
ATOM   839  C CA  . THR A 1 130 ? -7.930  9.146   13.388  1.00 51.14 ? 130 THR A CA  1 
ATOM   840  C C   . THR A 1 130 ? -8.785  7.904   13.606  1.00 51.78 ? 130 THR A C   1 
ATOM   841  O O   . THR A 1 130 ? -9.659  7.885   14.478  1.00 52.47 ? 130 THR A O   1 
ATOM   842  C CB  . THR A 1 130 ? -8.478  10.000  12.216  1.00 51.59 ? 130 THR A CB  1 
ATOM   843  O OG1 . THR A 1 130 ? -8.287  11.377  12.535  1.00 51.35 ? 130 THR A OG1 1 
ATOM   844  C CG2 . THR A 1 130 ? -9.964  9.721   11.868  1.00 50.27 ? 130 THR A CG2 1 
ATOM   845  N N   . SER A 1 131 ? -8.514  6.863   12.823  1.00 50.43 ? 131 SER A N   1 
ATOM   846  C CA  . SER A 1 131 ? -9.353  5.705   12.756  1.00 49.98 ? 131 SER A CA  1 
ATOM   847  C C   . SER A 1 131 ? -8.553  4.538   13.252  1.00 50.43 ? 131 SER A C   1 
ATOM   848  O O   . SER A 1 131 ? -7.462  4.277   12.736  1.00 50.45 ? 131 SER A O   1 
ATOM   849  C CB  . SER A 1 131 ? -9.762  5.470   11.320  1.00 49.82 ? 131 SER A CB  1 
ATOM   850  O OG  . SER A 1 131 ? -10.476 4.254   11.203  1.00 50.62 ? 131 SER A OG  1 
ATOM   851  N N   . VAL A 1 132 ? -9.075  3.842   14.274  1.00 50.25 ? 132 VAL A N   1 
ATOM   852  C CA  . VAL A 1 132 ? -8.372  2.708   14.827  1.00 49.00 ? 132 VAL A CA  1 
ATOM   853  C C   . VAL A 1 132 ? -8.394  1.524   13.867  1.00 47.95 ? 132 VAL A C   1 
ATOM   854  O O   . VAL A 1 132 ? -7.459  0.720   13.866  1.00 47.16 ? 132 VAL A O   1 
ATOM   855  C CB  . VAL A 1 132 ? -8.829  2.315   16.276  1.00 49.72 ? 132 VAL A CB  1 
ATOM   856  C CG1 . VAL A 1 132 ? -8.740  3.523   17.232  1.00 50.36 ? 132 VAL A CG1 1 
ATOM   857  C CG2 . VAL A 1 132 ? -10.242 1.688   16.284  1.00 51.14 ? 132 VAL A CG2 1 
ATOM   858  N N   . GLU A 1 133 ? -9.456  1.423   13.063  1.00 46.64 ? 133 GLU A N   1 
ATOM   859  C CA  . GLU A 1 133 ? -9.570  0.351   12.080  1.00 46.01 ? 133 GLU A CA  1 
ATOM   860  C C   . GLU A 1 133 ? -8.664  0.558   10.873  1.00 43.46 ? 133 GLU A C   1 
ATOM   861  O O   . GLU A 1 133 ? -8.202  -0.408  10.268  1.00 42.14 ? 133 GLU A O   1 
ATOM   862  C CB  . GLU A 1 133 ? -10.981 0.249   11.521  1.00 46.94 ? 133 GLU A CB  1 
ATOM   863  C CG  . GLU A 1 133 ? -11.980 -0.295  12.456  1.00 51.73 ? 133 GLU A CG  1 
ATOM   864  C CD  . GLU A 1 133 ? -12.938 0.787   12.789  1.00 59.21 ? 133 GLU A CD  1 
ATOM   865  O OE1 . GLU A 1 133 ? -12.498 1.836   13.377  1.00 61.19 ? 133 GLU A OE1 1 
ATOM   866  O OE2 . GLU A 1 133 ? -14.120 0.591   12.404  1.00 61.03 ? 133 GLU A OE2 1 
ATOM   867  N N   . VAL A 1 134 ? -8.470  1.821   10.486  1.00 41.42 ? 134 VAL A N   1 
ATOM   868  C CA  . VAL A 1 134 ? -7.584  2.106   9.360   1.00 39.34 ? 134 VAL A CA  1 
ATOM   869  C C   . VAL A 1 134 ? -6.174  1.739   9.850   1.00 38.13 ? 134 VAL A C   1 
ATOM   870  O O   . VAL A 1 134 ? -5.427  1.016   9.162   1.00 37.76 ? 134 VAL A O   1 
ATOM   871  C CB  . VAL A 1 134 ? -7.708  3.570   8.851   1.00 39.91 ? 134 VAL A CB  1 
ATOM   872  C CG1 . VAL A 1 134 ? -6.458  3.965   8.023   1.00 38.01 ? 134 VAL A CG1 1 
ATOM   873  C CG2 . VAL A 1 134 ? -9.049  3.791   8.064   1.00 38.14 ? 134 VAL A CG2 1 
ATOM   874  N N   . ALA A 1 135 ? -5.890  2.140   11.091  1.00 36.96 ? 135 ALA A N   1 
ATOM   875  C CA  . ALA A 1 135 ? -4.626  1.835   11.792  1.00 35.47 ? 135 ALA A CA  1 
ATOM   876  C C   . ALA A 1 135 ? -4.377  0.357   11.934  1.00 34.35 ? 135 ALA A C   1 
ATOM   877  O O   . ALA A 1 135 ? -3.250  -0.096  11.735  1.00 33.86 ? 135 ALA A O   1 
ATOM   878  C CB  . ALA A 1 135 ? -4.540  2.554   13.177  1.00 35.94 ? 135 ALA A CB  1 
ATOM   879  N N   . GLU A 1 136 ? -5.415  -0.413  12.236  1.00 33.44 ? 136 GLU A N   1 
ATOM   880  C CA  . GLU A 1 136 ? -5.258  -1.832  12.448  1.00 32.31 ? 136 GLU A CA  1 
ATOM   881  C C   . GLU A 1 136 ? -5.177  -2.625  11.135  1.00 30.79 ? 136 GLU A C   1 
ATOM   882  O O   . GLU A 1 136 ? -4.530  -3.695  11.062  1.00 29.60 ? 136 GLU A O   1 
ATOM   883  C CB  . GLU A 1 136 ? -6.371  -2.377  13.379  1.00 34.17 ? 136 GLU A CB  1 
ATOM   884  C CG  . GLU A 1 136 ? -6.195  -2.013  14.908  1.00 38.61 ? 136 GLU A CG  1 
ATOM   885  C CD  . GLU A 1 136 ? -7.382  -2.558  15.802  1.00 47.42 ? 136 GLU A CD  1 
ATOM   886  O OE1 . GLU A 1 136 ? -8.526  -2.563  15.319  1.00 50.55 ? 136 GLU A OE1 1 
ATOM   887  O OE2 . GLU A 1 136 ? -7.191  -2.994  16.974  1.00 50.03 ? 136 GLU A OE2 1 
ATOM   888  N N   . LEU A 1 137 ? -5.847  -2.133  10.103  1.00 29.41 ? 137 LEU A N   1 
ATOM   889  C CA  . LEU A 1 137 ? -5.758  -2.770  8.755   1.00 28.20 ? 137 LEU A CA  1 
ATOM   890  C C   . LEU A 1 137 ? -4.343  -2.572  8.215   1.00 28.05 ? 137 LEU A C   1 
ATOM   891  O O   . LEU A 1 137 ? -3.751  -3.489  7.662   1.00 27.58 ? 137 LEU A O   1 
ATOM   892  C CB  . LEU A 1 137 ? -6.747  -2.096  7.794   1.00 28.02 ? 137 LEU A CB  1 
ATOM   893  C CG  . LEU A 1 137 ? -6.663  -2.422  6.320   1.00 29.49 ? 137 LEU A CG  1 
ATOM   894  C CD1 . LEU A 1 137 ? -7.009  -3.892  6.055   1.00 32.77 ? 137 LEU A CD1 1 
ATOM   895  C CD2 . LEU A 1 137 ? -7.603  -1.522  5.566   1.00 32.41 ? 137 LEU A CD2 1 
ATOM   896  N N   . TRP A 1 138 ? -3.810  -1.361  8.384   1.00 26.98 ? 138 TRP A N   1 
ATOM   897  C CA  . TRP A 1 138 ? -2.443  -1.067  7.929   1.00 28.27 ? 138 TRP A CA  1 
ATOM   898  C C   . TRP A 1 138 ? -1.438  -1.948  8.671   1.00 27.28 ? 138 TRP A C   1 
ATOM   899  O O   . TRP A 1 138 ? -0.675  -2.729  8.075   1.00 24.05 ? 138 TRP A O   1 
ATOM   900  C CB  . TRP A 1 138 ? -2.130  0.441   8.091   1.00 28.70 ? 138 TRP A CB  1 
ATOM   901  C CG  . TRP A 1 138 ? -0.941  0.758   7.380   1.00 32.76 ? 138 TRP A CG  1 
ATOM   902  C CD1 . TRP A 1 138 ? 0.364   0.981   7.889   1.00 34.17 ? 138 TRP A CD1 1 
ATOM   903  C CD2 . TRP A 1 138 ? -0.836  0.807   5.970   1.00 36.24 ? 138 TRP A CD2 1 
ATOM   904  N NE1 . TRP A 1 138 ? 1.239   1.204   6.829   1.00 35.21 ? 138 TRP A NE1 1 
ATOM   905  C CE2 . TRP A 1 138 ? 0.531   1.077   5.649   1.00 36.49 ? 138 TRP A CE2 1 
ATOM   906  C CE3 . TRP A 1 138 ? -1.761  0.649   4.937   1.00 32.69 ? 138 TRP A CE3 1 
ATOM   907  C CZ2 . TRP A 1 138 ? 0.955   1.204   4.330   1.00 36.15 ? 138 TRP A CZ2 1 
ATOM   908  C CZ3 . TRP A 1 138 ? -1.335  0.791   3.641   1.00 37.83 ? 138 TRP A CZ3 1 
ATOM   909  C CH2 . TRP A 1 138 ? -0.003  1.071   3.344   1.00 33.80 ? 138 TRP A CH2 1 
ATOM   910  N N   . SER A 1 139 ? -1.507  -1.848  9.997   1.00 27.17 ? 139 SER A N   1 
ATOM   911  C CA  . SER A 1 139 ? -0.695  -2.676  10.913  1.00 28.22 ? 139 SER A CA  1 
ATOM   912  C C   . SER A 1 139 ? -0.721  -4.177  10.638  1.00 27.84 ? 139 SER A C   1 
ATOM   913  O O   . SER A 1 139 ? 0.305   -4.793  10.692  1.00 28.41 ? 139 SER A O   1 
ATOM   914  C CB  . SER A 1 139 ? -1.061  -2.355  12.394  1.00 28.02 ? 139 SER A CB  1 
ATOM   915  O OG  . SER A 1 139 ? -0.496  -3.337  13.272  1.00 29.37 ? 139 SER A OG  1 
ATOM   916  N N   . THR A 1 140 ? -1.886  -4.760  10.356  1.00 27.96 ? 140 THR A N   1 
ATOM   917  C CA  . THR A 1 140 ? -1.997  -6.174  9.983   1.00 29.64 ? 140 THR A CA  1 
ATOM   918  C C   . THR A 1 140 ? -1.259  -6.532  8.677   1.00 28.76 ? 140 THR A C   1 
ATOM   919  O O   . THR A 1 140 ? -0.531  -7.529  8.628   1.00 29.43 ? 140 THR A O   1 
ATOM   920  C CB  . THR A 1 140 ? -3.519  -6.571  9.747   1.00 32.09 ? 140 THR A CB  1 
ATOM   921  O OG1 . THR A 1 140 ? -4.302  -6.057  10.831  1.00 34.53 ? 140 THR A OG1 1 
ATOM   922  C CG2 . THR A 1 140 ? -3.687  -8.044  9.677   1.00 32.29 ? 140 THR A CG2 1 
ATOM   923  N N   . PHE A 1 141 ? -1.490  -5.773  7.589   1.00 26.16 ? 141 PHE A N   1 
ATOM   924  C CA  . PHE A 1 141 ? -0.769  -6.095  6.373   1.00 25.55 ? 141 PHE A CA  1 
ATOM   925  C C   . PHE A 1 141 ? 0.711   -5.794  6.403   1.00 24.72 ? 141 PHE A C   1 
ATOM   926  O O   . PHE A 1 141 ? 1.490   -6.538  5.767   1.00 22.73 ? 141 PHE A O   1 
ATOM   927  C CB  . PHE A 1 141 ? -1.445  -5.530  5.128   1.00 25.53 ? 141 PHE A CB  1 
ATOM   928  C CG  . PHE A 1 141 ? -2.712  -6.291  4.779   1.00 26.18 ? 141 PHE A CG  1 
ATOM   929  C CD1 . PHE A 1 141 ? -2.690  -7.306  3.844   1.00 24.82 ? 141 PHE A CD1 1 
ATOM   930  C CD2 . PHE A 1 141 ? -3.917  -6.015  5.475   1.00 25.40 ? 141 PHE A CD2 1 
ATOM   931  C CE1 . PHE A 1 141 ? -3.856  -8.029  3.563   1.00 31.01 ? 141 PHE A CE1 1 
ATOM   932  C CE2 . PHE A 1 141 ? -5.087  -6.729  5.188   1.00 27.95 ? 141 PHE A CE2 1 
ATOM   933  C CZ  . PHE A 1 141 ? -5.059  -7.735  4.256   1.00 26.74 ? 141 PHE A CZ  1 
ATOM   934  N N   . MET A 1 142 ? 1.091   -4.747  7.126   1.00 24.84 ? 142 MET A N   1 
ATOM   935  C CA  . MET A 1 142 ? 2.525   -4.461  7.271   1.00 27.05 ? 142 MET A CA  1 
ATOM   936  C C   . MET A 1 142 ? 3.262   -5.676  7.909   1.00 27.04 ? 142 MET A C   1 
ATOM   937  O O   . MET A 1 142 ? 4.321   -6.134  7.404   1.00 28.30 ? 142 MET A O   1 
ATOM   938  C CB  . MET A 1 142 ? 2.741   -3.150  8.049   1.00 25.99 ? 142 MET A CB  1 
ATOM   939  C CG  . MET A 1 142 ? 2.417   -1.873  7.214   1.00 27.06 ? 142 MET A CG  1 
ATOM   940  S SD  . MET A 1 142 ? 3.423   -1.640  5.696   1.00 31.69 ? 142 MET A SD  1 
ATOM   941  C CE  . MET A 1 142 ? 5.092   -1.280  6.395   1.00 31.22 ? 142 MET A CE  1 
ATOM   942  N N   . GLN A 1 143 ? 2.681   -6.216  8.994   1.00 28.22 ? 143 GLN A N   1 
ATOM   943  C CA  . GLN A 1 143 ? 3.236   -7.365  9.700   1.00 29.15 ? 143 GLN A CA  1 
ATOM   944  C C   . GLN A 1 143 ? 3.332   -8.553  8.759   1.00 27.90 ? 143 GLN A C   1 
ATOM   945  O O   . GLN A 1 143 ? 4.316   -9.297  8.784   1.00 26.96 ? 143 GLN A O   1 
ATOM   946  C CB  . GLN A 1 143 ? 2.323   -7.766  10.871  1.00 29.58 ? 143 GLN A CB  1 
ATOM   947  C CG  . GLN A 1 143 ? 2.279   -6.700  11.967  1.00 32.49 ? 143 GLN A CG  1 
ATOM   948  C CD  . GLN A 1 143 ? 1.343   -7.099  13.129  1.00 36.51 ? 143 GLN A CD  1 
ATOM   949  O OE1 . GLN A 1 143 ? 0.280   -6.530  13.299  1.00 38.20 ? 143 GLN A OE1 1 
ATOM   950  N NE2 . GLN A 1 143 ? 1.732   -8.094  13.888  1.00 39.41 ? 143 GLN A NE2 1 
ATOM   951  N N   . LYS A 1 144 ? 2.303   -8.711  7.932   1.00 26.31 ? 144 LYS A N   1 
ATOM   952  C CA  . LYS A 1 144 ? 2.301   -9.793  6.933   1.00 27.60 ? 144 LYS A CA  1 
ATOM   953  C C   . LYS A 1 144 ? 3.390   -9.593  5.875   1.00 26.04 ? 144 LYS A C   1 
ATOM   954  O O   . LYS A 1 144 ? 4.096   -10.553 5.558   1.00 26.27 ? 144 LYS A O   1 
ATOM   955  C CB  . LYS A 1 144 ? 0.901   -9.988  6.317   1.00 29.21 ? 144 LYS A CB  1 
ATOM   956  C CG  . LYS A 1 144 ? 0.872   -10.854 5.044   1.00 33.70 ? 144 LYS A CG  1 
ATOM   957  C CD  . LYS A 1 144 ? -0.550  -11.423 4.747   1.00 37.08 ? 144 LYS A CD  1 
ATOM   958  C CE  . LYS A 1 144 ? -0.458  -12.388 3.551   1.00 38.32 ? 144 LYS A CE  1 
ATOM   959  N NZ  . LYS A 1 144 ? -1.870  -12.759 3.076   1.00 38.61 ? 144 LYS A NZ  1 
ATOM   960  N N   . TRP A 1 145 ? 3.582   -8.360  5.391   1.00 24.79 ? 145 TRP A N   1 
ATOM   961  C CA  . TRP A 1 145 ? 4.536   -8.104  4.294   1.00 24.42 ? 145 TRP A CA  1 
ATOM   962  C C   . TRP A 1 145 ? 5.978   -8.143  4.825   1.00 23.82 ? 145 TRP A C   1 
ATOM   963  O O   . TRP A 1 145 ? 6.941   -8.552  4.114   1.00 23.80 ? 145 TRP A O   1 
ATOM   964  C CB  . TRP A 1 145 ? 4.235   -6.758  3.606   1.00 24.11 ? 145 TRP A CB  1 
ATOM   965  C CG  . TRP A 1 145 ? 2.892   -6.758  2.862   1.00 24.12 ? 145 TRP A CG  1 
ATOM   966  C CD1 . TRP A 1 145 ? 2.284   -7.834  2.254   1.00 22.82 ? 145 TRP A CD1 1 
ATOM   967  C CD2 . TRP A 1 145 ? 1.991   -5.654  2.719   1.00 23.65 ? 145 TRP A CD2 1 
ATOM   968  N NE1 . TRP A 1 145 ? 1.102   -7.459  1.739   1.00 25.22 ? 145 TRP A NE1 1 
ATOM   969  C CE2 . TRP A 1 145 ? 0.885   -6.124  2.004   1.00 21.28 ? 145 TRP A CE2 1 
ATOM   970  C CE3 . TRP A 1 145 ? 2.001   -4.314  3.160   1.00 21.13 ? 145 TRP A CE3 1 
ATOM   971  C CZ2 . TRP A 1 145 ? -0.195  -5.299  1.664   1.00 25.75 ? 145 TRP A CZ2 1 
ATOM   972  C CZ3 . TRP A 1 145 ? 0.900   -3.473  2.813   1.00 24.16 ? 145 TRP A CZ3 1 
ATOM   973  C CH2 . TRP A 1 145 ? -0.168  -3.977  2.068   1.00 26.79 ? 145 TRP A CH2 1 
ATOM   974  N N   . ILE A 1 146 ? 6.124   -7.738  6.099   1.00 22.27 ? 146 ILE A N   1 
ATOM   975  C CA  . ILE A 1 146 ? 7.416   -7.851  6.759   1.00 21.71 ? 146 ILE A CA  1 
ATOM   976  C C   . ILE A 1 146 ? 7.846   -9.316  7.004   1.00 23.09 ? 146 ILE A C   1 
ATOM   977  O O   . ILE A 1 146 ? 9.027   -9.640  6.809   1.00 23.97 ? 146 ILE A O   1 
ATOM   978  C CB  . ILE A 1 146 ? 7.439   -7.059  8.088   1.00 21.57 ? 146 ILE A CB  1 
ATOM   979  C CG1 . ILE A 1 146 ? 7.537   -5.592  7.752   1.00 16.95 ? 146 ILE A CG1 1 
ATOM   980  C CG2 . ILE A 1 146 ? 8.667   -7.497  9.034   1.00 20.35 ? 146 ILE A CG2 1 
ATOM   981  C CD1 . ILE A 1 146 ? 6.869   -4.522  8.845   1.00 17.27 ? 146 ILE A CD1 1 
ATOM   982  N N   . ALA A 1 147 ? 6.910   -10.158 7.460   1.00 23.73 ? 147 ALA A N   1 
ATOM   983  C CA  . ALA A 1 147 ? 7.165   -11.610 7.799   1.00 24.14 ? 147 ALA A CA  1 
ATOM   984  C C   . ALA A 1 147 ? 7.563   -12.355 6.550   1.00 23.99 ? 147 ALA A C   1 
ATOM   985  O O   . ALA A 1 147 ? 8.530   -13.202 6.509   1.00 25.67 ? 147 ALA A O   1 
ATOM   986  C CB  . ALA A 1 147 ? 5.871   -12.233 8.459   1.00 23.42 ? 147 ALA A CB  1 
ATOM   987  N N   . TYR A 1 148 ? 6.881   -11.993 5.478   1.00 25.68 ? 148 TYR A N   1 
ATOM   988  C CA  . TYR A 1 148 ? 7.201   -12.558 4.124   1.00 24.63 ? 148 TYR A CA  1 
ATOM   989  C C   . TYR A 1 148 ? 8.615   -12.084 3.654   1.00 23.32 ? 148 TYR A C   1 
ATOM   990  O O   . TYR A 1 148 ? 9.434   -12.873 3.148   1.00 23.58 ? 148 TYR A O   1 
ATOM   991  C CB  . TYR A 1 148 ? 6.095   -12.191 3.085   1.00 25.48 ? 148 TYR A CB  1 
ATOM   992  C CG  . TYR A 1 148 ? 6.364   -12.872 1.787   1.00 27.97 ? 148 TYR A CG  1 
ATOM   993  C CD1 . TYR A 1 148 ? 6.708   -14.226 1.778   1.00 35.91 ? 148 TYR A CD1 1 
ATOM   994  C CD2 . TYR A 1 148 ? 6.358   -12.201 0.590   1.00 31.60 ? 148 TYR A CD2 1 
ATOM   995  C CE1 . TYR A 1 148 ? 7.025   -14.893 0.594   1.00 36.93 ? 148 TYR A CE1 1 
ATOM   996  C CE2 . TYR A 1 148 ? 6.656   -12.877 -0.625  1.00 36.80 ? 148 TYR A CE2 1 
ATOM   997  C CZ  . TYR A 1 148 ? 6.998   -14.219 -0.592  1.00 38.37 ? 148 TYR A CZ  1 
ATOM   998  O OH  . TYR A 1 148 ? 7.321   -14.952 -1.730  1.00 46.80 ? 148 TYR A OH  1 
ATOM   999  N N   . THR A 1 149 ? 8.930   -10.814 3.820   1.00 21.23 ? 149 THR A N   1 
ATOM   1000 C CA  . THR A 1 149 ? 10.276  -10.335 3.454   1.00 21.78 ? 149 THR A CA  1 
ATOM   1001 C C   . THR A 1 149 ? 11.337  -11.071 4.315   1.00 22.58 ? 149 THR A C   1 
ATOM   1002 O O   . THR A 1 149 ? 12.405  -11.446 3.812   1.00 22.81 ? 149 THR A O   1 
ATOM   1003 C CB  . THR A 1 149 ? 10.452  -8.815  3.706   1.00 21.01 ? 149 THR A CB  1 
ATOM   1004 O OG1 . THR A 1 149 ? 9.394   -8.082  3.069   1.00 22.01 ? 149 THR A OG1 1 
ATOM   1005 C CG2 . THR A 1 149 ? 11.861  -8.358  3.207   1.00 20.81 ? 149 THR A CG2 1 
ATOM   1006 N N   . ALA A 1 150 ? 11.055  -11.247 5.601   1.00 22.33 ? 150 ALA A N   1 
ATOM   1007 C CA  . ALA A 1 150 ? 12.046  -11.954 6.470   1.00 24.58 ? 150 ALA A CA  1 
ATOM   1008 C C   . ALA A 1 150 ? 12.166  -13.417 6.071   1.00 24.51 ? 150 ALA A C   1 
ATOM   1009 O O   . ALA A 1 150 ? 13.283  -13.953 6.105   1.00 23.84 ? 150 ALA A O   1 
ATOM   1010 C CB  . ALA A 1 150 ? 11.739  -11.821 7.962   1.00 23.85 ? 150 ALA A CB  1 
ATOM   1011 N N   . ALA A 1 151 ? 11.037  -14.058 5.693   1.00 25.46 ? 151 ALA A N   1 
ATOM   1012 C CA  . ALA A 1 151 ? 11.057  -15.504 5.234   1.00 26.73 ? 151 ALA A CA  1 
ATOM   1013 C C   . ALA A 1 151 ? 11.963  -15.604 4.027   1.00 28.56 ? 151 ALA A C   1 
ATOM   1014 O O   . ALA A 1 151 ? 12.866  -16.494 3.971   1.00 30.18 ? 151 ALA A O   1 
ATOM   1015 C CB  . ALA A 1 151 ? 9.648   -16.056 4.896   1.00 26.48 ? 151 ALA A CB  1 
ATOM   1016 N N   . VAL A 1 152 ? 11.785  -14.662 3.076   1.00 28.21 ? 152 VAL A N   1 
ATOM   1017 C CA  . VAL A 1 152 ? 12.616  -14.653 1.881   1.00 27.37 ? 152 VAL A CA  1 
ATOM   1018 C C   . VAL A 1 152 ? 14.099  -14.295 2.211   1.00 28.70 ? 152 VAL A C   1 
ATOM   1019 O O   . VAL A 1 152 ? 15.035  -14.915 1.697   1.00 27.15 ? 152 VAL A O   1 
ATOM   1020 C CB  . VAL A 1 152 ? 12.008  -13.762 0.774   1.00 27.88 ? 152 VAL A CB  1 
ATOM   1021 C CG1 . VAL A 1 152 ? 12.927  -13.698 -0.436  1.00 25.20 ? 152 VAL A CG1 1 
ATOM   1022 C CG2 . VAL A 1 152 ? 10.532  -14.248 0.413   1.00 26.50 ? 152 VAL A CG2 1 
ATOM   1023 N N   . ILE A 1 153 ? 14.341  -13.269 3.016   1.00 28.53 ? 153 ILE A N   1 
ATOM   1024 C CA  . ILE A 1 153 ? 15.732  -13.041 3.439   1.00 29.52 ? 153 ILE A CA  1 
ATOM   1025 C C   . ILE A 1 153 ? 16.378  -14.321 4.036   1.00 30.85 ? 153 ILE A C   1 
ATOM   1026 O O   . ILE A 1 153 ? 17.492  -14.666 3.641   1.00 31.85 ? 153 ILE A O   1 
ATOM   1027 C CB  . ILE A 1 153 ? 15.879  -11.857 4.441   1.00 28.17 ? 153 ILE A CB  1 
ATOM   1028 C CG1 . ILE A 1 153 ? 15.548  -10.531 3.743   1.00 29.96 ? 153 ILE A CG1 1 
ATOM   1029 C CG2 . ILE A 1 153 ? 17.364  -11.835 4.983   1.00 26.57 ? 153 ILE A CG2 1 
ATOM   1030 C CD1 . ILE A 1 153 ? 15.239  -9.336  4.738   1.00 29.28 ? 153 ILE A CD1 1 
ATOM   1031 N N   . ASP A 1 154 ? 15.705  -14.939 5.016   1.00 31.87 ? 154 ASP A N   1 
ATOM   1032 C CA  . ASP A 1 154 ? 16.068  -16.231 5.606   1.00 34.11 ? 154 ASP A CA  1 
ATOM   1033 C C   . ASP A 1 154 ? 16.315  -17.332 4.574   1.00 35.12 ? 154 ASP A C   1 
ATOM   1034 O O   . ASP A 1 154 ? 17.368  -17.980 4.586   1.00 35.67 ? 154 ASP A O   1 
ATOM   1035 C CB  . ASP A 1 154 ? 15.029  -16.686 6.648   1.00 34.43 ? 154 ASP A CB  1 
ATOM   1036 C CG  . ASP A 1 154 ? 15.260  -16.022 8.043   1.00 38.12 ? 154 ASP A CG  1 
ATOM   1037 O OD1 . ASP A 1 154 ? 16.404  -15.569 8.340   1.00 41.00 ? 154 ASP A OD1 1 
ATOM   1038 O OD2 . ASP A 1 154 ? 14.298  -15.899 8.837   1.00 41.32 ? 154 ASP A OD2 1 
ATOM   1039 N N   . ALA A 1 155 ? 15.348  -17.558 3.699   1.00 35.77 ? 155 ALA A N   1 
ATOM   1040 C CA  . ALA A 1 155 ? 15.523  -18.518 2.607   1.00 36.16 ? 155 ALA A CA  1 
ATOM   1041 C C   . ALA A 1 155 ? 16.853  -18.179 1.927   1.00 36.65 ? 155 ALA A C   1 
ATOM   1042 O O   . ALA A 1 155 ? 17.704  -19.045 1.834   1.00 38.72 ? 155 ALA A O   1 
ATOM   1043 C CB  . ALA A 1 155 ? 14.317  -18.497 1.629   1.00 35.62 ? 155 ALA A CB  1 
ATOM   1044 N N   . GLU A 1 156 ? 17.088  -16.908 1.602   1.00 34.69 ? 156 GLU A N   1 
ATOM   1045 C CA  . GLU A 1 156 ? 18.271  -16.474 0.884   1.00 34.35 ? 156 GLU A CA  1 
ATOM   1046 C C   . GLU A 1 156 ? 19.565  -16.780 1.644   1.00 35.84 ? 156 GLU A C   1 
ATOM   1047 O O   . GLU A 1 156 ? 20.594  -17.143 1.051   1.00 37.17 ? 156 GLU A O   1 
ATOM   1048 C CB  . GLU A 1 156 ? 18.191  -14.957 0.556   1.00 33.37 ? 156 GLU A CB  1 
ATOM   1049 C CG  . GLU A 1 156 ? 17.414  -14.481 -0.700  1.00 31.51 ? 156 GLU A CG  1 
ATOM   1050 C CD  . GLU A 1 156 ? 17.992  -15.032 -2.067  1.00 33.41 ? 156 GLU A CD  1 
ATOM   1051 O OE1 . GLU A 1 156 ? 17.786  -16.222 -2.345  1.00 31.13 ? 156 GLU A OE1 1 
ATOM   1052 O OE2 . GLU A 1 156 ? 18.643  -14.293 -2.855  1.00 26.53 ? 156 GLU A OE2 1 
ATOM   1053 N N   . ARG A 1 157 ? 19.520  -16.607 2.962   1.00 36.33 ? 157 ARG A N   1 
ATOM   1054 C CA  . ARG A 1 157 ? 20.617  -16.935 3.863   1.00 35.69 ? 157 ARG A CA  1 
ATOM   1055 C C   . ARG A 1 157 ? 20.873  -18.468 3.899   1.00 37.12 ? 157 ARG A C   1 
ATOM   1056 O O   . ARG A 1 157 ? 22.012  -18.897 3.883   1.00 36.81 ? 157 ARG A O   1 
ATOM   1057 C CB  . ARG A 1 157 ? 20.292  -16.404 5.263   1.00 35.15 ? 157 ARG A CB  1 
ATOM   1058 C CG  . ARG A 1 157 ? 20.495  -14.874 5.382   1.00 33.02 ? 157 ARG A CG  1 
ATOM   1059 C CD  . ARG A 1 157 ? 19.951  -14.301 6.721   1.00 29.78 ? 157 ARG A CD  1 
ATOM   1060 N NE  . ARG A 1 157 ? 20.087  -12.856 6.698   1.00 28.35 ? 157 ARG A NE  1 
ATOM   1061 C CZ  . ARG A 1 157 ? 20.148  -12.076 7.757   1.00 23.38 ? 157 ARG A CZ  1 
ATOM   1062 N NH1 . ARG A 1 157 ? 20.045  -12.565 8.961   1.00 24.44 ? 157 ARG A NH1 1 
ATOM   1063 N NH2 . ARG A 1 157 ? 20.317  -10.779 7.597   1.00 26.83 ? 157 ARG A NH2 1 
ATOM   1064 N N   . ASP A 1 158 ? 19.815  -19.267 3.974   1.00 37.95 ? 158 ASP A N   1 
ATOM   1065 C CA  . ASP A 1 158 ? 19.917  -20.707 3.998   1.00 40.58 ? 158 ASP A CA  1 
ATOM   1066 C C   . ASP A 1 158 ? 20.607  -21.273 2.769   1.00 41.69 ? 158 ASP A C   1 
ATOM   1067 O O   . ASP A 1 158 ? 21.482  -22.127 2.913   1.00 43.79 ? 158 ASP A O   1 
ATOM   1068 C CB  . ASP A 1 158 ? 18.545  -21.353 4.219   1.00 40.83 ? 158 ASP A CB  1 
ATOM   1069 C CG  . ASP A 1 158 ? 17.976  -21.042 5.608   1.00 42.80 ? 158 ASP A CG  1 
ATOM   1070 O OD1 . ASP A 1 158 ? 18.744  -20.601 6.510   1.00 47.49 ? 158 ASP A OD1 1 
ATOM   1071 O OD2 . ASP A 1 158 ? 16.753  -21.206 5.807   1.00 46.22 ? 158 ASP A OD2 1 
ATOM   1072 N N   . ARG A 1 159 ? 20.292  -20.776 1.581   1.00 42.35 ? 159 ARG A N   1 
ATOM   1073 C CA  . ARG A 1 159 ? 20.978  -21.223 0.366   1.00 42.45 ? 159 ARG A CA  1 
ATOM   1074 C C   . ARG A 1 159 ? 22.375  -20.639 0.209   1.00 41.92 ? 159 ARG A C   1 
ATOM   1075 O O   . ARG A 1 159 ? 23.073  -20.960 -0.740  1.00 41.16 ? 159 ARG A O   1 
ATOM   1076 C CB  . ARG A 1 159 ? 20.115  -21.129 -0.931  1.00 43.08 ? 159 ARG A CB  1 
ATOM   1077 C CG  . ARG A 1 159 ? 19.542  -19.788 -1.319  1.00 46.59 ? 159 ARG A CG  1 
ATOM   1078 C CD  . ARG A 1 159 ? 19.214  -19.701 -2.857  1.00 50.91 ? 159 ARG A CD  1 
ATOM   1079 N NE  . ARG A 1 159 ? 19.134  -18.294 -3.299  1.00 52.18 ? 159 ARG A NE  1 
ATOM   1080 C CZ  . ARG A 1 159 ? 19.893  -17.705 -4.243  1.00 55.79 ? 159 ARG A CZ  1 
ATOM   1081 N NH1 . ARG A 1 159 ? 20.806  -18.385 -4.941  1.00 54.27 ? 159 ARG A NH1 1 
ATOM   1082 N NH2 . ARG A 1 159 ? 19.729  -16.404 -4.516  1.00 57.06 ? 159 ARG A NH2 1 
ATOM   1083 N N   . GLY A 1 160 ? 22.806  -19.785 1.133   1.00 41.32 ? 160 GLY A N   1 
ATOM   1084 C CA  . GLY A 1 160 ? 24.167  -19.267 1.040   1.00 40.37 ? 160 GLY A CA  1 
ATOM   1085 C C   . GLY A 1 160 ? 24.402  -18.041 0.182   1.00 39.90 ? 160 GLY A C   1 
ATOM   1086 O O   . GLY A 1 160 ? 25.551  -17.610 0.051   1.00 39.86 ? 160 GLY A O   1 
ATOM   1087 N N   . ALA A 1 161 ? 23.330  -17.464 -0.380  1.00 38.65 ? 161 ALA A N   1 
ATOM   1088 C CA  . ALA A 1 161 ? 23.423  -16.227 -1.169  1.00 38.94 ? 161 ALA A CA  1 
ATOM   1089 C C   . ALA A 1 161 ? 23.477  -14.960 -0.288  1.00 38.73 ? 161 ALA A C   1 
ATOM   1090 O O   . ALA A 1 161 ? 24.157  -14.001 -0.601  1.00 38.67 ? 161 ALA A O   1 
ATOM   1091 C CB  . ALA A 1 161 ? 22.287  -16.124 -2.152  1.00 38.88 ? 161 ALA A CB  1 
ATOM   1092 N N   . ALA A 1 162 ? 22.791  -14.966 0.841   1.00 38.14 ? 162 ALA A N   1 
ATOM   1093 C CA  . ALA A 1 162 ? 22.848  -13.758 1.707   1.00 37.56 ? 162 ALA A CA  1 
ATOM   1094 C C   . ALA A 1 162 ? 23.641  -14.048 2.999   1.00 36.92 ? 162 ALA A C   1 
ATOM   1095 O O   . ALA A 1 162 ? 23.538  -15.127 3.519   1.00 37.95 ? 162 ALA A O   1 
ATOM   1096 C CB  . ALA A 1 162 ? 21.467  -13.249 2.001   1.00 34.92 ? 162 ALA A CB  1 
ATOM   1097 N N   . PRO A 1 163 ? 24.455  -13.094 3.487   1.00 36.85 ? 163 PRO A N   1 
ATOM   1098 C CA  . PRO A 1 163 ? 25.228  -13.310 4.731   1.00 37.00 ? 163 PRO A CA  1 
ATOM   1099 C C   . PRO A 1 163 ? 24.357  -13.128 5.973   1.00 36.18 ? 163 PRO A C   1 
ATOM   1100 O O   . PRO A 1 163 ? 23.419  -12.348 5.931   1.00 36.86 ? 163 PRO A O   1 
ATOM   1101 C CB  . PRO A 1 163 ? 26.337  -12.234 4.653   1.00 36.80 ? 163 PRO A CB  1 
ATOM   1102 C CG  . PRO A 1 163 ? 25.705  -11.100 3.797   1.00 35.43 ? 163 PRO A CG  1 
ATOM   1103 C CD  . PRO A 1 163 ? 24.754  -11.795 2.835   1.00 37.38 ? 163 PRO A CD  1 
ATOM   1104 N N   . ARG A 1 164 ? 24.632  -13.863 7.048   1.00 36.07 ? 164 ARG A N   1 
ATOM   1105 C CA  . ARG A 1 164 ? 23.947  -13.655 8.345   1.00 36.30 ? 164 ARG A CA  1 
ATOM   1106 C C   . ARG A 1 164 ? 24.460  -12.408 9.079   1.00 35.40 ? 164 ARG A C   1 
ATOM   1107 O O   . ARG A 1 164 ? 25.429  -12.483 9.840   1.00 35.42 ? 164 ARG A O   1 
ATOM   1108 C CB  . ARG A 1 164 ? 24.017  -14.897 9.277   1.00 36.04 ? 164 ARG A CB  1 
ATOM   1109 C CG  . ARG A 1 164 ? 23.718  -16.244 8.510   1.00 42.92 ? 164 ARG A CG  1 
ATOM   1110 C CD  . ARG A 1 164 ? 23.371  -17.502 9.401   1.00 47.55 ? 164 ARG A CD  1 
ATOM   1111 N NE  . ARG A 1 164 ? 22.870  -18.630 8.574   1.00 50.66 ? 164 ARG A NE  1 
ATOM   1112 C CZ  . ARG A 1 164 ? 21.581  -18.812 8.214   1.00 51.54 ? 164 ARG A CZ  1 
ATOM   1113 N NH1 . ARG A 1 164 ? 20.642  -17.945 8.620   1.00 47.64 ? 164 ARG A NH1 1 
ATOM   1114 N NH2 . ARG A 1 164 ? 21.214  -19.857 7.445   1.00 45.67 ? 164 ARG A NH2 1 
ATOM   1115 N N   . THR A 1 165 ? 23.777  -11.280 8.899   1.00 33.55 ? 165 THR A N   1 
ATOM   1116 C CA  . THR A 1 165 ? 24.179  -10.022 9.557   1.00 31.90 ? 165 THR A CA  1 
ATOM   1117 C C   . THR A 1 165 ? 23.121  -9.632  10.600  1.00 31.44 ? 165 THR A C   1 
ATOM   1118 O O   . THR A 1 165 ? 22.997  -10.257 11.643  1.00 31.98 ? 165 THR A O   1 
ATOM   1119 C CB  . THR A 1 165 ? 24.379  -8.905  8.521   1.00 32.06 ? 165 THR A CB  1 
ATOM   1120 O OG1 . THR A 1 165 ? 23.195  -8.782  7.741   1.00 29.97 ? 165 THR A OG1 1 
ATOM   1121 C CG2 . THR A 1 165 ? 25.578  -9.191  7.547   1.00 26.96 ? 165 THR A CG2 1 
ATOM   1122 N N   . LEU A 1 166 ? 22.273  -8.673  10.276  1.00 30.74 ? 166 LEU A N   1 
ATOM   1123 C CA  . LEU A 1 166 ? 21.170  -8.347  11.157  1.00 30.31 ? 166 LEU A CA  1 
ATOM   1124 C C   . LEU A 1 166 ? 20.167  -9.490  11.211  1.00 29.48 ? 166 LEU A C   1 
ATOM   1125 O O   . LEU A 1 166 ? 20.036  -10.226 10.253  1.00 31.66 ? 166 LEU A O   1 
ATOM   1126 C CB  . LEU A 1 166 ? 20.435  -7.097  10.641  1.00 28.25 ? 166 LEU A CB  1 
ATOM   1127 C CG  . LEU A 1 166 ? 21.119  -5.742  10.529  1.00 30.12 ? 166 LEU A CG  1 
ATOM   1128 C CD1 . LEU A 1 166 ? 20.096  -4.666  10.066  1.00 26.18 ? 166 LEU A CD1 1 
ATOM   1129 C CD2 . LEU A 1 166 ? 21.842  -5.362  11.844  1.00 29.33 ? 166 LEU A CD2 1 
ATOM   1130 N N   . PRO A 1 167 ? 19.483  -9.645  12.350  1.00 29.14 ? 167 PRO A N   1 
ATOM   1131 C CA  . PRO A 1 167 ? 18.213  -10.389 12.494  1.00 27.77 ? 167 PRO A CA  1 
ATOM   1132 C C   . PRO A 1 167 ? 17.310  -10.029 11.293  1.00 26.42 ? 167 PRO A C   1 
ATOM   1133 O O   . PRO A 1 167 ? 17.148  -8.868  10.978  1.00 25.73 ? 167 PRO A O   1 
ATOM   1134 C CB  . PRO A 1 167 ? 17.666  -9.857  13.827  1.00 27.56 ? 167 PRO A CB  1 
ATOM   1135 C CG  . PRO A 1 167 ? 18.974  -9.616  14.657  1.00 29.09 ? 167 PRO A CG  1 
ATOM   1136 C CD  . PRO A 1 167 ? 19.998  -9.150  13.651  1.00 28.11 ? 167 PRO A CD  1 
ATOM   1137 N N   . ALA A 1 168 ? 16.815  -11.038 10.574  1.00 24.53 ? 168 ALA A N   1 
ATOM   1138 C CA  . ALA A 1 168 ? 16.148  -10.842 9.309   1.00 22.60 ? 168 ALA A CA  1 
ATOM   1139 C C   . ALA A 1 168 ? 14.883  -10.015 9.494   1.00 23.71 ? 168 ALA A C   1 
ATOM   1140 O O   . ALA A 1 168 ? 14.516  -9.198  8.617   1.00 23.49 ? 168 ALA A O   1 
ATOM   1141 C CB  . ALA A 1 168 ? 15.773  -12.220 8.736   1.00 22.94 ? 168 ALA A CB  1 
ATOM   1142 N N   . HIS A 1 169 ? 14.220  -10.242 10.634  1.00 23.42 ? 169 HIS A N   1 
ATOM   1143 C CA  . HIS A 1 169 ? 12.960  -9.645  10.897  1.00 24.65 ? 169 HIS A CA  1 
ATOM   1144 C C   . HIS A 1 169 ? 13.126  -8.138  11.150  1.00 24.59 ? 169 HIS A C   1 
ATOM   1145 O O   . HIS A 1 169 ? 12.234  -7.337  10.823  1.00 24.98 ? 169 HIS A O   1 
ATOM   1146 C CB  . HIS A 1 169 ? 12.239  -10.358 12.052  1.00 24.78 ? 169 HIS A CB  1 
ATOM   1147 C CG  . HIS A 1 169 ? 10.778  -10.028 12.127  1.00 23.82 ? 169 HIS A CG  1 
ATOM   1148 N ND1 . HIS A 1 169 ? 10.295  -8.981  12.891  1.00 19.66 ? 169 HIS A ND1 1 
ATOM   1149 C CD2 . HIS A 1 169 ? 9.708   -10.550 11.462  1.00 22.42 ? 169 HIS A CD2 1 
ATOM   1150 C CE1 . HIS A 1 169 ? 8.982   -8.884  12.727  1.00 23.47 ? 169 HIS A CE1 1 
ATOM   1151 N NE2 . HIS A 1 169 ? 8.599   -9.819  11.852  1.00 24.34 ? 169 HIS A NE2 1 
ATOM   1152 N N   . GLU A 1 170 ? 14.245  -7.765  11.771  1.00 25.50 ? 170 GLU A N   1 
ATOM   1153 C CA  . GLU A 1 170 ? 14.496  -6.351  12.122  1.00 24.57 ? 170 GLU A CA  1 
ATOM   1154 C C   . GLU A 1 170 ? 14.886  -5.642  10.834  1.00 23.73 ? 170 GLU A C   1 
ATOM   1155 O O   . GLU A 1 170 ? 14.395  -4.571  10.513  1.00 21.99 ? 170 GLU A O   1 
ATOM   1156 C CB  . GLU A 1 170 ? 15.614  -6.264  13.164  1.00 25.20 ? 170 GLU A CB  1 
ATOM   1157 C CG  . GLU A 1 170 ? 15.152  -6.875  14.503  1.00 26.78 ? 170 GLU A CG  1 
ATOM   1158 C CD  . GLU A 1 170 ? 16.222  -6.982  15.630  1.00 30.45 ? 170 GLU A CD  1 
ATOM   1159 O OE1 . GLU A 1 170 ? 17.419  -6.539  15.420  1.00 27.32 ? 170 GLU A OE1 1 
ATOM   1160 O OE2 . GLU A 1 170 ? 15.810  -7.569  16.699  1.00 28.74 ? 170 GLU A OE2 1 
ATOM   1161 N N   . LEU A 1 171 ? 15.722  -6.285  10.022  1.00 20.74 ? 171 LEU A N   1 
ATOM   1162 C CA  . LEU A 1 171 ? 16.069  -5.680  8.774   1.00 19.39 ? 171 LEU A CA  1 
ATOM   1163 C C   . LEU A 1 171 ? 14.819  -5.466  7.870   1.00 17.82 ? 171 LEU A C   1 
ATOM   1164 O O   . LEU A 1 171 ? 14.640  -4.469  7.236   1.00 16.30 ? 171 LEU A O   1 
ATOM   1165 C CB  . LEU A 1 171 ? 17.055  -6.591  8.056   1.00 20.20 ? 171 LEU A CB  1 
ATOM   1166 C CG  . LEU A 1 171 ? 17.398  -6.219  6.592   1.00 23.16 ? 171 LEU A CG  1 
ATOM   1167 C CD1 . LEU A 1 171 ? 17.996  -4.779  6.434   1.00 18.78 ? 171 LEU A CD1 1 
ATOM   1168 C CD2 . LEU A 1 171 ? 18.336  -7.235  5.994   1.00 23.18 ? 171 LEU A CD2 1 
ATOM   1169 N N   . ALA A 1 172 ? 13.960  -6.452  7.823   1.00 18.38 ? 172 ALA A N   1 
ATOM   1170 C CA  . ALA A 1 172 ? 12.747  -6.370  6.934   1.00 16.93 ? 172 ALA A CA  1 
ATOM   1171 C C   . ALA A 1 172 ? 11.837  -5.247  7.456   1.00 18.89 ? 172 ALA A C   1 
ATOM   1172 O O   . ALA A 1 172 ? 11.193  -4.520  6.646   1.00 19.64 ? 172 ALA A O   1 
ATOM   1173 C CB  . ALA A 1 172 ? 12.033  -7.697  7.037   1.00 13.64 ? 172 ALA A CB  1 
ATOM   1174 N N   . THR A 1 173 ? 11.719  -5.183  8.792   1.00 18.51 ? 173 THR A N   1 
ATOM   1175 C CA  . THR A 1 173 ? 10.932  -4.102  9.438   1.00 21.42 ? 173 THR A CA  1 
ATOM   1176 C C   . THR A 1 173 ? 11.381  -2.775  8.923   1.00 20.73 ? 173 THR A C   1 
ATOM   1177 O O   . THR A 1 173 ? 10.601  -2.086  8.288   1.00 19.22 ? 173 THR A O   1 
ATOM   1178 C CB  . THR A 1 173 ? 10.895  -4.152  10.994  1.00 20.92 ? 173 THR A CB  1 
ATOM   1179 O OG1 . THR A 1 173 ? 10.439  -5.434  11.379  1.00 22.15 ? 173 THR A OG1 1 
ATOM   1180 C CG2 . THR A 1 173 ? 9.868   -3.117  11.535  1.00 16.95 ? 173 THR A CG2 1 
ATOM   1181 N N   . ALA A 1 174 ? 12.667  -2.444  9.099   1.00 21.01 ? 174 ALA A N   1 
ATOM   1182 C CA  . ALA A 1 174 ? 13.195  -1.165  8.642   1.00 20.26 ? 174 ALA A CA  1 
ATOM   1183 C C   . ALA A 1 174 ? 13.070  -0.912  7.111   1.00 20.49 ? 174 ALA A C   1 
ATOM   1184 O O   . ALA A 1 174 ? 12.706  0.149   6.710   1.00 18.34 ? 174 ALA A O   1 
ATOM   1185 C CB  . ALA A 1 174 ? 14.718  -1.047  9.061   1.00 19.65 ? 174 ALA A CB  1 
ATOM   1186 N N   . LEU A 1 175 ? 13.343  -1.934  6.272   1.00 20.83 ? 175 LEU A N   1 
ATOM   1187 C CA  . LEU A 1 175 ? 13.154  -1.820  4.841   1.00 20.44 ? 175 LEU A CA  1 
ATOM   1188 C C   . LEU A 1 175 ? 11.666  -1.598  4.447   1.00 21.28 ? 175 LEU A C   1 
ATOM   1189 O O   . LEU A 1 175 ? 11.452  -0.881  3.556   1.00 22.08 ? 175 LEU A O   1 
ATOM   1190 C CB  . LEU A 1 175 ? 13.626  -3.104  4.154   1.00 19.44 ? 175 LEU A CB  1 
ATOM   1191 C CG  . LEU A 1 175 ? 15.160  -3.268  4.265   1.00 22.40 ? 175 LEU A CG  1 
ATOM   1192 C CD1 . LEU A 1 175 ? 15.561  -4.537  3.509   1.00 19.87 ? 175 LEU A CD1 1 
ATOM   1193 C CD2 . LEU A 1 175 ? 15.861  -2.050  3.672   1.00 20.69 ? 175 LEU A CD2 1 
ATOM   1194 N N   . ASN A 1 176 ? 10.704  -2.279  5.082   1.00 20.02 ? 176 ASN A N   1 
ATOM   1195 C CA  . ASN A 1 176 ? 9.309   -2.041  4.770   1.00 21.56 ? 176 ASN A CA  1 
ATOM   1196 C C   . ASN A 1 176 ? 8.907   -0.649  5.161   1.00 20.37 ? 176 ASN A C   1 
ATOM   1197 O O   . ASN A 1 176 ? 8.098   -0.021  4.485   1.00 20.93 ? 176 ASN A O   1 
ATOM   1198 C CB  . ASN A 1 176 ? 8.377   -3.063  5.472   1.00 19.46 ? 176 ASN A CB  1 
ATOM   1199 C CG  . ASN A 1 176 ? 8.193   -4.353  4.630   1.00 19.75 ? 176 ASN A CG  1 
ATOM   1200 O OD1 . ASN A 1 176 ? 7.071   -4.668  4.142   1.00 19.22 ? 176 ASN A OD1 1 
ATOM   1201 N ND2 . ASN A 1 176 ? 9.272   -5.090  4.463   1.00 19.40 ? 176 ASN A ND2 1 
ATOM   1202 N N   . LEU A 1 177 ? 9.409   -0.203  6.305   1.00 20.94 ? 177 LEU A N   1 
ATOM   1203 C CA  . LEU A 1 177 ? 9.030   1.141   6.831   1.00 20.09 ? 177 LEU A CA  1 
ATOM   1204 C C   . LEU A 1 177 ? 9.650   2.157   5.910   1.00 20.98 ? 177 LEU A C   1 
ATOM   1205 O O   . LEU A 1 177 ? 9.019   3.129   5.592   1.00 22.37 ? 177 LEU A O   1 
ATOM   1206 C CB  . LEU A 1 177 ? 9.417   1.358   8.332   1.00 19.22 ? 177 LEU A CB  1 
ATOM   1207 C CG  . LEU A 1 177 ? 8.579   0.645   9.407   1.00 19.55 ? 177 LEU A CG  1 
ATOM   1208 C CD1 . LEU A 1 177 ? 9.172   0.782   10.823  1.00 17.32 ? 177 LEU A CD1 1 
ATOM   1209 C CD2 . LEU A 1 177 ? 7.119   1.098   9.356   1.00 19.88 ? 177 LEU A CD2 1 
ATOM   1210 N N   . MET A 1 178 ? 10.869  1.942   5.417   1.00 19.71 ? 178 MET A N   1 
ATOM   1211 C CA  . MET A 1 178 ? 11.408  2.875   4.487   1.00 18.91 ? 178 MET A CA  1 
ATOM   1212 C C   . MET A 1 178 ? 10.542  2.959   3.275   1.00 18.82 ? 178 MET A C   1 
ATOM   1213 O O   . MET A 1 178 ? 10.336  4.018   2.777   1.00 19.69 ? 178 MET A O   1 
ATOM   1214 C CB  . MET A 1 178 ? 12.819  2.454   4.007   1.00 18.51 ? 178 MET A CB  1 
ATOM   1215 C CG  . MET A 1 178 ? 13.312  3.283   2.778   1.00 18.11 ? 178 MET A CG  1 
ATOM   1216 S SD  . MET A 1 178 ? 15.040  2.843   2.272   1.00 22.18 ? 178 MET A SD  1 
ATOM   1217 C CE  . MET A 1 178 ? 14.701  1.113   1.781   1.00 20.92 ? 178 MET A CE  1 
ATOM   1218 N N   . ASN A 1 179 ? 10.177  1.804   2.706   1.00 19.10 ? 179 ASN A N   1 
ATOM   1219 C CA  . ASN A 1 179 ? 9.412   1.836   1.476   1.00 19.82 ? 179 ASN A CA  1 
ATOM   1220 C C   . ASN A 1 179 ? 8.098   2.584   1.677   1.00 18.58 ? 179 ASN A C   1 
ATOM   1221 O O   . ASN A 1 179 ? 7.748   3.371   0.819   1.00 21.58 ? 179 ASN A O   1 
ATOM   1222 C CB  . ASN A 1 179 ? 9.168   0.440   0.947   1.00 15.32 ? 179 ASN A CB  1 
ATOM   1223 C CG  . ASN A 1 179 ? 10.411  -0.094  0.269   1.00 23.21 ? 179 ASN A CG  1 
ATOM   1224 O OD1 . ASN A 1 179 ? 11.512  0.480   0.421   1.00 13.64 ? 179 ASN A OD1 1 
ATOM   1225 N ND2 . ASN A 1 179 ? 10.259  -1.117  -0.521  1.00 12.91 ? 179 ASN A ND2 1 
ATOM   1226 N N   . GLU A 1 180 ? 7.404   2.324   2.773   1.00 20.93 ? 180 GLU A N   1 
ATOM   1227 C CA  . GLU A 1 180 ? 6.141   3.056   3.091   1.00 22.79 ? 180 GLU A CA  1 
ATOM   1228 C C   . GLU A 1 180 ? 6.364   4.606   3.048   1.00 24.60 ? 180 GLU A C   1 
ATOM   1229 O O   . GLU A 1 180 ? 5.685   5.306   2.295   1.00 26.62 ? 180 GLU A O   1 
ATOM   1230 C CB  . GLU A 1 180 ? 5.599   2.608   4.458   1.00 21.57 ? 180 GLU A CB  1 
ATOM   1231 C CG  . GLU A 1 180 ? 4.330   3.324   4.955   1.00 23.01 ? 180 GLU A CG  1 
ATOM   1232 C CD  . GLU A 1 180 ? 4.112   3.179   6.465   1.00 27.86 ? 180 GLU A CD  1 
ATOM   1233 O OE1 . GLU A 1 180 ? 4.071   2.071   6.956   1.00 31.60 ? 180 GLU A OE1 1 
ATOM   1234 O OE2 . GLU A 1 180 ? 3.985   4.183   7.200   1.00 33.66 ? 180 GLU A OE2 1 
ATOM   1235 N N   . ARG A 1 181 ? 7.303   5.147   3.831   1.00 25.91 ? 181 ARG A N   1 
ATOM   1236 C CA  . ARG A 1 181 ? 7.450   6.605   3.887   1.00 27.10 ? 181 ARG A CA  1 
ATOM   1237 C C   . ARG A 1 181 ? 7.916   7.174   2.604   1.00 25.47 ? 181 ARG A C   1 
ATOM   1238 O O   . ARG A 1 181 ? 7.533   8.262   2.257   1.00 26.54 ? 181 ARG A O   1 
ATOM   1239 C CB  . ARG A 1 181 ? 8.236   7.273   5.036   1.00 27.65 ? 181 ARG A CB  1 
ATOM   1240 C CG  . ARG A 1 181 ? 7.378   8.685   5.327   1.00 36.66 ? 181 ARG A CG  1 
ATOM   1241 C CD  . ARG A 1 181 ? 7.781   9.482   6.392   1.00 44.60 ? 181 ARG A CD  1 
ATOM   1242 N NE  . ARG A 1 181 ? 8.627   8.538   7.063   1.00 61.63 ? 181 ARG A NE  1 
ATOM   1243 C CZ  . ARG A 1 181 ? 9.943   8.661   7.235   1.00 70.45 ? 181 ARG A CZ  1 
ATOM   1244 N NH1 . ARG A 1 181 ? 10.602  9.765   6.860   1.00 74.07 ? 181 ARG A NH1 1 
ATOM   1245 N NH2 . ARG A 1 181 ? 10.609  7.665   7.825   1.00 74.10 ? 181 ARG A NH2 1 
ATOM   1246 N N   . THR A 1 182 ? 8.773   6.434   1.921   1.00 22.46 ? 182 THR A N   1 
ATOM   1247 C CA  . THR A 1 182 ? 9.421   7.011   0.792   1.00 19.84 ? 182 THR A CA  1 
ATOM   1248 C C   . THR A 1 182 ? 8.484   6.818   -0.372  1.00 17.76 ? 182 THR A C   1 
ATOM   1249 O O   . THR A 1 182 ? 8.345   7.723   -1.115  1.00 11.98 ? 182 THR A O   1 
ATOM   1250 C CB  . THR A 1 182 ? 10.760  6.279   0.503   1.00 21.22 ? 182 THR A CB  1 
ATOM   1251 O OG1 . THR A 1 182 ? 11.616  6.299   1.685   1.00 17.52 ? 182 THR A OG1 1 
ATOM   1252 C CG2 . THR A 1 182 ? 11.492  6.896   -0.705  1.00 22.88 ? 182 THR A CG2 1 
ATOM   1253 N N   . LEU A 1 183 ? 7.813   5.659   -0.524  1.00 18.15 ? 183 LEU A N   1 
ATOM   1254 C CA  . LEU A 1 183 ? 6.944   5.578   -1.692  1.00 19.79 ? 183 LEU A CA  1 
ATOM   1255 C C   . LEU A 1 183 ? 5.892   6.645   -1.510  1.00 20.10 ? 183 LEU A C   1 
ATOM   1256 O O   . LEU A 1 183 ? 5.581   7.347   -2.449  1.00 22.49 ? 183 LEU A O   1 
ATOM   1257 C CB  . LEU A 1 183 ? 6.253   4.184   -1.871  1.00 20.23 ? 183 LEU A CB  1 
ATOM   1258 C CG  . LEU A 1 183 ? 7.158   3.084   -2.508  1.00 22.56 ? 183 LEU A CG  1 
ATOM   1259 C CD1 . LEU A 1 183 ? 6.415   1.699   -2.409  1.00 18.35 ? 183 LEU A CD1 1 
ATOM   1260 C CD2 . LEU A 1 183 ? 7.535   3.523   -3.961  1.00 23.24 ? 183 LEU A CD2 1 
ATOM   1261 N N   . PHE A 1 184 ? 5.400   6.798   -0.293  1.00 21.83 ? 184 PHE A N   1 
ATOM   1262 C CA  . PHE A 1 184 ? 4.212   7.682   -0.049  1.00 22.35 ? 184 PHE A CA  1 
ATOM   1263 C C   . PHE A 1 184 ? 4.536   9.190   -0.146  1.00 22.71 ? 184 PHE A C   1 
ATOM   1264 O O   . PHE A 1 184 ? 3.797   9.993   -0.714  1.00 23.03 ? 184 PHE A O   1 
ATOM   1265 C CB  . PHE A 1 184 ? 3.462   7.292   1.259   1.00 21.51 ? 184 PHE A CB  1 
ATOM   1266 C CG  . PHE A 1 184 ? 2.762   5.897   1.217   1.00 27.91 ? 184 PHE A CG  1 
ATOM   1267 C CD1 . PHE A 1 184 ? 2.660   5.141   0.020   1.00 29.11 ? 184 PHE A CD1 1 
ATOM   1268 C CD2 . PHE A 1 184 ? 2.244   5.329   2.374   1.00 24.12 ? 184 PHE A CD2 1 
ATOM   1269 C CE1 . PHE A 1 184 ? 2.088   3.842   0.048   1.00 29.34 ? 184 PHE A CE1 1 
ATOM   1270 C CE2 . PHE A 1 184 ? 1.633   4.086   2.374   1.00 28.65 ? 184 PHE A CE2 1 
ATOM   1271 C CZ  . PHE A 1 184 ? 1.559   3.339   1.209   1.00 24.79 ? 184 PHE A CZ  1 
ATOM   1272 N N   . ALA A 1 185 ? 5.654   9.578   0.429   1.00 22.54 ? 185 ALA A N   1 
ATOM   1273 C CA  . ALA A 1 185 ? 6.247   10.908  0.131   1.00 22.77 ? 185 ALA A CA  1 
ATOM   1274 C C   . ALA A 1 185 ? 6.417   11.212  -1.409  1.00 23.11 ? 185 ALA A C   1 
ATOM   1275 O O   . ALA A 1 185 ? 6.067   12.302  -1.899  1.00 22.43 ? 185 ALA A O   1 
ATOM   1276 C CB  . ALA A 1 185 ? 7.554   10.978  0.800   1.00 21.51 ? 185 ALA A CB  1 
ATOM   1277 N N   . SER A 1 186 ? 6.897   10.235  -2.187  1.00 23.92 ? 186 SER A N   1 
ATOM   1278 C CA  . SER A 1 186 ? 7.027   10.451  -3.627  1.00 22.06 ? 186 SER A CA  1 
ATOM   1279 C C   . SER A 1 186 ? 5.644   10.686  -4.278  1.00 24.54 ? 186 SER A C   1 
ATOM   1280 O O   . SER A 1 186 ? 5.506   11.635  -5.084  1.00 22.94 ? 186 SER A O   1 
ATOM   1281 C CB  . SER A 1 186 ? 7.594   9.207   -4.274  1.00 24.92 ? 186 SER A CB  1 
ATOM   1282 O OG  . SER A 1 186 ? 8.976   9.284   -4.412  1.00 25.78 ? 186 SER A OG  1 
ATOM   1283 N N   . PHE A 1 187 ? 4.676   9.785   -4.015  1.00 23.18 ? 187 PHE A N   1 
ATOM   1284 C CA  . PHE A 1 187 ? 3.381   9.855   -4.682  1.00 25.06 ? 187 PHE A CA  1 
ATOM   1285 C C   . PHE A 1 187 ? 2.726   11.173  -4.313  1.00 27.64 ? 187 PHE A C   1 
ATOM   1286 O O   . PHE A 1 187 ? 2.074   11.743  -5.138  1.00 29.98 ? 187 PHE A O   1 
ATOM   1287 C CB  . PHE A 1 187 ? 2.452   8.744   -4.222  1.00 22.41 ? 187 PHE A CB  1 
ATOM   1288 C CG  . PHE A 1 187 ? 2.941   7.347   -4.532  1.00 24.48 ? 187 PHE A CG  1 
ATOM   1289 C CD1 . PHE A 1 187 ? 3.744   7.072   -5.681  1.00 26.99 ? 187 PHE A CD1 1 
ATOM   1290 C CD2 . PHE A 1 187 ? 2.512   6.308   -3.777  1.00 21.13 ? 187 PHE A CD2 1 
ATOM   1291 C CE1 . PHE A 1 187 ? 4.137   5.726   -5.978  1.00 26.09 ? 187 PHE A CE1 1 
ATOM   1292 C CE2 . PHE A 1 187 ? 2.911   4.977   -4.054  1.00 26.44 ? 187 PHE A CE2 1 
ATOM   1293 C CZ  . PHE A 1 187 ? 3.716   4.690   -5.170  1.00 24.94 ? 187 PHE A CZ  1 
ATOM   1294 N N   . ALA A 1 188 ? 2.820   11.619  -3.056  1.00 30.09 ? 188 ALA A N   1 
ATOM   1295 C CA  . ALA A 1 188 ? 2.248   12.943  -2.632  1.00 30.92 ? 188 ALA A CA  1 
ATOM   1296 C C   . ALA A 1 188 ? 3.015   14.199  -3.104  1.00 33.06 ? 188 ALA A C   1 
ATOM   1297 O O   . ALA A 1 188 ? 2.661   15.307  -2.761  1.00 33.36 ? 188 ALA A O   1 
ATOM   1298 C CB  . ALA A 1 188 ? 2.032   12.960  -1.073  1.00 31.19 ? 188 ALA A CB  1 
ATOM   1299 N N   . GLY A 1 189 ? 4.098   14.025  -3.875  1.00 34.26 ? 189 GLY A N   1 
ATOM   1300 C CA  . GLY A 1 189 ? 5.006   15.113  -4.189  1.00 34.25 ? 189 GLY A CA  1 
ATOM   1301 C C   . GLY A 1 189 ? 5.498   15.934  -2.983  1.00 34.40 ? 189 GLY A C   1 
ATOM   1302 O O   . GLY A 1 189 ? 5.656   17.178  -3.102  1.00 35.50 ? 189 GLY A O   1 
ATOM   1303 N N   . GLU A 1 190 ? 5.730   15.287  -1.832  1.00 32.92 ? 190 GLU A N   1 
ATOM   1304 C CA  . GLU A 1 190 ? 6.237   15.982  -0.634  1.00 32.62 ? 190 GLU A CA  1 
ATOM   1305 C C   . GLU A 1 190 ? 7.663   16.568  -0.829  1.00 33.01 ? 190 GLU A C   1 
ATOM   1306 O O   . GLU A 1 190 ? 8.430   16.114  -1.682  1.00 30.77 ? 190 GLU A O   1 
ATOM   1307 C CB  . GLU A 1 190 ? 6.264   15.068  0.584   1.00 32.37 ? 190 GLU A CB  1 
ATOM   1308 C CG  . GLU A 1 190 ? 4.961   14.801  1.226   1.00 35.52 ? 190 GLU A CG  1 
ATOM   1309 C CD  . GLU A 1 190 ? 5.117   13.784  2.339   1.00 39.60 ? 190 GLU A CD  1 
ATOM   1310 O OE1 . GLU A 1 190 ? 6.234   13.684  2.882   1.00 36.02 ? 190 GLU A OE1 1 
ATOM   1311 O OE2 . GLU A 1 190 ? 4.130   13.066  2.658   1.00 45.34 ? 190 GLU A OE2 1 
ATOM   1312 N N   . GLN A 1 191 ? 7.975   17.613  -0.066  1.00 33.15 ? 191 GLN A N   1 
ATOM   1313 C CA  . GLN A 1 191 ? 9.357   18.104  0.029   1.00 35.11 ? 191 GLN A CA  1 
ATOM   1314 C C   . GLN A 1 191 ? 9.862   17.801  1.425   1.00 33.41 ? 191 GLN A C   1 
ATOM   1315 O O   . GLN A 1 191 ? 9.303   18.318  2.402   1.00 35.73 ? 191 GLN A O   1 
ATOM   1316 C CB  . GLN A 1 191 ? 9.431   19.609  -0.184  1.00 35.41 ? 191 GLN A CB  1 
ATOM   1317 C CG  . GLN A 1 191 ? 8.835   20.084  -1.477  1.00 43.21 ? 191 GLN A CG  1 
ATOM   1318 C CD  . GLN A 1 191 ? 9.076   21.585  -1.647  1.00 52.80 ? 191 GLN A CD  1 
ATOM   1319 O OE1 . GLN A 1 191 ? 10.246  22.028  -1.743  1.00 55.37 ? 191 GLN A OE1 1 
ATOM   1320 N NE2 . GLN A 1 191 ? 7.977   22.385  -1.661  1.00 52.50 ? 191 GLN A NE2 1 
ATOM   1321 N N   . PRO A 1 192 ? 10.910  16.961  1.540   1.00 32.09 ? 192 PRO A N   1 
ATOM   1322 C CA  . PRO A 1 192 ? 11.605  16.364  0.401   1.00 29.08 ? 192 PRO A CA  1 
ATOM   1323 C C   . PRO A 1 192 ? 10.933  15.030  -0.027  1.00 27.54 ? 192 PRO A C   1 
ATOM   1324 O O   . PRO A 1 192 ? 10.149  14.433  0.744   1.00 26.81 ? 192 PRO A O   1 
ATOM   1325 C CB  . PRO A 1 192 ? 13.013  16.103  0.977   1.00 29.25 ? 192 PRO A CB  1 
ATOM   1326 C CG  . PRO A 1 192 ? 12.768  15.789  2.420   1.00 30.86 ? 192 PRO A CG  1 
ATOM   1327 C CD  . PRO A 1 192 ? 11.535  16.599  2.842   1.00 31.48 ? 192 PRO A CD  1 
ATOM   1328 N N   . SER A 1 193 ? 11.294  14.533  -1.208  1.00 25.71 ? 193 SER A N   1 
ATOM   1329 C CA  . SER A 1 193 ? 10.916  13.190  -1.649  1.00 25.35 ? 193 SER A CA  1 
ATOM   1330 C C   . SER A 1 193 ? 11.817  12.826  -2.805  1.00 25.25 ? 193 SER A C   1 
ATOM   1331 O O   . SER A 1 193 ? 12.364  13.713  -3.457  1.00 25.10 ? 193 SER A O   1 
ATOM   1332 C CB  . SER A 1 193 ? 9.453   13.153  -2.135  1.00 25.63 ? 193 SER A CB  1 
ATOM   1333 O OG  . SER A 1 193 ? 9.235   14.210  -3.104  1.00 23.14 ? 193 SER A OG  1 
ATOM   1334 N N   . VAL A 1 194 ? 11.978  11.531  -3.066  1.00 25.57 ? 194 VAL A N   1 
ATOM   1335 C CA  . VAL A 1 194 ? 12.632  11.053  -4.267  1.00 23.56 ? 194 VAL A CA  1 
ATOM   1336 C C   . VAL A 1 194 ? 11.609  11.269  -5.418  1.00 25.42 ? 194 VAL A C   1 
ATOM   1337 O O   . VAL A 1 194 ? 10.424  10.989  -5.266  1.00 24.40 ? 194 VAL A O   1 
ATOM   1338 C CB  . VAL A 1 194 ? 12.969  9.560   -4.111  1.00 23.97 ? 194 VAL A CB  1 
ATOM   1339 C CG1 . VAL A 1 194 ? 13.607  8.943   -5.381  1.00 19.06 ? 194 VAL A CG1 1 
ATOM   1340 C CG2 . VAL A 1 194 ? 13.777  9.310   -2.934  1.00 19.61 ? 194 VAL A CG2 1 
ATOM   1341 N N   . PRO A 1 195 ? 12.071  11.800  -6.572  1.00 25.34 ? 195 PRO A N   1 
ATOM   1342 C CA  . PRO A 1 195 ? 11.193  11.874  -7.742  1.00 24.48 ? 195 PRO A CA  1 
ATOM   1343 C C   . PRO A 1 195 ? 10.642  10.479  -8.021  1.00 25.59 ? 195 PRO A C   1 
ATOM   1344 O O   . PRO A 1 195 ? 11.369  9.456   -7.916  1.00 26.64 ? 195 PRO A O   1 
ATOM   1345 C CB  . PRO A 1 195 ? 12.138  12.329  -8.829  1.00 24.59 ? 195 PRO A CB  1 
ATOM   1346 C CG  . PRO A 1 195 ? 13.246  13.203  -8.043  1.00 24.02 ? 195 PRO A CG  1 
ATOM   1347 C CD  . PRO A 1 195 ? 13.388  12.467  -6.768  1.00 24.34 ? 195 PRO A CD  1 
ATOM   1348 N N   . GLU A 1 196 ? 9.373   10.442  -8.383  1.00 26.60 ? 196 GLU A N   1 
ATOM   1349 C CA  . GLU A 1 196 ? 8.621   9.225   -8.612  1.00 26.58 ? 196 GLU A CA  1 
ATOM   1350 C C   . GLU A 1 196 ? 9.254   8.352   -9.688  1.00 26.69 ? 196 GLU A C   1 
ATOM   1351 O O   . GLU A 1 196 ? 9.346   7.116   -9.571  1.00 28.65 ? 196 GLU A O   1 
ATOM   1352 C CB  . GLU A 1 196 ? 7.197   9.634   -9.017  1.00 26.92 ? 196 GLU A CB  1 
ATOM   1353 C CG  . GLU A 1 196 ? 6.231   8.662   -8.546  1.00 30.60 ? 196 GLU A CG  1 
ATOM   1354 C CD  . GLU A 1 196 ? 4.864   8.754   -9.195  1.00 38.08 ? 196 GLU A CD  1 
ATOM   1355 O OE1 . GLU A 1 196 ? 4.107   9.670   -8.839  1.00 40.60 ? 196 GLU A OE1 1 
ATOM   1356 O OE2 . GLU A 1 196 ? 4.532   7.858   -10.000 1.00 36.95 ? 196 GLU A OE2 1 
ATOM   1357 N N   . ALA A 1 197 ? 9.735   8.972   -10.748 1.00 25.96 ? 197 ALA A N   1 
ATOM   1358 C CA  . ALA A 1 197 ? 10.442  8.215   -11.781 1.00 24.43 ? 197 ALA A CA  1 
ATOM   1359 C C   . ALA A 1 197 ? 11.821  7.688   -11.319 1.00 25.78 ? 197 ALA A C   1 
ATOM   1360 O O   . ALA A 1 197 ? 12.389  6.827   -11.991 1.00 24.91 ? 197 ALA A O   1 
ATOM   1361 C CB  . ALA A 1 197 ? 10.590  9.045   -13.001 1.00 25.92 ? 197 ALA A CB  1 
ATOM   1362 N N   . ARG A 1 198 ? 12.321  8.141   -10.152 1.00 24.32 ? 198 ARG A N   1 
ATOM   1363 C CA  . ARG A 1 198 ? 13.598  7.566   -9.556  1.00 24.24 ? 198 ARG A CA  1 
ATOM   1364 C C   . ARG A 1 198 ? 13.451  6.650   -8.335  1.00 24.04 ? 198 ARG A C   1 
ATOM   1365 O O   . ARG A 1 198 ? 14.463  6.046   -7.865  1.00 22.30 ? 198 ARG A O   1 
ATOM   1366 C CB  . ARG A 1 198 ? 14.553  8.733   -9.143  1.00 23.49 ? 198 ARG A CB  1 
ATOM   1367 C CG  . ARG A 1 198 ? 14.928  9.594   -10.332 1.00 23.14 ? 198 ARG A CG  1 
ATOM   1368 C CD  . ARG A 1 198 ? 15.832  8.663   -11.284 1.00 26.29 ? 198 ARG A CD  1 
ATOM   1369 N NE  . ARG A 1 198 ? 16.958  8.163   -10.477 1.00 29.50 ? 198 ARG A NE  1 
ATOM   1370 C CZ  . ARG A 1 198 ? 17.591  6.988   -10.668 1.00 32.29 ? 198 ARG A CZ  1 
ATOM   1371 N NH1 . ARG A 1 198 ? 17.285  6.173   -11.698 1.00 29.96 ? 198 ARG A NH1 1 
ATOM   1372 N NH2 . ARG A 1 198 ? 18.534  6.594   -9.821  1.00 29.41 ? 198 ARG A NH2 1 
ATOM   1373 N N   . VAL A 1 199 ? 12.225  6.554   -7.769  1.00 23.12 ? 199 VAL A N   1 
ATOM   1374 C CA  . VAL A 1 199 ? 12.061  5.938   -6.462  1.00 21.37 ? 199 VAL A CA  1 
ATOM   1375 C C   . VAL A 1 199 ? 12.309  4.361   -6.431  1.00 22.25 ? 199 VAL A C   1 
ATOM   1376 O O   . VAL A 1 199 ? 13.001  3.834   -5.556  1.00 18.46 ? 199 VAL A O   1 
ATOM   1377 C CB  . VAL A 1 199 ? 10.787  6.426   -5.745  1.00 21.90 ? 199 VAL A CB  1 
ATOM   1378 C CG1 . VAL A 1 199 ? 9.492   5.932   -6.505  1.00 23.41 ? 199 VAL A CG1 1 
ATOM   1379 C CG2 . VAL A 1 199 ? 10.810  5.936   -4.347  1.00 19.85 ? 199 VAL A CG2 1 
ATOM   1380 N N   . LEU A 1 200 ? 11.842  3.653   -7.465  1.00 21.83 ? 200 LEU A N   1 
ATOM   1381 C CA  . LEU A 1 200 ? 12.004  2.228   -7.531  1.00 23.11 ? 200 LEU A CA  1 
ATOM   1382 C C   . LEU A 1 200 ? 13.494  1.868   -7.487  1.00 24.12 ? 200 LEU A C   1 
ATOM   1383 O O   . LEU A 1 200 ? 13.904  1.139   -6.612  1.00 26.19 ? 200 LEU A O   1 
ATOM   1384 C CB  . LEU A 1 200 ? 11.327  1.714   -8.821  1.00 23.66 ? 200 LEU A CB  1 
ATOM   1385 C CG  . LEU A 1 200 ? 11.097  0.208   -8.922  1.00 25.64 ? 200 LEU A CG  1 
ATOM   1386 C CD1 . LEU A 1 200 ? 10.552  -0.348  -7.614  1.00 24.49 ? 200 LEU A CD1 1 
ATOM   1387 C CD2 . LEU A 1 200 ? 10.131  -0.107  -10.163 1.00 24.79 ? 200 LEU A CD2 1 
ATOM   1388 N N   . ASP A 1 201 ? 14.278  2.414   -8.414  1.00 24.04 ? 201 ASP A N   1 
ATOM   1389 C CA  . ASP A 1 201 ? 15.730  2.191   -8.460  1.00 24.66 ? 201 ASP A CA  1 
ATOM   1390 C C   . ASP A 1 201 ? 16.367  2.512   -7.137  1.00 23.76 ? 201 ASP A C   1 
ATOM   1391 O O   . ASP A 1 201 ? 17.210  1.788   -6.698  1.00 21.15 ? 201 ASP A O   1 
ATOM   1392 C CB  . ASP A 1 201 ? 16.388  3.035   -9.529  1.00 25.44 ? 201 ASP A CB  1 
ATOM   1393 C CG  . ASP A 1 201 ? 16.299  2.389   -10.962 1.00 30.89 ? 201 ASP A CG  1 
ATOM   1394 O OD1 . ASP A 1 201 ? 15.775  1.246   -11.131 1.00 30.56 ? 201 ASP A OD1 1 
ATOM   1395 O OD2 . ASP A 1 201 ? 16.814  3.056   -11.883 1.00 37.01 ? 201 ASP A OD2 1 
ATOM   1396 N N   . THR A 1 202 ? 15.876  3.571   -6.475  1.00 23.50 ? 202 THR A N   1 
ATOM   1397 C CA  . THR A 1 202 ? 16.480  4.010   -5.250  1.00 22.42 ? 202 THR A CA  1 
ATOM   1398 C C   . THR A 1 202 ? 16.240  2.957   -4.187  1.00 22.61 ? 202 THR A C   1 
ATOM   1399 O O   . THR A 1 202 ? 17.203  2.502   -3.549  1.00 23.69 ? 202 THR A O   1 
ATOM   1400 C CB  . THR A 1 202 ? 15.901  5.351   -4.787  1.00 23.14 ? 202 THR A CB  1 
ATOM   1401 O OG1 . THR A 1 202 ? 16.114  6.339   -5.799  1.00 24.98 ? 202 THR A OG1 1 
ATOM   1402 C CG2 . THR A 1 202 ? 16.562  5.770   -3.447  1.00 21.39 ? 202 THR A CG2 1 
ATOM   1403 N N   . LEU A 1 203 ? 14.961  2.595   -3.942  1.00 21.38 ? 203 LEU A N   1 
ATOM   1404 C CA  . LEU A 1 203 ? 14.642  1.504   -3.010  1.00 18.74 ? 203 LEU A CA  1 
ATOM   1405 C C   . LEU A 1 203 ? 15.391  0.228   -3.340  1.00 18.67 ? 203 LEU A C   1 
ATOM   1406 O O   . LEU A 1 203 ? 16.008  -0.388  -2.429  1.00 19.79 ? 203 LEU A O   1 
ATOM   1407 C CB  . LEU A 1 203 ? 13.125  1.263   -2.946  1.00 18.76 ? 203 LEU A CB  1 
ATOM   1408 C CG  . LEU A 1 203 ? 12.374  2.588   -2.498  1.00 19.67 ? 203 LEU A CG  1 
ATOM   1409 C CD1 . LEU A 1 203 ? 10.856  2.415   -2.332  1.00 19.34 ? 203 LEU A CD1 1 
ATOM   1410 C CD2 . LEU A 1 203 ? 12.914  3.110   -1.104  1.00 15.97 ? 203 LEU A CD2 1 
ATOM   1411 N N   . VAL A 1 204 ? 15.376  -0.181  -4.613  1.00 18.74 ? 204 VAL A N   1 
ATOM   1412 C CA  . VAL A 1 204 ? 15.908  -1.502  -4.929  1.00 17.56 ? 204 VAL A CA  1 
ATOM   1413 C C   . VAL A 1 204 ? 17.432  -1.523  -4.586  1.00 18.86 ? 204 VAL A C   1 
ATOM   1414 O O   . VAL A 1 204 ? 17.912  -2.510  -4.031  1.00 21.71 ? 204 VAL A O   1 
ATOM   1415 C CB  . VAL A 1 204 ? 15.721  -1.849  -6.415  1.00 19.03 ? 204 VAL A CB  1 
ATOM   1416 C CG1 . VAL A 1 204 ? 16.548  -3.075  -6.726  1.00 18.77 ? 204 VAL A CG1 1 
ATOM   1417 C CG2 . VAL A 1 204 ? 14.212  -2.144  -6.725  1.00 15.32 ? 204 VAL A CG2 1 
ATOM   1418 N N   . HIS A 1 205 ? 18.189  -0.444  -4.837  1.00 20.52 ? 205 HIS A N   1 
ATOM   1419 C CA  . HIS A 1 205 ? 19.648  -0.461  -4.467  1.00 19.21 ? 205 HIS A CA  1 
ATOM   1420 C C   . HIS A 1 205 ? 19.820  -0.631  -2.952  1.00 20.21 ? 205 HIS A C   1 
ATOM   1421 O O   . HIS A 1 205 ? 20.679  -1.401  -2.460  1.00 19.18 ? 205 HIS A O   1 
ATOM   1422 C CB  . HIS A 1 205 ? 20.329  0.805   -4.984  1.00 20.66 ? 205 HIS A CB  1 
ATOM   1423 C CG  . HIS A 1 205 ? 21.569  1.221   -4.199  1.00 23.33 ? 205 HIS A CG  1 
ATOM   1424 N ND1 . HIS A 1 205 ? 22.865  0.865   -4.582  1.00 21.65 ? 205 HIS A ND1 1 
ATOM   1425 C CD2 . HIS A 1 205 ? 21.699  1.894   -3.013  1.00 23.78 ? 205 HIS A CD2 1 
ATOM   1426 C CE1 . HIS A 1 205 ? 23.734  1.325   -3.691  1.00 25.38 ? 205 HIS A CE1 1 
ATOM   1427 N NE2 . HIS A 1 205 ? 23.062  1.981   -2.740  1.00 24.18 ? 205 HIS A NE2 1 
ATOM   1428 N N   . ILE A 1 206 ? 19.018  0.115   -2.169  1.00 20.66 ? 206 ILE A N   1 
ATOM   1429 C CA  . ILE A 1 206 ? 19.068  -0.054  -0.714  1.00 20.85 ? 206 ILE A CA  1 
ATOM   1430 C C   . ILE A 1 206 ? 18.630  -1.441  -0.211  1.00 21.14 ? 206 ILE A C   1 
ATOM   1431 O O   . ILE A 1 206 ? 19.288  -1.985  0.649   1.00 20.24 ? 206 ILE A O   1 
ATOM   1432 C CB  . ILE A 1 206 ? 18.341  1.074   0.052   1.00 20.32 ? 206 ILE A CB  1 
ATOM   1433 C CG1 . ILE A 1 206 ? 18.984  2.421   -0.222  1.00 23.19 ? 206 ILE A CG1 1 
ATOM   1434 C CG2 . ILE A 1 206 ? 18.437  0.840   1.529   1.00 21.86 ? 206 ILE A CG2 1 
ATOM   1435 C CD1 . ILE A 1 206 ? 17.970  3.590   0.007   1.00 20.54 ? 206 ILE A CD1 1 
ATOM   1436 N N   . TRP A 1 207 ? 17.528  -2.030  -0.720  1.00 20.38 ? 207 TRP A N   1 
ATOM   1437 C CA  . TRP A 1 207 ? 17.214  -3.413  -0.352  1.00 20.75 ? 207 TRP A CA  1 
ATOM   1438 C C   . TRP A 1 207 ? 18.377  -4.328  -0.714  1.00 24.42 ? 207 TRP A C   1 
ATOM   1439 O O   . TRP A 1 207 ? 18.827  -5.123  0.134   1.00 25.97 ? 207 TRP A O   1 
ATOM   1440 C CB  . TRP A 1 207 ? 15.952  -3.929  -1.052  1.00 20.19 ? 207 TRP A CB  1 
ATOM   1441 C CG  . TRP A 1 207 ? 14.657  -3.320  -0.374  1.00 15.97 ? 207 TRP A CG  1 
ATOM   1442 C CD1 . TRP A 1 207 ? 14.418  -2.003  -0.165  1.00 17.08 ? 207 TRP A CD1 1 
ATOM   1443 C CD2 . TRP A 1 207 ? 13.493  -4.037  0.161   1.00 20.90 ? 207 TRP A CD2 1 
ATOM   1444 N NE1 . TRP A 1 207 ? 13.144  -1.829  0.430   1.00 17.84 ? 207 TRP A NE1 1 
ATOM   1445 C CE2 . TRP A 1 207 ? 12.599  -3.061  0.691   1.00 15.28 ? 207 TRP A CE2 1 
ATOM   1446 C CE3 . TRP A 1 207 ? 13.128  -5.404  0.247   1.00 18.72 ? 207 TRP A CE3 1 
ATOM   1447 C CZ2 . TRP A 1 207 ? 11.364  -3.425  1.311   1.00 18.16 ? 207 TRP A CZ2 1 
ATOM   1448 C CZ3 . TRP A 1 207 ? 11.934  -5.750  0.849   1.00 21.33 ? 207 TRP A CZ3 1 
ATOM   1449 C CH2 . TRP A 1 207 ? 11.054  -4.776  1.375   1.00 20.90 ? 207 TRP A CH2 1 
ATOM   1450 N N   . VAL A 1 208 ? 18.880  -4.229  -1.943  1.00 23.96 ? 208 VAL A N   1 
ATOM   1451 C CA  . VAL A 1 208 ? 19.797  -5.291  -2.383  1.00 25.61 ? 208 VAL A CA  1 
ATOM   1452 C C   . VAL A 1 208 ? 21.176  -5.134  -1.666  1.00 24.89 ? 208 VAL A C   1 
ATOM   1453 O O   . VAL A 1 208 ? 21.725  -6.107  -1.208  1.00 24.46 ? 208 VAL A O   1 
ATOM   1454 C CB  . VAL A 1 208 ? 19.965  -5.320  -3.929  1.00 27.02 ? 208 VAL A CB  1 
ATOM   1455 C CG1 . VAL A 1 208 ? 21.224  -6.123  -4.296  1.00 27.97 ? 208 VAL A CG1 1 
ATOM   1456 C CG2 . VAL A 1 208 ? 18.654  -5.840  -4.647  1.00 26.67 ? 208 VAL A CG2 1 
ATOM   1457 N N   . THR A 1 209 ? 21.718  -3.928  -1.562  1.00 25.12 ? 209 THR A N   1 
ATOM   1458 C CA  . THR A 1 209 ? 22.966  -3.753  -0.800  1.00 25.78 ? 209 THR A CA  1 
ATOM   1459 C C   . THR A 1 209 ? 22.795  -4.196  0.657   1.00 27.62 ? 209 THR A C   1 
ATOM   1460 O O   . THR A 1 209 ? 23.717  -4.765  1.253   1.00 27.45 ? 209 THR A O   1 
ATOM   1461 C CB  . THR A 1 209 ? 23.500  -2.288  -0.879  1.00 28.41 ? 209 THR A CB  1 
ATOM   1462 O OG1 . THR A 1 209 ? 22.483  -1.347  -0.485  1.00 26.92 ? 209 THR A OG1 1 
ATOM   1463 C CG2 . THR A 1 209 ? 24.057  -1.963  -2.286  1.00 23.16 ? 209 THR A CG2 1 
ATOM   1464 N N   . SER A 1 210 ? 21.609  -4.005  1.265   1.00 26.38 ? 210 SER A N   1 
ATOM   1465 C CA  . SER A 1 210 ? 21.609  -4.210  2.710   1.00 26.39 ? 210 SER A CA  1 
ATOM   1466 C C   . SER A 1 210 ? 21.330  -5.681  2.979   1.00 26.19 ? 210 SER A C   1 
ATOM   1467 O O   . SER A 1 210 ? 21.721  -6.263  3.999   1.00 25.69 ? 210 SER A O   1 
ATOM   1468 C CB  . SER A 1 210 ? 20.638  -3.289  3.450   1.00 25.98 ? 210 SER A CB  1 
ATOM   1469 O OG  . SER A 1 210 ? 19.294  -3.649  3.175   1.00 27.14 ? 210 SER A OG  1 
ATOM   1470 N N   . ILE A 1 211 ? 20.646  -6.298  2.042   1.00 25.42 ? 211 ILE A N   1 
ATOM   1471 C CA  . ILE A 1 211 ? 20.349  -7.702  2.216   1.00 25.79 ? 211 ILE A CA  1 
ATOM   1472 C C   . ILE A 1 211 ? 21.585  -8.567  1.886   1.00 24.98 ? 211 ILE A C   1 
ATOM   1473 O O   . ILE A 1 211 ? 21.831  -9.544  2.550   1.00 27.13 ? 211 ILE A O   1 
ATOM   1474 C CB  . ILE A 1 211 ? 19.051  -8.131  1.380   1.00 24.76 ? 211 ILE A CB  1 
ATOM   1475 C CG1 . ILE A 1 211 ? 17.818  -7.548  2.045   1.00 26.01 ? 211 ILE A CG1 1 
ATOM   1476 C CG2 . ILE A 1 211 ? 18.930  -9.655  1.388   1.00 24.40 ? 211 ILE A CG2 1 
ATOM   1477 C CD1 . ILE A 1 211 ? 16.588  -7.476  1.170   1.00 21.80 ? 211 ILE A CD1 1 
ATOM   1478 N N   . TYR A 1 212 ? 22.348  -8.210  0.867   1.00 27.15 ? 212 TYR A N   1 
ATOM   1479 C CA  . TYR A 1 212 ? 23.445  -9.065  0.393   1.00 27.56 ? 212 TYR A CA  1 
ATOM   1480 C C   . TYR A 1 212 ? 24.794  -8.576  0.884   1.00 29.94 ? 212 TYR A C   1 
ATOM   1481 O O   . TYR A 1 212 ? 25.778  -9.287  0.724   1.00 30.78 ? 212 TYR A O   1 
ATOM   1482 C CB  . TYR A 1 212 ? 23.421  -9.186  -1.145  1.00 25.98 ? 212 TYR A CB  1 
ATOM   1483 C CG  . TYR A 1 212 ? 22.159  -9.899  -1.564  1.00 24.21 ? 212 TYR A CG  1 
ATOM   1484 C CD1 . TYR A 1 212 ? 22.042  -11.266 -1.429  1.00 23.54 ? 212 TYR A CD1 1 
ATOM   1485 C CD2 . TYR A 1 212 ? 21.042  -9.173  -2.009  1.00 22.77 ? 212 TYR A CD2 1 
ATOM   1486 C CE1 . TYR A 1 212 ? 20.799  -11.933 -1.757  1.00 19.83 ? 212 TYR A CE1 1 
ATOM   1487 C CE2 . TYR A 1 212 ? 19.892  -9.783  -2.362  1.00 20.77 ? 212 TYR A CE2 1 
ATOM   1488 C CZ  . TYR A 1 212 ? 19.762  -11.154 -2.223  1.00 22.34 ? 212 TYR A CZ  1 
ATOM   1489 O OH  . TYR A 1 212 ? 18.538  -11.762 -2.564  1.00 23.25 ? 212 TYR A OH  1 
ATOM   1490 N N   . GLY A 1 213 ? 24.861  -7.393  1.488   1.00 30.73 ? 213 GLY A N   1 
ATOM   1491 C CA  . GLY A 1 213 ? 26.194  -6.818  1.775   1.00 32.80 ? 213 GLY A CA  1 
ATOM   1492 C C   . GLY A 1 213 ? 26.707  -7.126  3.180   1.00 35.16 ? 213 GLY A C   1 
ATOM   1493 O O   . GLY A 1 213 ? 25.924  -7.412  4.057   1.00 32.67 ? 213 GLY A O   1 
ATOM   1494 N N   . GLU A 1 214 ? 28.033  -7.065  3.384   1.00 37.83 ? 214 GLU A N   1 
ATOM   1495 C CA  . GLU A 1 214 ? 28.639  -6.780  4.738   1.00 40.64 ? 214 GLU A CA  1 
ATOM   1496 C CB  . GLU A 1 214 ? 29.464  -7.934  5.274   1.00 41.99 ? 214 GLU A CB  1 
ATOM   1497 C CG  . GLU A 1 214 ? 29.075  -9.338  4.749   1.00 47.02 ? 214 GLU A CG  1 
ATOM   1498 C CD  . GLU A 1 214 ? 29.853  -9.778  3.490   1.00 54.20 ? 214 GLU A CD  1 
ATOM   1499 O OE1 . GLU A 1 214 ? 30.600  -8.932  2.956   1.00 58.04 ? 214 GLU A OE1 1 
ATOM   1500 O OE2 . GLU A 1 214 ? 29.718  -10.955 3.005   1.00 55.19 ? 214 GLU A OE2 1 
HETATM 1501 O O2  . 2D1 B 2 .   ? 7.633   -2.195  -0.398  1.00 33.64 ? 301 2D1 A O2  1 
HETATM 1502 S S1  . 2D1 B 2 .   ? 7.337   -3.108  0.672   1.00 36.90 ? 301 2D1 A S1  1 
HETATM 1503 O O1  . 2D1 B 2 .   ? 8.334   -2.775  1.624   1.00 22.69 ? 301 2D1 A O1  1 
HETATM 1504 N N1  . 2D1 B 2 .   ? 5.771   -3.053  1.068   1.00 34.37 ? 301 2D1 A N1  1 
HETATM 1505 C C5  . 2D1 B 2 .   ? 5.188   -2.767  2.351   1.00 37.79 ? 301 2D1 A C5  1 
HETATM 1506 C C4  . 2D1 B 2 .   ? 4.839   -1.270  2.471   1.00 36.15 ? 301 2D1 A C4  1 
HETATM 1507 C C2  . 2D1 B 2 .   ? 3.948   -0.670  1.406   1.00 33.17 ? 301 2D1 A C2  1 
HETATM 1508 C C3  . 2D1 B 2 .   ? 2.866   0.155   2.063   1.00 38.50 ? 301 2D1 A C3  1 
HETATM 1509 C C1  . 2D1 B 2 .   ? 4.726   0.347   0.628   1.00 33.66 ? 301 2D1 A C1  1 
HETATM 1510 C C6  . 2D1 B 2 .   ? 7.720   -4.656  0.163   1.00 29.90 ? 301 2D1 A C6  1 
HETATM 1511 C C11 . 2D1 B 2 .   ? 7.457   -5.764  0.973   1.00 29.14 ? 301 2D1 A C11 1 
HETATM 1512 C C10 . 2D1 B 2 .   ? 7.817   -7.107  0.635   1.00 24.35 ? 301 2D1 A C10 1 
HETATM 1513 C C9  . 2D1 B 2 .   ? 8.457   -7.301  -0.602  1.00 22.34 ? 301 2D1 A C9  1 
HETATM 1514 C C8  . 2D1 B 2 .   ? 8.704   -6.232  -1.428  1.00 20.81 ? 301 2D1 A C8  1 
HETATM 1515 C C7  . 2D1 B 2 .   ? 8.362   -4.910  -1.069  1.00 27.95 ? 301 2D1 A C7  1 
HETATM 1516 C C12 . 2D1 B 2 .   ? 8.864   -8.580  -1.006  1.00 27.42 ? 301 2D1 A C12 1 
HETATM 1517 N N2  . 2D1 B 2 .   ? 9.487   -8.748  -2.204  1.00 32.37 ? 301 2D1 A N2  1 
HETATM 1518 C C14 . 2D1 B 2 .   ? 9.799   -10.040 -2.487  1.00 36.75 ? 301 2D1 A C14 1 
HETATM 1519 C C15 . 2D1 B 2 .   ? 10.485  -10.599 -3.725  1.00 31.62 ? 301 2D1 A C15 1 
HETATM 1520 S S2  . 2D1 B 2 .   ? 9.385   -11.024 -1.138  1.00 40.08 ? 301 2D1 A S2  1 
HETATM 1521 C C13 . 2D1 B 2 .   ? 8.708   -9.771  -0.251  1.00 32.05 ? 301 2D1 A C13 1 
HETATM 1522 O O   . HOH C 3 .   ? 10.727  4.773   -10.056 1.00 26.36 ? 401 HOH A O   1 
HETATM 1523 O O   . HOH C 3 .   ? 8.694   14.310  3.037   1.00 26.43 ? 402 HOH A O   1 
HETATM 1524 O O   . HOH C 3 .   ? 13.492  -8.062  17.086  0.50 14.08 ? 403 HOH A O   1 
HETATM 1525 O O   . HOH C 3 .   ? 18.745  -5.577  13.748  1.00 30.10 ? 404 HOH A O   1 
HETATM 1526 O O   . HOH C 3 .   ? 9.082   11.626  -11.496 1.00 23.01 ? 405 HOH A O   1 
HETATM 1527 O O   . HOH C 3 .   ? 5.750   -9.439  11.111  1.00 23.92 ? 406 HOH A O   1 
HETATM 1528 O O   . HOH C 3 .   ? 21.077  -10.978 4.843   1.00 29.69 ? 407 HOH A O   1 
HETATM 1529 O O   . HOH C 3 .   ? 18.450  0.115   -8.295  1.00 21.83 ? 408 HOH A O   1 
HETATM 1530 O O   . HOH C 3 .   ? 29.518  -6.550  1.180   1.00 37.40 ? 409 HOH A O   1 
HETATM 1531 O O   . HOH C 3 .   ? -0.804  -9.956  9.884   1.00 32.69 ? 410 HOH A O   1 
HETATM 1532 O O   . HOH C 3 .   ? 13.269  4.179   -10.490 1.00 28.68 ? 411 HOH A O   1 
# 
